data_6LMQ
# 
_entry.id   6LMQ 
# 
_audit_conform.dict_name       mmcif_pdbx.dic 
_audit_conform.dict_version    5.397 
_audit_conform.dict_location   http://mmcif.pdb.org/dictionaries/ascii/mmcif_pdbx.dic 
# 
loop_
_database_2.database_id 
_database_2.database_code 
_database_2.pdbx_database_accession 
_database_2.pdbx_DOI 
PDB   6LMQ         pdb_00006lmq 10.2210/pdb6lmq/pdb 
WWPDB D_1300015079 ?            ?                   
# 
loop_
_pdbx_audit_revision_history.ordinal 
_pdbx_audit_revision_history.data_content_type 
_pdbx_audit_revision_history.major_revision 
_pdbx_audit_revision_history.minor_revision 
_pdbx_audit_revision_history.revision_date 
1 'Structure model' 1 0 2020-09-23 
2 'Structure model' 1 1 2023-11-22 
3 'Structure model' 1 2 2024-10-16 
# 
_pdbx_audit_revision_details.ordinal             1 
_pdbx_audit_revision_details.revision_ordinal    1 
_pdbx_audit_revision_details.data_content_type   'Structure model' 
_pdbx_audit_revision_details.provider            repository 
_pdbx_audit_revision_details.type                'Initial release' 
_pdbx_audit_revision_details.description         ? 
_pdbx_audit_revision_details.details             ? 
# 
loop_
_pdbx_audit_revision_group.ordinal 
_pdbx_audit_revision_group.revision_ordinal 
_pdbx_audit_revision_group.data_content_type 
_pdbx_audit_revision_group.group 
1 2 'Structure model' 'Data collection'        
2 2 'Structure model' 'Database references'    
3 2 'Structure model' 'Refinement description' 
4 3 'Structure model' 'Structure summary'      
# 
loop_
_pdbx_audit_revision_category.ordinal 
_pdbx_audit_revision_category.revision_ordinal 
_pdbx_audit_revision_category.data_content_type 
_pdbx_audit_revision_category.category 
1 2 'Structure model' chem_comp_atom                
2 2 'Structure model' chem_comp_bond                
3 2 'Structure model' database_2                    
4 2 'Structure model' pdbx_initial_refinement_model 
5 3 'Structure model' pdbx_entry_details            
6 3 'Structure model' pdbx_modification_feature     
# 
loop_
_pdbx_audit_revision_item.ordinal 
_pdbx_audit_revision_item.revision_ordinal 
_pdbx_audit_revision_item.data_content_type 
_pdbx_audit_revision_item.item 
1 2 'Structure model' '_database_2.pdbx_DOI'                         
2 2 'Structure model' '_database_2.pdbx_database_accession'          
3 3 'Structure model' '_pdbx_entry_details.has_protein_modification' 
# 
_pdbx_database_status.status_code                     REL 
_pdbx_database_status.status_code_sf                  REL 
_pdbx_database_status.status_code_mr                  ? 
_pdbx_database_status.entry_id                        6LMQ 
_pdbx_database_status.recvd_initial_deposition_date   2019-12-26 
_pdbx_database_status.SG_entry                        N 
_pdbx_database_status.deposit_site                    PDBJ 
_pdbx_database_status.process_site                    PDBJ 
_pdbx_database_status.status_code_cs                  ? 
_pdbx_database_status.status_code_nmr_data            ? 
_pdbx_database_status.methods_development_category    ? 
_pdbx_database_status.pdb_format_compatible           Y 
# 
_pdbx_database_related.db_name        PDB 
_pdbx_database_related.details        . 
_pdbx_database_related.db_id          6LMI 
_pdbx_database_related.content_type   unspecified 
# 
loop_
_audit_author.name 
_audit_author.pdbx_ordinal 
_audit_author.identifier_ORCID 
'Sugiyama, S.'  1 0000-0001-8141-6080 
'Iwaki, T.'     2 ?                   
'Tamura, Y.'    3 ?                   
'Tomita, K.'    4 ?                   
'Matsuoka, E.'  5 0000-0002-1176-9937 
'Arita, S.'     6 ?                   
'Seki, T.'      7 ?                   
'Yoshinaga, T.' 8 ?                   
'Kawasuji, T.'  9 ?                   
# 
_citation.abstract                  ? 
_citation.abstract_id_CAS           ? 
_citation.book_id_ISBN              ? 
_citation.book_publisher            ? 
_citation.book_publisher_city       ? 
_citation.book_title                ? 
_citation.coordinate_linkage        ? 
_citation.country                   UK 
_citation.database_id_Medline       ? 
_citation.details                   ? 
_citation.id                        primary 
_citation.journal_abbrev            Bioorg.Med.Chem. 
_citation.journal_id_ASTM           BMECEP 
_citation.journal_id_CSD            1200 
_citation.journal_id_ISSN           1464-3391 
_citation.journal_full              ? 
_citation.journal_issue             ? 
_citation.journal_volume            28 
_citation.language                  ? 
_citation.page_first                115643 
_citation.page_last                 115643 
_citation.title                     'Discovery of novel integrase-LEDGF/p75 allosteric inhibitors based on a benzene scaffold.' 
_citation.year                      2020 
_citation.database_id_CSD           ? 
_citation.pdbx_database_id_DOI      10.1016/j.bmc.2020.115643 
_citation.pdbx_database_id_PubMed   32773094 
_citation.unpublished_flag          ? 
# 
loop_
_citation_author.citation_id 
_citation_author.name 
_citation_author.ordinal 
_citation_author.identifier_ORCID 
primary 'Sugiyama, S.'  1 ? 
primary 'Iwaki, T.'     2 ? 
primary 'Tamura, Y.'    3 ? 
primary 'Tomita, K.'    4 ? 
primary 'Matsuoka, E.'  5 ? 
primary 'Arita, S.'     6 ? 
primary 'Seki, T.'      7 ? 
primary 'Yoshinaga, T.' 8 ? 
primary 'Kawasuji, T.'  9 ? 
# 
loop_
_entity.id 
_entity.type 
_entity.src_method 
_entity.pdbx_description 
_entity.formula_weight 
_entity.pdbx_number_of_molecules 
_entity.pdbx_ec 
_entity.pdbx_mutation 
_entity.pdbx_fragment 
_entity.details 
1 polymer     man 'Integrase catalytic' 18434.723 1  2.7.7.- F185K ? ? 
2 non-polymer syn 'SULFATE ION' 96.063    2  ?       ?     ? ? 
3 non-polymer syn 'TRIETHYLENE GLYCOL' 150.173   1  ?       ?     ? ? 
4 non-polymer syn 
;(2S)-2-[2-(3,4-dihydro-2H-1,4-benzoxazin-6-yl)-4-(3,4-dimethylphenyl)-3,6-dimethyl-5-(methylsulfonylamino)phenyl]-2-[(2-methylpropan-2-yl)oxy]ethanoic acid
;
566.708   1  ?       ?     ? ? 
5 water       nat water 18.015    27 ?       ?     ? ? 
# 
_entity_poly.entity_id                      1 
_entity_poly.type                           'polypeptide(L)' 
_entity_poly.nstd_linkage                   no 
_entity_poly.nstd_monomer                   yes 
_entity_poly.pdbx_seq_one_letter_code       
;GSHMHGQVDCSPGIWQLD(CAF)THLEGKVILVAVHVASGYIEAEVIPAETGQETAYFLLKLAGRWPVKTVHTDNGSNFT
STTVKAA(CAF)WWAGIKQEFGIPYNPQSQGVIESMNKELKKIIGQVRDQAEHLKTAVQMAVFIHNKKRKGGIGGYSAGE
RIVDIIATDIQTKE
;
_entity_poly.pdbx_seq_one_letter_code_can   
;GSHMHGQVDCSPGIWQLDCTHLEGKVILVAVHVASGYIEAEVIPAETGQETAYFLLKLAGRWPVKTVHTDNGSNFTSTTV
KAACWWAGIKQEFGIPYNPQSQGVIESMNKELKKIIGQVRDQAEHLKTAVQMAVFIHNKKRKGGIGGYSAGERIVDIIAT
DIQTKE
;
_entity_poly.pdbx_strand_id                 A 
_entity_poly.pdbx_target_identifier         ? 
# 
loop_
_pdbx_entity_nonpoly.entity_id 
_pdbx_entity_nonpoly.name 
_pdbx_entity_nonpoly.comp_id 
2 'SULFATE ION' SO4 
3 'TRIETHYLENE GLYCOL' PGE 
4 
;(2S)-2-[2-(3,4-dihydro-2H-1,4-benzoxazin-6-yl)-4-(3,4-dimethylphenyl)-3,6-dimethyl-5-(methylsulfonylamino)phenyl]-2-[(2-methylpropan-2-yl)oxy]ethanoic acid
;
940 
5 water HOH 
# 
loop_
_entity_poly_seq.entity_id 
_entity_poly_seq.num 
_entity_poly_seq.mon_id 
_entity_poly_seq.hetero 
1 1   GLY n 
1 2   SER n 
1 3   HIS n 
1 4   MET n 
1 5   HIS n 
1 6   GLY n 
1 7   GLN n 
1 8   VAL n 
1 9   ASP n 
1 10  CYS n 
1 11  SER n 
1 12  PRO n 
1 13  GLY n 
1 14  ILE n 
1 15  TRP n 
1 16  GLN n 
1 17  LEU n 
1 18  ASP n 
1 19  CAF n 
1 20  THR n 
1 21  HIS n 
1 22  LEU n 
1 23  GLU n 
1 24  GLY n 
1 25  LYS n 
1 26  VAL n 
1 27  ILE n 
1 28  LEU n 
1 29  VAL n 
1 30  ALA n 
1 31  VAL n 
1 32  HIS n 
1 33  VAL n 
1 34  ALA n 
1 35  SER n 
1 36  GLY n 
1 37  TYR n 
1 38  ILE n 
1 39  GLU n 
1 40  ALA n 
1 41  GLU n 
1 42  VAL n 
1 43  ILE n 
1 44  PRO n 
1 45  ALA n 
1 46  GLU n 
1 47  THR n 
1 48  GLY n 
1 49  GLN n 
1 50  GLU n 
1 51  THR n 
1 52  ALA n 
1 53  TYR n 
1 54  PHE n 
1 55  LEU n 
1 56  LEU n 
1 57  LYS n 
1 58  LEU n 
1 59  ALA n 
1 60  GLY n 
1 61  ARG n 
1 62  TRP n 
1 63  PRO n 
1 64  VAL n 
1 65  LYS n 
1 66  THR n 
1 67  VAL n 
1 68  HIS n 
1 69  THR n 
1 70  ASP n 
1 71  ASN n 
1 72  GLY n 
1 73  SER n 
1 74  ASN n 
1 75  PHE n 
1 76  THR n 
1 77  SER n 
1 78  THR n 
1 79  THR n 
1 80  VAL n 
1 81  LYS n 
1 82  ALA n 
1 83  ALA n 
1 84  CAF n 
1 85  TRP n 
1 86  TRP n 
1 87  ALA n 
1 88  GLY n 
1 89  ILE n 
1 90  LYS n 
1 91  GLN n 
1 92  GLU n 
1 93  PHE n 
1 94  GLY n 
1 95  ILE n 
1 96  PRO n 
1 97  TYR n 
1 98  ASN n 
1 99  PRO n 
1 100 GLN n 
1 101 SER n 
1 102 GLN n 
1 103 GLY n 
1 104 VAL n 
1 105 ILE n 
1 106 GLU n 
1 107 SER n 
1 108 MET n 
1 109 ASN n 
1 110 LYS n 
1 111 GLU n 
1 112 LEU n 
1 113 LYS n 
1 114 LYS n 
1 115 ILE n 
1 116 ILE n 
1 117 GLY n 
1 118 GLN n 
1 119 VAL n 
1 120 ARG n 
1 121 ASP n 
1 122 GLN n 
1 123 ALA n 
1 124 GLU n 
1 125 HIS n 
1 126 LEU n 
1 127 LYS n 
1 128 THR n 
1 129 ALA n 
1 130 VAL n 
1 131 GLN n 
1 132 MET n 
1 133 ALA n 
1 134 VAL n 
1 135 PHE n 
1 136 ILE n 
1 137 HIS n 
1 138 ASN n 
1 139 LYS n 
1 140 LYS n 
1 141 ARG n 
1 142 LYS n 
1 143 GLY n 
1 144 GLY n 
1 145 ILE n 
1 146 GLY n 
1 147 GLY n 
1 148 TYR n 
1 149 SER n 
1 150 ALA n 
1 151 GLY n 
1 152 GLU n 
1 153 ARG n 
1 154 ILE n 
1 155 VAL n 
1 156 ASP n 
1 157 ILE n 
1 158 ILE n 
1 159 ALA n 
1 160 THR n 
1 161 ASP n 
1 162 ILE n 
1 163 GLN n 
1 164 THR n 
1 165 LYS n 
1 166 GLU n 
# 
_entity_src_gen.entity_id                          1 
_entity_src_gen.pdbx_src_id                        1 
_entity_src_gen.pdbx_alt_source_flag               sample 
_entity_src_gen.pdbx_seq_type                      'Biological sequence' 
_entity_src_gen.pdbx_beg_seq_num                   1 
_entity_src_gen.pdbx_end_seq_num                   166 
_entity_src_gen.gene_src_common_name               HIV-1 
_entity_src_gen.gene_src_genus                     ? 
_entity_src_gen.pdbx_gene_src_gene                 ? 
_entity_src_gen.gene_src_species                   ? 
_entity_src_gen.gene_src_strain                    ? 
_entity_src_gen.gene_src_tissue                    ? 
_entity_src_gen.gene_src_tissue_fraction           ? 
_entity_src_gen.gene_src_details                   ? 
_entity_src_gen.pdbx_gene_src_fragment             ? 
_entity_src_gen.pdbx_gene_src_scientific_name      'Human immunodeficiency virus type 1 group M subtype B (isolate NY5)' 
_entity_src_gen.pdbx_gene_src_ncbi_taxonomy_id     11698 
_entity_src_gen.pdbx_gene_src_variant              ? 
_entity_src_gen.pdbx_gene_src_cell_line            ? 
_entity_src_gen.pdbx_gene_src_atcc                 ? 
_entity_src_gen.pdbx_gene_src_organ                ? 
_entity_src_gen.pdbx_gene_src_organelle            ? 
_entity_src_gen.pdbx_gene_src_cell                 ? 
_entity_src_gen.pdbx_gene_src_cellular_location    ? 
_entity_src_gen.host_org_common_name               ? 
_entity_src_gen.pdbx_host_org_scientific_name      'Escherichia coli' 
_entity_src_gen.pdbx_host_org_ncbi_taxonomy_id     562 
_entity_src_gen.host_org_genus                     ? 
_entity_src_gen.pdbx_host_org_gene                 ? 
_entity_src_gen.pdbx_host_org_organ                ? 
_entity_src_gen.host_org_species                   ? 
_entity_src_gen.pdbx_host_org_tissue               ? 
_entity_src_gen.pdbx_host_org_tissue_fraction      ? 
_entity_src_gen.pdbx_host_org_strain               ? 
_entity_src_gen.pdbx_host_org_variant              ? 
_entity_src_gen.pdbx_host_org_cell_line            ? 
_entity_src_gen.pdbx_host_org_atcc                 ? 
_entity_src_gen.pdbx_host_org_culture_collection   ? 
_entity_src_gen.pdbx_host_org_cell                 ? 
_entity_src_gen.pdbx_host_org_organelle            ? 
_entity_src_gen.pdbx_host_org_cellular_location    ? 
_entity_src_gen.pdbx_host_org_vector_type          ? 
_entity_src_gen.pdbx_host_org_vector               ? 
_entity_src_gen.host_org_details                   ? 
_entity_src_gen.expression_system_id               ? 
_entity_src_gen.plasmid_name                       ? 
_entity_src_gen.plasmid_details                    ? 
_entity_src_gen.pdbx_description                   ? 
# 
loop_
_chem_comp.id 
_chem_comp.type 
_chem_comp.mon_nstd_flag 
_chem_comp.name 
_chem_comp.pdbx_synonyms 
_chem_comp.formula 
_chem_comp.formula_weight 
940 non-polymer         . 
;(2S)-2-[2-(3,4-dihydro-2H-1,4-benzoxazin-6-yl)-4-(3,4-dimethylphenyl)-3,6-dimethyl-5-(methylsulfonylamino)phenyl]-2-[(2-methylpropan-2-yl)oxy]ethanoic acid
;
?                         'C31 H38 N2 O6 S'  566.708 
ALA 'L-peptide linking' y ALANINE ?                         'C3 H7 N O2'       89.093  
ARG 'L-peptide linking' y ARGININE ?                         'C6 H15 N4 O2 1'   175.209 
ASN 'L-peptide linking' y ASPARAGINE ?                         'C4 H8 N2 O3'      132.118 
ASP 'L-peptide linking' y 'ASPARTIC ACID' ?                         'C4 H7 N O4'       133.103 
CAF 'L-peptide linking' n S-DIMETHYLARSINOYL-CYSTEINE 'CYSTEIN-S-YL CACODYLATE' 'C5 H12 As N O3 S' 241.140 
CYS 'L-peptide linking' y CYSTEINE ?                         'C3 H7 N O2 S'     121.158 
GLN 'L-peptide linking' y GLUTAMINE ?                         'C5 H10 N2 O3'     146.144 
GLU 'L-peptide linking' y 'GLUTAMIC ACID' ?                         'C5 H9 N O4'       147.129 
GLY 'peptide linking'   y GLYCINE ?                         'C2 H5 N O2'       75.067  
HIS 'L-peptide linking' y HISTIDINE ?                         'C6 H10 N3 O2 1'   156.162 
HOH non-polymer         . WATER ?                         'H2 O'             18.015  
ILE 'L-peptide linking' y ISOLEUCINE ?                         'C6 H13 N O2'      131.173 
LEU 'L-peptide linking' y LEUCINE ?                         'C6 H13 N O2'      131.173 
LYS 'L-peptide linking' y LYSINE ?                         'C6 H15 N2 O2 1'   147.195 
MET 'L-peptide linking' y METHIONINE ?                         'C5 H11 N O2 S'    149.211 
PGE non-polymer         . 'TRIETHYLENE GLYCOL' ?                         'C6 H14 O4'        150.173 
PHE 'L-peptide linking' y PHENYLALANINE ?                         'C9 H11 N O2'      165.189 
PRO 'L-peptide linking' y PROLINE ?                         'C5 H9 N O2'       115.130 
SER 'L-peptide linking' y SERINE ?                         'C3 H7 N O3'       105.093 
SO4 non-polymer         . 'SULFATE ION' ?                         'O4 S -2'          96.063  
THR 'L-peptide linking' y THREONINE ?                         'C4 H9 N O3'       119.119 
TRP 'L-peptide linking' y TRYPTOPHAN ?                         'C11 H12 N2 O2'    204.225 
TYR 'L-peptide linking' y TYROSINE ?                         'C9 H11 N O3'      181.189 
VAL 'L-peptide linking' y VALINE ?                         'C5 H11 N O2'      117.146 
# 
loop_
_pdbx_poly_seq_scheme.asym_id 
_pdbx_poly_seq_scheme.entity_id 
_pdbx_poly_seq_scheme.seq_id 
_pdbx_poly_seq_scheme.mon_id 
_pdbx_poly_seq_scheme.ndb_seq_num 
_pdbx_poly_seq_scheme.pdb_seq_num 
_pdbx_poly_seq_scheme.auth_seq_num 
_pdbx_poly_seq_scheme.pdb_mon_id 
_pdbx_poly_seq_scheme.auth_mon_id 
_pdbx_poly_seq_scheme.pdb_strand_id 
_pdbx_poly_seq_scheme.pdb_ins_code 
_pdbx_poly_seq_scheme.hetero 
A 1 1   GLY 1   47  ?   ?   ?   A . n 
A 1 2   SER 2   48  ?   ?   ?   A . n 
A 1 3   HIS 3   49  ?   ?   ?   A . n 
A 1 4   MET 4   50  ?   ?   ?   A . n 
A 1 5   HIS 5   51  ?   ?   ?   A . n 
A 1 6   GLY 6   52  ?   ?   ?   A . n 
A 1 7   GLN 7   53  ?   ?   ?   A . n 
A 1 8   VAL 8   54  ?   ?   ?   A . n 
A 1 9   ASP 9   55  ?   ?   ?   A . n 
A 1 10  CYS 10  56  56  CYS CYS A . n 
A 1 11  SER 11  57  57  SER SER A . n 
A 1 12  PRO 12  58  58  PRO PRO A . n 
A 1 13  GLY 13  59  59  GLY GLY A . n 
A 1 14  ILE 14  60  60  ILE ILE A . n 
A 1 15  TRP 15  61  61  TRP TRP A . n 
A 1 16  GLN 16  62  62  GLN GLN A . n 
A 1 17  LEU 17  63  63  LEU LEU A . n 
A 1 18  ASP 18  64  64  ASP ASP A . n 
A 1 19  CAF 19  65  65  CAF CAF A . n 
A 1 20  THR 20  66  66  THR THR A . n 
A 1 21  HIS 21  67  67  HIS HIS A . n 
A 1 22  LEU 22  68  68  LEU LEU A . n 
A 1 23  GLU 23  69  69  GLU GLU A . n 
A 1 24  GLY 24  70  70  GLY GLY A . n 
A 1 25  LYS 25  71  71  LYS LYS A . n 
A 1 26  VAL 26  72  72  VAL VAL A . n 
A 1 27  ILE 27  73  73  ILE ILE A . n 
A 1 28  LEU 28  74  74  LEU LEU A . n 
A 1 29  VAL 29  75  75  VAL VAL A . n 
A 1 30  ALA 30  76  76  ALA ALA A . n 
A 1 31  VAL 31  77  77  VAL VAL A . n 
A 1 32  HIS 32  78  78  HIS HIS A . n 
A 1 33  VAL 33  79  79  VAL VAL A . n 
A 1 34  ALA 34  80  80  ALA ALA A . n 
A 1 35  SER 35  81  81  SER SER A . n 
A 1 36  GLY 36  82  82  GLY GLY A . n 
A 1 37  TYR 37  83  83  TYR TYR A . n 
A 1 38  ILE 38  84  84  ILE ILE A . n 
A 1 39  GLU 39  85  85  GLU GLU A . n 
A 1 40  ALA 40  86  86  ALA ALA A . n 
A 1 41  GLU 41  87  87  GLU GLU A . n 
A 1 42  VAL 42  88  88  VAL VAL A . n 
A 1 43  ILE 43  89  89  ILE ILE A . n 
A 1 44  PRO 44  90  90  PRO PRO A . n 
A 1 45  ALA 45  91  91  ALA ALA A . n 
A 1 46  GLU 46  92  92  GLU GLU A . n 
A 1 47  THR 47  93  93  THR THR A . n 
A 1 48  GLY 48  94  94  GLY GLY A . n 
A 1 49  GLN 49  95  95  GLN GLN A . n 
A 1 50  GLU 50  96  96  GLU GLU A . n 
A 1 51  THR 51  97  97  THR THR A . n 
A 1 52  ALA 52  98  98  ALA ALA A . n 
A 1 53  TYR 53  99  99  TYR TYR A . n 
A 1 54  PHE 54  100 100 PHE PHE A . n 
A 1 55  LEU 55  101 101 LEU LEU A . n 
A 1 56  LEU 56  102 102 LEU LEU A . n 
A 1 57  LYS 57  103 103 LYS LYS A . n 
A 1 58  LEU 58  104 104 LEU LEU A . n 
A 1 59  ALA 59  105 105 ALA ALA A . n 
A 1 60  GLY 60  106 106 GLY GLY A . n 
A 1 61  ARG 61  107 107 ARG ARG A . n 
A 1 62  TRP 62  108 108 TRP TRP A . n 
A 1 63  PRO 63  109 109 PRO PRO A . n 
A 1 64  VAL 64  110 110 VAL VAL A . n 
A 1 65  LYS 65  111 111 LYS LYS A . n 
A 1 66  THR 66  112 112 THR THR A . n 
A 1 67  VAL 67  113 113 VAL VAL A . n 
A 1 68  HIS 68  114 114 HIS HIS A . n 
A 1 69  THR 69  115 115 THR THR A . n 
A 1 70  ASP 70  116 116 ASP ASP A . n 
A 1 71  ASN 71  117 117 ASN ASN A . n 
A 1 72  GLY 72  118 118 GLY GLY A . n 
A 1 73  SER 73  119 119 SER SER A . n 
A 1 74  ASN 74  120 120 ASN ASN A . n 
A 1 75  PHE 75  121 121 PHE PHE A . n 
A 1 76  THR 76  122 122 THR THR A . n 
A 1 77  SER 77  123 123 SER SER A . n 
A 1 78  THR 78  124 124 THR THR A . n 
A 1 79  THR 79  125 125 THR THR A . n 
A 1 80  VAL 80  126 126 VAL VAL A . n 
A 1 81  LYS 81  127 127 LYS LYS A . n 
A 1 82  ALA 82  128 128 ALA ALA A . n 
A 1 83  ALA 83  129 129 ALA ALA A . n 
A 1 84  CAF 84  130 130 CAF CAF A . n 
A 1 85  TRP 85  131 131 TRP TRP A . n 
A 1 86  TRP 86  132 132 TRP TRP A . n 
A 1 87  ALA 87  133 133 ALA ALA A . n 
A 1 88  GLY 88  134 134 GLY GLY A . n 
A 1 89  ILE 89  135 135 ILE ILE A . n 
A 1 90  LYS 90  136 136 LYS LYS A . n 
A 1 91  GLN 91  137 137 GLN GLN A . n 
A 1 92  GLU 92  138 138 GLU GLU A . n 
A 1 93  PHE 93  139 139 PHE PHE A . n 
A 1 94  GLY 94  140 140 GLY GLY A . n 
A 1 95  ILE 95  141 141 ILE ILE A . n 
A 1 96  PRO 96  142 142 PRO PRO A . n 
A 1 97  TYR 97  143 ?   ?   ?   A . n 
A 1 98  ASN 98  144 ?   ?   ?   A . n 
A 1 99  PRO 99  145 ?   ?   ?   A . n 
A 1 100 GLN 100 146 ?   ?   ?   A . n 
A 1 101 SER 101 147 ?   ?   ?   A . n 
A 1 102 GLN 102 148 ?   ?   ?   A . n 
A 1 103 GLY 103 149 ?   ?   ?   A . n 
A 1 104 VAL 104 150 150 VAL VAL A . n 
A 1 105 ILE 105 151 151 ILE ILE A . n 
A 1 106 GLU 106 152 152 GLU GLU A . n 
A 1 107 SER 107 153 153 SER SER A . n 
A 1 108 MET 108 154 154 MET MET A . n 
A 1 109 ASN 109 155 155 ASN ASN A . n 
A 1 110 LYS 110 156 156 LYS LYS A . n 
A 1 111 GLU 111 157 157 GLU GLU A . n 
A 1 112 LEU 112 158 158 LEU LEU A . n 
A 1 113 LYS 113 159 159 LYS LYS A . n 
A 1 114 LYS 114 160 160 LYS LYS A . n 
A 1 115 ILE 115 161 161 ILE ILE A . n 
A 1 116 ILE 116 162 162 ILE ILE A . n 
A 1 117 GLY 117 163 163 GLY GLY A . n 
A 1 118 GLN 118 164 164 GLN GLN A . n 
A 1 119 VAL 119 165 165 VAL VAL A . n 
A 1 120 ARG 120 166 166 ARG ARG A . n 
A 1 121 ASP 121 167 167 ASP ASP A . n 
A 1 122 GLN 122 168 168 GLN GLN A . n 
A 1 123 ALA 123 169 169 ALA ALA A . n 
A 1 124 GLU 124 170 170 GLU GLU A . n 
A 1 125 HIS 125 171 171 HIS HIS A . n 
A 1 126 LEU 126 172 172 LEU LEU A . n 
A 1 127 LYS 127 173 173 LYS LYS A . n 
A 1 128 THR 128 174 174 THR THR A . n 
A 1 129 ALA 129 175 175 ALA ALA A . n 
A 1 130 VAL 130 176 176 VAL VAL A . n 
A 1 131 GLN 131 177 177 GLN GLN A . n 
A 1 132 MET 132 178 178 MET MET A . n 
A 1 133 ALA 133 179 179 ALA ALA A . n 
A 1 134 VAL 134 180 180 VAL VAL A . n 
A 1 135 PHE 135 181 181 PHE PHE A . n 
A 1 136 ILE 136 182 182 ILE ILE A . n 
A 1 137 HIS 137 183 183 HIS HIS A . n 
A 1 138 ASN 138 184 184 ASN ASN A . n 
A 1 139 LYS 139 185 185 LYS LYS A . n 
A 1 140 LYS 140 186 186 LYS LYS A . n 
A 1 141 ARG 141 187 187 ARG ARG A . n 
A 1 142 LYS 142 188 188 LYS LYS A . n 
A 1 143 GLY 143 189 ?   ?   ?   A . n 
A 1 144 GLY 144 190 ?   ?   ?   A . n 
A 1 145 ILE 145 191 ?   ?   ?   A . n 
A 1 146 GLY 146 192 ?   ?   ?   A . n 
A 1 147 GLY 147 193 193 GLY GLY A . n 
A 1 148 TYR 148 194 194 TYR TYR A . n 
A 1 149 SER 149 195 195 SER SER A . n 
A 1 150 ALA 150 196 196 ALA ALA A . n 
A 1 151 GLY 151 197 197 GLY GLY A . n 
A 1 152 GLU 152 198 198 GLU GLU A . n 
A 1 153 ARG 153 199 199 ARG ARG A . n 
A 1 154 ILE 154 200 200 ILE ILE A . n 
A 1 155 VAL 155 201 201 VAL VAL A . n 
A 1 156 ASP 156 202 202 ASP ASP A . n 
A 1 157 ILE 157 203 203 ILE ILE A . n 
A 1 158 ILE 158 204 204 ILE ILE A . n 
A 1 159 ALA 159 205 205 ALA ALA A . n 
A 1 160 THR 160 206 206 THR THR A . n 
A 1 161 ASP 161 207 207 ASP ASP A . n 
A 1 162 ILE 162 208 208 ILE ILE A . n 
A 1 163 GLN 163 209 209 GLN GLN A . n 
A 1 164 THR 164 210 ?   ?   ?   A . n 
A 1 165 LYS 165 211 ?   ?   ?   A . n 
A 1 166 GLU 166 212 ?   ?   ?   A . n 
# 
_pdbx_entity_instance_feature.ordinal        1 
_pdbx_entity_instance_feature.comp_id        940 
_pdbx_entity_instance_feature.asym_id        ? 
_pdbx_entity_instance_feature.seq_num        ? 
_pdbx_entity_instance_feature.auth_comp_id   940 
_pdbx_entity_instance_feature.auth_asym_id   ? 
_pdbx_entity_instance_feature.auth_seq_num   ? 
_pdbx_entity_instance_feature.feature_type   'SUBJECT OF INVESTIGATION' 
_pdbx_entity_instance_feature.details        ? 
# 
loop_
_pdbx_nonpoly_scheme.asym_id 
_pdbx_nonpoly_scheme.entity_id 
_pdbx_nonpoly_scheme.mon_id 
_pdbx_nonpoly_scheme.ndb_seq_num 
_pdbx_nonpoly_scheme.pdb_seq_num 
_pdbx_nonpoly_scheme.auth_seq_num 
_pdbx_nonpoly_scheme.pdb_mon_id 
_pdbx_nonpoly_scheme.auth_mon_id 
_pdbx_nonpoly_scheme.pdb_strand_id 
_pdbx_nonpoly_scheme.pdb_ins_code 
B 2 SO4 1  301 1  SO4 SO4 A . 
C 2 SO4 1  302 2  SO4 SO4 A . 
D 3 PGE 1  303 1  PGE PGE A . 
E 4 940 1  304 1  940 940 A . 
F 5 HOH 1  401 21 HOH HOH A . 
F 5 HOH 2  402 20 HOH HOH A . 
F 5 HOH 3  403 8  HOH HOH A . 
F 5 HOH 4  404 10 HOH HOH A . 
F 5 HOH 5  405 5  HOH HOH A . 
F 5 HOH 6  406 23 HOH HOH A . 
F 5 HOH 7  407 7  HOH HOH A . 
F 5 HOH 8  408 16 HOH HOH A . 
F 5 HOH 9  409 27 HOH HOH A . 
F 5 HOH 10 410 34 HOH HOH A . 
F 5 HOH 11 411 24 HOH HOH A . 
F 5 HOH 12 412 11 HOH HOH A . 
F 5 HOH 13 413 4  HOH HOH A . 
F 5 HOH 14 414 1  HOH HOH A . 
F 5 HOH 15 415 9  HOH HOH A . 
F 5 HOH 16 416 2  HOH HOH A . 
F 5 HOH 17 417 6  HOH HOH A . 
F 5 HOH 18 418 39 HOH HOH A . 
F 5 HOH 19 419 17 HOH HOH A . 
F 5 HOH 20 420 41 HOH HOH A . 
F 5 HOH 21 421 32 HOH HOH A . 
F 5 HOH 22 422 3  HOH HOH A . 
F 5 HOH 23 423 15 HOH HOH A . 
F 5 HOH 24 424 37 HOH HOH A . 
F 5 HOH 25 425 36 HOH HOH A . 
F 5 HOH 26 426 38 HOH HOH A . 
F 5 HOH 27 427 35 HOH HOH A . 
# 
loop_
_pdbx_unobs_or_zero_occ_atoms.id 
_pdbx_unobs_or_zero_occ_atoms.PDB_model_num 
_pdbx_unobs_or_zero_occ_atoms.polymer_flag 
_pdbx_unobs_or_zero_occ_atoms.occupancy_flag 
_pdbx_unobs_or_zero_occ_atoms.auth_asym_id 
_pdbx_unobs_or_zero_occ_atoms.auth_comp_id 
_pdbx_unobs_or_zero_occ_atoms.auth_seq_id 
_pdbx_unobs_or_zero_occ_atoms.PDB_ins_code 
_pdbx_unobs_or_zero_occ_atoms.auth_atom_id 
_pdbx_unobs_or_zero_occ_atoms.label_alt_id 
_pdbx_unobs_or_zero_occ_atoms.label_asym_id 
_pdbx_unobs_or_zero_occ_atoms.label_comp_id 
_pdbx_unobs_or_zero_occ_atoms.label_seq_id 
_pdbx_unobs_or_zero_occ_atoms.label_atom_id 
1 1 Y 1 A CAF 65  ? CE2 ? A CAF 19 CE2 
2 1 Y 1 A CAF 130 ? CE2 ? A CAF 84 CE2 
# 
loop_
_software.citation_id 
_software.classification 
_software.compiler_name 
_software.compiler_version 
_software.contact_author 
_software.contact_author_email 
_software.date 
_software.description 
_software.dependencies 
_software.hardware 
_software.language 
_software.location 
_software.mods 
_software.name 
_software.os 
_software.os_version 
_software.type 
_software.version 
_software.pdbx_ordinal 
? 'data reduction'  ? ? 'Zbyszek Otwinowski' hkl@hkl-xray.com         ?              ? ? ? ?          http://www.hkl-xray.com/ ? 
DENZO       ? ? program .        1 
? 'data scaling'    ? ? 'Zbyszek Otwinowski' hkl@hkl-xray.com         ?              ? ? ? ?          http://www.hkl-xray.com/ ? 
SCALEPACK   ? ? program .        2 
? phasing           ? ? 'Alexei Vaguine'     alexei@ysbl.york.ac.uk   ?              ? ? ? Fortran_77 
http://www.ccp4.ac.uk/dist/html/molrep.html  ? MOLREP      ? ? program 10.2.31  3 
? refinement        ? ? 'Garib N. Murshudov' garib@ysbl.york.ac.uk    ?              ? ? ? Fortran_77 
http://www.ccp4.ac.uk/dist/html/refmac5.html ? REFMAC      ? ? program 5.5.0102 4 
? 'data extraction' ? ? PDB                  deposit@deposit.rcsb.org 'Apr. 1, 2019' ? ? ? C++        
http://sw-tools.pdb.org/apps/PDB_EXTRACT/    ? PDB_EXTRACT ? ? package 3.25     5 
# 
_cell.angle_alpha                  90.000 
_cell.angle_alpha_esd              ? 
_cell.angle_beta                   90.000 
_cell.angle_beta_esd               ? 
_cell.angle_gamma                  120.000 
_cell.angle_gamma_esd              ? 
_cell.entry_id                     6LMQ 
_cell.details                      ? 
_cell.formula_units_Z              ? 
_cell.length_a                     71.885 
_cell.length_a_esd                 ? 
_cell.length_b                     71.885 
_cell.length_b_esd                 ? 
_cell.length_c                     65.520 
_cell.length_c_esd                 ? 
_cell.volume                       ? 
_cell.volume_esd                   ? 
_cell.Z_PDB                        6 
_cell.reciprocal_angle_alpha       ? 
_cell.reciprocal_angle_beta        ? 
_cell.reciprocal_angle_gamma       ? 
_cell.reciprocal_angle_alpha_esd   ? 
_cell.reciprocal_angle_beta_esd    ? 
_cell.reciprocal_angle_gamma_esd   ? 
_cell.reciprocal_length_a          ? 
_cell.reciprocal_length_b          ? 
_cell.reciprocal_length_c          ? 
_cell.reciprocal_length_a_esd      ? 
_cell.reciprocal_length_b_esd      ? 
_cell.reciprocal_length_c_esd      ? 
_cell.pdbx_unique_axis             ? 
# 
_symmetry.entry_id                         6LMQ 
_symmetry.cell_setting                     ? 
_symmetry.Int_Tables_number                152 
_symmetry.space_group_name_Hall            ? 
_symmetry.space_group_name_H-M             'P 31 2 1' 
_symmetry.pdbx_full_space_group_name_H-M   ? 
# 
_exptl.absorpt_coefficient_mu     ? 
_exptl.absorpt_correction_T_max   ? 
_exptl.absorpt_correction_T_min   ? 
_exptl.absorpt_correction_type    ? 
_exptl.absorpt_process_details    ? 
_exptl.entry_id                   6LMQ 
_exptl.crystals_number            1 
_exptl.details                    ? 
_exptl.method                     'X-RAY DIFFRACTION' 
_exptl.method_details             ? 
# 
_exptl_crystal.colour                      ? 
_exptl_crystal.density_diffrn              ? 
_exptl_crystal.density_Matthews            2.65 
_exptl_crystal.density_method              ? 
_exptl_crystal.density_percent_sol         53.60 
_exptl_crystal.description                 ? 
_exptl_crystal.F_000                       ? 
_exptl_crystal.id                          1 
_exptl_crystal.preparation                 ? 
_exptl_crystal.size_max                    ? 
_exptl_crystal.size_mid                    ? 
_exptl_crystal.size_min                    ? 
_exptl_crystal.size_rad                    ? 
_exptl_crystal.colour_lustre               ? 
_exptl_crystal.colour_modifier             ? 
_exptl_crystal.colour_primary              ? 
_exptl_crystal.density_meas                ? 
_exptl_crystal.density_meas_esd            ? 
_exptl_crystal.density_meas_gt             ? 
_exptl_crystal.density_meas_lt             ? 
_exptl_crystal.density_meas_temp           ? 
_exptl_crystal.density_meas_temp_esd       ? 
_exptl_crystal.density_meas_temp_gt        ? 
_exptl_crystal.density_meas_temp_lt        ? 
_exptl_crystal.pdbx_crystal_image_url      ? 
_exptl_crystal.pdbx_crystal_image_format   ? 
_exptl_crystal.pdbx_mosaicity              ? 
_exptl_crystal.pdbx_mosaicity_esd          ? 
# 
_exptl_crystal_grow.apparatus       ? 
_exptl_crystal_grow.atmosphere      ? 
_exptl_crystal_grow.crystal_id      1 
_exptl_crystal_grow.details         ? 
_exptl_crystal_grow.method          'VAPOR DIFFUSION, SITTING DROP' 
_exptl_crystal_grow.method_ref      ? 
_exptl_crystal_grow.pH              ? 
_exptl_crystal_grow.pressure        ? 
_exptl_crystal_grow.pressure_esd    ? 
_exptl_crystal_grow.seeding         ? 
_exptl_crystal_grow.seeding_ref     ? 
_exptl_crystal_grow.temp            293.15 
_exptl_crystal_grow.temp_details    ? 
_exptl_crystal_grow.temp_esd        ? 
_exptl_crystal_grow.time            ? 
_exptl_crystal_grow.pdbx_details    '0.1M Sodium cacodylate pH6.5, 0.206M Ammonium sulfate, 1% PEG 8000, 5mM  DTT' 
_exptl_crystal_grow.pdbx_pH_range   ? 
# 
_diffrn.ambient_environment              ? 
_diffrn.ambient_temp                     100 
_diffrn.ambient_temp_details             ? 
_diffrn.ambient_temp_esd                 ? 
_diffrn.crystal_id                       1 
_diffrn.crystal_support                  ? 
_diffrn.crystal_treatment                ? 
_diffrn.details                          ? 
_diffrn.id                               1 
_diffrn.ambient_pressure                 ? 
_diffrn.ambient_pressure_esd             ? 
_diffrn.ambient_pressure_gt              ? 
_diffrn.ambient_pressure_lt              ? 
_diffrn.ambient_temp_gt                  ? 
_diffrn.ambient_temp_lt                  ? 
_diffrn.pdbx_serial_crystal_experiment   N 
# 
_diffrn_detector.details                      ? 
_diffrn_detector.detector                     'IMAGE PLATE' 
_diffrn_detector.diffrn_id                    1 
_diffrn_detector.type                         'RIGAKU RAXIS IV++' 
_diffrn_detector.area_resol_mean              ? 
_diffrn_detector.dtime                        ? 
_diffrn_detector.pdbx_frames_total            ? 
_diffrn_detector.pdbx_collection_time_total   ? 
_diffrn_detector.pdbx_collection_date         2012-07-02 
_diffrn_detector.pdbx_frequency               ? 
# 
_diffrn_radiation.collimation                      ? 
_diffrn_radiation.diffrn_id                        1 
_diffrn_radiation.filter_edge                      ? 
_diffrn_radiation.inhomogeneity                    ? 
_diffrn_radiation.monochromator                    ? 
_diffrn_radiation.polarisn_norm                    ? 
_diffrn_radiation.polarisn_ratio                   ? 
_diffrn_radiation.probe                            ? 
_diffrn_radiation.type                             ? 
_diffrn_radiation.xray_symbol                      ? 
_diffrn_radiation.wavelength_id                    1 
_diffrn_radiation.pdbx_monochromatic_or_laue_m_l   M 
_diffrn_radiation.pdbx_wavelength_list             ? 
_diffrn_radiation.pdbx_wavelength                  ? 
_diffrn_radiation.pdbx_diffrn_protocol             'SINGLE WAVELENGTH' 
_diffrn_radiation.pdbx_analyzer                    ? 
_diffrn_radiation.pdbx_scattering_type             x-ray 
# 
_diffrn_radiation_wavelength.id           1 
_diffrn_radiation_wavelength.wavelength   1.5418 
_diffrn_radiation_wavelength.wt           1.0 
# 
_diffrn_source.current                     ? 
_diffrn_source.details                     ? 
_diffrn_source.diffrn_id                   1 
_diffrn_source.power                       ? 
_diffrn_source.size                        ? 
_diffrn_source.source                      'ROTATING ANODE' 
_diffrn_source.target                      ? 
_diffrn_source.type                        'RIGAKU MICROMAX-007 HF' 
_diffrn_source.voltage                     ? 
_diffrn_source.take-off_angle              ? 
_diffrn_source.pdbx_wavelength_list        1.5418 
_diffrn_source.pdbx_wavelength             ? 
_diffrn_source.pdbx_synchrotron_beamline   ? 
_diffrn_source.pdbx_synchrotron_site       ? 
# 
_reflns.B_iso_Wilson_estimate            ? 
_reflns.entry_id                         6LMQ 
_reflns.data_reduction_details           ? 
_reflns.data_reduction_method            ? 
_reflns.d_resolution_high                2.100 
_reflns.d_resolution_low                 62.25 
_reflns.details                          ? 
_reflns.limit_h_max                      ? 
_reflns.limit_h_min                      ? 
_reflns.limit_k_max                      ? 
_reflns.limit_k_min                      ? 
_reflns.limit_l_max                      ? 
_reflns.limit_l_min                      ? 
_reflns.number_all                       ? 
_reflns.number_obs                       11752 
_reflns.observed_criterion               ? 
_reflns.observed_criterion_F_max         ? 
_reflns.observed_criterion_F_min         ? 
_reflns.observed_criterion_I_max         ? 
_reflns.observed_criterion_I_min         ? 
_reflns.observed_criterion_sigma_F       ? 
_reflns.observed_criterion_sigma_I       ? 
_reflns.percent_possible_obs             99.500 
_reflns.R_free_details                   ? 
_reflns.Rmerge_F_all                     ? 
_reflns.Rmerge_F_obs                     ? 
_reflns.Friedel_coverage                 ? 
_reflns.number_gt                        ? 
_reflns.threshold_expression             ? 
_reflns.pdbx_redundancy                  5.100 
_reflns.pdbx_Rmerge_I_obs                0.064 
_reflns.pdbx_Rmerge_I_all                ? 
_reflns.pdbx_Rsym_value                  ? 
_reflns.pdbx_netI_over_av_sigmaI         ? 
_reflns.pdbx_netI_over_sigmaI            13.700 
_reflns.pdbx_res_netI_over_av_sigmaI_2   ? 
_reflns.pdbx_res_netI_over_sigmaI_2      ? 
_reflns.pdbx_chi_squared                 1.411 
_reflns.pdbx_scaling_rejects             ? 
_reflns.pdbx_d_res_high_opt              ? 
_reflns.pdbx_d_res_low_opt               ? 
_reflns.pdbx_d_res_opt_method            ? 
_reflns.phase_calculation_details        ? 
_reflns.pdbx_Rrim_I_all                  ? 
_reflns.pdbx_Rpim_I_all                  ? 
_reflns.pdbx_d_opt                       ? 
_reflns.pdbx_number_measured_all         ? 
_reflns.pdbx_diffrn_id                   1 
_reflns.pdbx_ordinal                     1 
_reflns.pdbx_CC_half                     ? 
_reflns.pdbx_CC_star                     ? 
_reflns.pdbx_R_split                     ? 
# 
loop_
_reflns_shell.d_res_high 
_reflns_shell.d_res_low 
_reflns_shell.meanI_over_sigI_all 
_reflns_shell.meanI_over_sigI_obs 
_reflns_shell.number_measured_all 
_reflns_shell.number_measured_obs 
_reflns_shell.number_possible 
_reflns_shell.number_unique_all 
_reflns_shell.number_unique_obs 
_reflns_shell.percent_possible_all 
_reflns_shell.percent_possible_obs 
_reflns_shell.Rmerge_F_all 
_reflns_shell.Rmerge_F_obs 
_reflns_shell.Rmerge_I_all 
_reflns_shell.Rmerge_I_obs 
_reflns_shell.meanI_over_sigI_gt 
_reflns_shell.meanI_over_uI_all 
_reflns_shell.meanI_over_uI_gt 
_reflns_shell.number_measured_gt 
_reflns_shell.number_unique_gt 
_reflns_shell.percent_possible_gt 
_reflns_shell.Rmerge_F_gt 
_reflns_shell.Rmerge_I_gt 
_reflns_shell.pdbx_redundancy 
_reflns_shell.pdbx_Rsym_value 
_reflns_shell.pdbx_chi_squared 
_reflns_shell.pdbx_netI_over_sigmaI_all 
_reflns_shell.pdbx_netI_over_sigmaI_obs 
_reflns_shell.pdbx_Rrim_I_all 
_reflns_shell.pdbx_Rpim_I_all 
_reflns_shell.pdbx_rejects 
_reflns_shell.pdbx_ordinal 
_reflns_shell.pdbx_diffrn_id 
_reflns_shell.pdbx_CC_half 
_reflns_shell.pdbx_CC_star 
_reflns_shell.pdbx_R_split 
2.100 2.140  ? ? ? ? ? ? 580 99.800  ? ? ? ? 0.544 ? ? ? ? ? ? ? ? 4.600 ? 0.939 ? ? ? ? ? 1  1 ? ? ? 
2.140 2.180  ? ? ? ? ? ? 572 99.300  ? ? ? ? 0.520 ? ? ? ? ? ? ? ? 4.800 ? 1.015 ? ? ? ? ? 2  1 ? ? ? 
2.180 2.220  ? ? ? ? ? ? 573 99.800  ? ? ? ? 0.441 ? ? ? ? ? ? ? ? 4.800 ? 0.940 ? ? ? ? ? 3  1 ? ? ? 
2.220 2.260  ? ? ? ? ? ? 602 100.000 ? ? ? ? 0.384 ? ? ? ? ? ? ? ? 4.900 ? 1.062 ? ? ? ? ? 4  1 ? ? ? 
2.260 2.310  ? ? ? ? ? ? 564 99.800  ? ? ? ? 0.338 ? ? ? ? ? ? ? ? 4.900 ? 0.978 ? ? ? ? ? 5  1 ? ? ? 
2.310 2.370  ? ? ? ? ? ? 574 99.700  ? ? ? ? 0.313 ? ? ? ? ? ? ? ? 5.000 ? 1.069 ? ? ? ? ? 6  1 ? ? ? 
2.370 2.420  ? ? ? ? ? ? 583 100.000 ? ? ? ? 0.297 ? ? ? ? ? ? ? ? 5.000 ? 1.073 ? ? ? ? ? 7  1 ? ? ? 
2.420 2.490  ? ? ? ? ? ? 585 100.000 ? ? ? ? 0.235 ? ? ? ? ? ? ? ? 5.000 ? 1.070 ? ? ? ? ? 8  1 ? ? ? 
2.490 2.560  ? ? ? ? ? ? 584 99.800  ? ? ? ? 0.190 ? ? ? ? ? ? ? ? 5.100 ? 1.152 ? ? ? ? ? 9  1 ? ? ? 
2.560 2.650  ? ? ? ? ? ? 583 100.000 ? ? ? ? 0.184 ? ? ? ? ? ? ? ? 5.100 ? 1.215 ? ? ? ? ? 10 1 ? ? ? 
2.650 2.740  ? ? ? ? ? ? 578 100.000 ? ? ? ? 0.149 ? ? ? ? ? ? ? ? 5.100 ? 1.228 ? ? ? ? ? 11 1 ? ? ? 
2.740 2.850  ? ? ? ? ? ? 590 99.700  ? ? ? ? 0.127 ? ? ? ? ? ? ? ? 5.200 ? 1.392 ? ? ? ? ? 12 1 ? ? ? 
2.850 2.980  ? ? ? ? ? ? 580 99.700  ? ? ? ? 0.104 ? ? ? ? ? ? ? ? 5.300 ? 1.541 ? ? ? ? ? 13 1 ? ? ? 
2.980 3.140  ? ? ? ? ? ? 601 100.000 ? ? ? ? 0.087 ? ? ? ? ? ? ? ? 5.200 ? 1.620 ? ? ? ? ? 14 1 ? ? ? 
3.140 3.330  ? ? ? ? ? ? 579 99.800  ? ? ? ? 0.074 ? ? ? ? ? ? ? ? 5.300 ? 1.863 ? ? ? ? ? 15 1 ? ? ? 
3.330 3.590  ? ? ? ? ? ? 604 100.000 ? ? ? ? 0.058 ? ? ? ? ? ? ? ? 5.400 ? 1.938 ? ? ? ? ? 16 1 ? ? ? 
3.590 3.950  ? ? ? ? ? ? 589 99.700  ? ? ? ? 0.047 ? ? ? ? ? ? ? ? 5.300 ? 2.017 ? ? ? ? ? 17 1 ? ? ? 
3.950 4.520  ? ? ? ? ? ? 606 99.200  ? ? ? ? 0.040 ? ? ? ? ? ? ? ? 5.400 ? 2.037 ? ? ? ? ? 18 1 ? ? ? 
4.520 5.700  ? ? ? ? ? ? 607 99.500  ? ? ? ? 0.036 ? ? ? ? ? ? ? ? 5.300 ? 1.835 ? ? ? ? ? 19 1 ? ? ? 
5.700 50.000 ? ? ? ? ? ? 618 94.200  ? ? ? ? 0.029 ? ? ? ? ? ? ? ? 4.900 ? 1.793 ? ? ? ? ? 20 1 ? ? ? 
# 
_refine.aniso_B[1][1]                            0.8000 
_refine.aniso_B[1][2]                            0.4000 
_refine.aniso_B[1][3]                            0.0000 
_refine.aniso_B[2][2]                            0.8000 
_refine.aniso_B[2][3]                            0.0000 
_refine.aniso_B[3][3]                            -1.2000 
_refine.B_iso_max                                96.520 
_refine.B_iso_mean                               41.2780 
_refine.B_iso_min                                4.740 
_refine.correlation_coeff_Fo_to_Fc               0.9480 
_refine.correlation_coeff_Fo_to_Fc_free          0.9420 
_refine.details                                  
'HYDROGENS HAVE BEEN ADDED IN THE RIDING POSITIONS U VALUES      : REFINED INDIVIDUALLY' 
_refine.diff_density_max                         ? 
_refine.diff_density_max_esd                     ? 
_refine.diff_density_min                         ? 
_refine.diff_density_min_esd                     ? 
_refine.diff_density_rms                         ? 
_refine.diff_density_rms_esd                     ? 
_refine.entry_id                                 6LMQ 
_refine.pdbx_refine_id                           'X-RAY DIFFRACTION' 
_refine.ls_abs_structure_details                 ? 
_refine.ls_abs_structure_Flack                   ? 
_refine.ls_abs_structure_Flack_esd               ? 
_refine.ls_abs_structure_Rogers                  ? 
_refine.ls_abs_structure_Rogers_esd              ? 
_refine.ls_d_res_high                            2.1000 
_refine.ls_d_res_low                             62.2500 
_refine.ls_extinction_coef                       ? 
_refine.ls_extinction_coef_esd                   ? 
_refine.ls_extinction_expression                 ? 
_refine.ls_extinction_method                     ? 
_refine.ls_goodness_of_fit_all                   ? 
_refine.ls_goodness_of_fit_all_esd               ? 
_refine.ls_goodness_of_fit_obs                   ? 
_refine.ls_goodness_of_fit_obs_esd               ? 
_refine.ls_hydrogen_treatment                    ? 
_refine.ls_matrix_type                           ? 
_refine.ls_number_constraints                    ? 
_refine.ls_number_parameters                     ? 
_refine.ls_number_reflns_all                     ? 
_refine.ls_number_reflns_obs                     11184 
_refine.ls_number_reflns_R_free                  557 
_refine.ls_number_reflns_R_work                  ? 
_refine.ls_number_restraints                     ? 
_refine.ls_percent_reflns_obs                    99.5400 
_refine.ls_percent_reflns_R_free                 4.7000 
_refine.ls_R_factor_all                          ? 
_refine.ls_R_factor_obs                          0.2132 
_refine.ls_R_factor_R_free                       0.2395 
_refine.ls_R_factor_R_free_error                 ? 
_refine.ls_R_factor_R_free_error_details         ? 
_refine.ls_R_factor_R_work                       0.2119 
_refine.ls_R_Fsqd_factor_obs                     ? 
_refine.ls_R_I_factor_obs                        ? 
_refine.ls_redundancy_reflns_all                 ? 
_refine.ls_redundancy_reflns_obs                 ? 
_refine.ls_restrained_S_all                      ? 
_refine.ls_restrained_S_obs                      ? 
_refine.ls_shift_over_esd_max                    ? 
_refine.ls_shift_over_esd_mean                   ? 
_refine.ls_structure_factor_coef                 ? 
_refine.ls_weighting_details                     ? 
_refine.ls_weighting_scheme                      ? 
_refine.ls_wR_factor_all                         ? 
_refine.ls_wR_factor_obs                         ? 
_refine.ls_wR_factor_R_free                      ? 
_refine.ls_wR_factor_R_work                      ? 
_refine.occupancy_max                            ? 
_refine.occupancy_min                            ? 
_refine.solvent_model_details                    ? 
_refine.solvent_model_param_bsol                 ? 
_refine.solvent_model_param_ksol                 ? 
_refine.pdbx_R_complete                          ? 
_refine.ls_R_factor_gt                           ? 
_refine.ls_goodness_of_fit_gt                    ? 
_refine.ls_goodness_of_fit_ref                   ? 
_refine.ls_shift_over_su_max                     ? 
_refine.ls_shift_over_su_max_lt                  ? 
_refine.ls_shift_over_su_mean                    ? 
_refine.ls_shift_over_su_mean_lt                 ? 
_refine.pdbx_ls_sigma_I                          ? 
_refine.pdbx_ls_sigma_F                          0.000 
_refine.pdbx_ls_sigma_Fsqd                       ? 
_refine.pdbx_data_cutoff_high_absF               ? 
_refine.pdbx_data_cutoff_high_rms_absF           ? 
_refine.pdbx_data_cutoff_low_absF                ? 
_refine.pdbx_isotropic_thermal_model             ? 
_refine.pdbx_ls_cross_valid_method               THROUGHOUT 
_refine.pdbx_method_to_determine_struct          'MOLECULAR REPLACEMENT' 
_refine.pdbx_starting_model                      3LPT 
_refine.pdbx_stereochemistry_target_values       ? 
_refine.pdbx_R_Free_selection_details            RANDOM 
_refine.pdbx_stereochem_target_val_spec_case     ? 
_refine.pdbx_overall_ESU_R                       0.1970 
_refine.pdbx_overall_ESU_R_Free                  0.1680 
_refine.pdbx_solvent_vdw_probe_radii             1.4000 
_refine.pdbx_solvent_ion_probe_radii             0.8000 
_refine.pdbx_solvent_shrinkage_radii             0.8000 
_refine.pdbx_real_space_R                        ? 
_refine.pdbx_density_correlation                 ? 
_refine.pdbx_pd_number_of_powder_patterns        ? 
_refine.pdbx_pd_number_of_points                 ? 
_refine.pdbx_pd_meas_number_of_points            ? 
_refine.pdbx_pd_proc_ls_prof_R_factor            ? 
_refine.pdbx_pd_proc_ls_prof_wR_factor           ? 
_refine.pdbx_pd_Marquardt_correlation_coeff      ? 
_refine.pdbx_pd_Fsqrd_R_factor                   ? 
_refine.pdbx_pd_ls_matrix_band_width             ? 
_refine.pdbx_overall_phase_error                 ? 
_refine.pdbx_overall_SU_R_free_Cruickshank_DPI   ? 
_refine.pdbx_overall_SU_R_free_Blow_DPI          ? 
_refine.pdbx_overall_SU_R_Blow_DPI               ? 
_refine.pdbx_TLS_residual_ADP_flag               ? 
_refine.pdbx_diffrn_id                           1 
_refine.overall_SU_B                             4.3620 
_refine.overall_SU_ML                            0.1190 
_refine.overall_SU_R_Cruickshank_DPI             0.1971 
_refine.overall_SU_R_free                        ? 
_refine.overall_FOM_free_R_set                   ? 
_refine.overall_FOM_work_R_set                   ? 
_refine.pdbx_average_fsc_overall                 ? 
_refine.pdbx_average_fsc_work                    ? 
_refine.pdbx_average_fsc_free                    ? 
# 
_refine_hist.pdbx_refine_id                   'X-RAY DIFFRACTION' 
_refine_hist.cycle_id                         final 
_refine_hist.details                          ? 
_refine_hist.d_res_high                       2.1000 
_refine_hist.d_res_low                        62.2500 
_refine_hist.number_atoms_solvent             27 
_refine_hist.number_atoms_total               1205 
_refine_hist.number_reflns_all                ? 
_refine_hist.number_reflns_obs                ? 
_refine_hist.number_reflns_R_free             ? 
_refine_hist.number_reflns_R_work             ? 
_refine_hist.R_factor_all                     ? 
_refine_hist.R_factor_obs                     ? 
_refine_hist.R_factor_R_free                  ? 
_refine_hist.R_factor_R_work                  ? 
_refine_hist.pdbx_number_residues_total       143 
_refine_hist.pdbx_B_iso_mean_ligand           42.46 
_refine_hist.pdbx_B_iso_mean_solvent          41.23 
_refine_hist.pdbx_number_atoms_protein        1118 
_refine_hist.pdbx_number_atoms_nucleic_acid   0 
_refine_hist.pdbx_number_atoms_ligand         60 
_refine_hist.pdbx_number_atoms_lipid          ? 
_refine_hist.pdbx_number_atoms_carb           ? 
_refine_hist.pdbx_pseudo_atom_details         ? 
# 
loop_
_refine_ls_restr.pdbx_refine_id 
_refine_ls_restr.criterion 
_refine_ls_restr.dev_ideal 
_refine_ls_restr.dev_ideal_target 
_refine_ls_restr.number 
_refine_ls_restr.rejects 
_refine_ls_restr.type 
_refine_ls_restr.weight 
_refine_ls_restr.pdbx_restraint_function 
'X-RAY DIFFRACTION' ? 0.026  0.022  1199 ? r_bond_refined_d       ? ? 
'X-RAY DIFFRACTION' ? 2.111  1.997  1626 ? r_angle_refined_deg    ? ? 
'X-RAY DIFFRACTION' ? 6.415  5.000  140  ? r_dihedral_angle_1_deg ? ? 
'X-RAY DIFFRACTION' ? 36.896 24.783 46   ? r_dihedral_angle_2_deg ? ? 
'X-RAY DIFFRACTION' ? 20.336 15.000 199  ? r_dihedral_angle_3_deg ? ? 
'X-RAY DIFFRACTION' ? 14.385 15.000 4    ? r_dihedral_angle_4_deg ? ? 
'X-RAY DIFFRACTION' ? 0.159  0.200  180  ? r_chiral_restr         ? ? 
'X-RAY DIFFRACTION' ? 0.011  0.021  856  ? r_gen_planes_refined   ? ? 
# 
_refine_ls_shell.pdbx_refine_id                   'X-RAY DIFFRACTION' 
_refine_ls_shell.d_res_high                       2.1000 
_refine_ls_shell.d_res_low                        2.1530 
_refine_ls_shell.number_reflns_all                ? 
_refine_ls_shell.number_reflns_obs                ? 
_refine_ls_shell.number_reflns_R_free             36 
_refine_ls_shell.number_reflns_R_work             812 
_refine_ls_shell.percent_reflns_obs               99.3000 
_refine_ls_shell.percent_reflns_R_free            ? 
_refine_ls_shell.R_factor_all                     ? 
_refine_ls_shell.R_factor_obs                     ? 
_refine_ls_shell.R_factor_R_free                  0.3700 
_refine_ls_shell.R_factor_R_free_error            0.0000 
_refine_ls_shell.R_factor_R_work                  0.2920 
_refine_ls_shell.redundancy_reflns_all            ? 
_refine_ls_shell.redundancy_reflns_obs            ? 
_refine_ls_shell.wR_factor_all                    ? 
_refine_ls_shell.wR_factor_obs                    ? 
_refine_ls_shell.wR_factor_R_free                 ? 
_refine_ls_shell.wR_factor_R_work                 ? 
_refine_ls_shell.pdbx_R_complete                  ? 
_refine_ls_shell.pdbx_total_number_of_bins_used   ? 
_refine_ls_shell.pdbx_phase_error                 ? 
_refine_ls_shell.pdbx_fsc_work                    ? 
_refine_ls_shell.pdbx_fsc_free                    ? 
# 
_struct.entry_id                     6LMQ 
_struct.title                        
;Crystal structure of HIV-1 integrase catalytic core domain in complex with 2-(tert-butoxy)-2-[3-(3,4-dihydro-2H-1,4-benzoxazin-6-yl)-6-methanesulfonamido-2,3',4',5-tetramethyl-[1,1'-biphenyl]-4-yl]acetic acid
;
_struct.pdbx_model_details           ? 
_struct.pdbx_formula_weight          ? 
_struct.pdbx_formula_weight_method   ? 
_struct.pdbx_model_type_details      ? 
_struct.pdbx_CASP_flag               N 
# 
_struct_keywords.entry_id        6LMQ 
_struct_keywords.text            'hydrolase transferase/inhibitor, TRANSFERASE' 
_struct_keywords.pdbx_keywords   TRANSFERASE 
# 
loop_
_struct_asym.id 
_struct_asym.pdbx_blank_PDB_chainid_flag 
_struct_asym.pdbx_modified 
_struct_asym.entity_id 
_struct_asym.details 
A N N 1 ? 
B N N 2 ? 
C N N 2 ? 
D N N 3 ? 
E N N 4 ? 
F N N 5 ? 
# 
_struct_ref.id                         1 
_struct_ref.db_name                    UNP 
_struct_ref.db_code                    POL_HV1N5 
_struct_ref.pdbx_db_accession          P12497 
_struct_ref.pdbx_db_isoform            ? 
_struct_ref.entity_id                  1 
_struct_ref.pdbx_seq_one_letter_code   
;MHGQVDCSPGIWQLDCTHLEGKVILVAVHVASGYIEAEVIPAETGQETAYFLLKLAGRWPVKTVHTDNGSNFTSTTVKAA
CWWAGIKQEFGIPYNPQSQGVIESMNKELKKIIGQVRDQAEHLKTAVQMAVFIHNFKRKGGIGGYSAGERIVDIIATDIQ
TKE
;
_struct_ref.pdbx_align_begin           1197 
# 
_struct_ref_seq.align_id                      1 
_struct_ref_seq.ref_id                        1 
_struct_ref_seq.pdbx_PDB_id_code              6LMQ 
_struct_ref_seq.pdbx_strand_id                A 
_struct_ref_seq.seq_align_beg                 4 
_struct_ref_seq.pdbx_seq_align_beg_ins_code   ? 
_struct_ref_seq.seq_align_end                 166 
_struct_ref_seq.pdbx_seq_align_end_ins_code   ? 
_struct_ref_seq.pdbx_db_accession             P12497 
_struct_ref_seq.db_align_beg                  1197 
_struct_ref_seq.pdbx_db_align_beg_ins_code    ? 
_struct_ref_seq.db_align_end                  1359 
_struct_ref_seq.pdbx_db_align_end_ins_code    ? 
_struct_ref_seq.pdbx_auth_seq_align_beg       50 
_struct_ref_seq.pdbx_auth_seq_align_end       212 
# 
loop_
_struct_ref_seq_dif.align_id 
_struct_ref_seq_dif.pdbx_pdb_id_code 
_struct_ref_seq_dif.mon_id 
_struct_ref_seq_dif.pdbx_pdb_strand_id 
_struct_ref_seq_dif.seq_num 
_struct_ref_seq_dif.pdbx_pdb_ins_code 
_struct_ref_seq_dif.pdbx_seq_db_name 
_struct_ref_seq_dif.pdbx_seq_db_accession_code 
_struct_ref_seq_dif.db_mon_id 
_struct_ref_seq_dif.pdbx_seq_db_seq_num 
_struct_ref_seq_dif.details 
_struct_ref_seq_dif.pdbx_auth_seq_num 
_struct_ref_seq_dif.pdbx_ordinal 
1 6LMQ GLY A 1   ? UNP P12497 ?   ?    'expression tag'      47  1 
1 6LMQ SER A 2   ? UNP P12497 ?   ?    'expression tag'      48  2 
1 6LMQ HIS A 3   ? UNP P12497 ?   ?    'expression tag'      49  3 
1 6LMQ LYS A 139 ? UNP P12497 PHE 1332 'engineered mutation' 185 4 
# 
_pdbx_struct_assembly.id                   1 
_pdbx_struct_assembly.details              author_and_software_defined_assembly 
_pdbx_struct_assembly.method_details       PISA 
_pdbx_struct_assembly.oligomeric_details   dimeric 
_pdbx_struct_assembly.oligomeric_count     2 
# 
loop_
_pdbx_struct_assembly_prop.biol_id 
_pdbx_struct_assembly_prop.type 
_pdbx_struct_assembly_prop.value 
_pdbx_struct_assembly_prop.details 
1 'ABSA (A^2)' 5050  ? 
1 MORE         -56   ? 
1 'SSA (A^2)'  13430 ? 
# 
_pdbx_struct_assembly_gen.assembly_id       1 
_pdbx_struct_assembly_gen.oper_expression   1,2 
_pdbx_struct_assembly_gen.asym_id_list      A,B,C,D,E,F 
# 
_pdbx_struct_assembly_auth_evidence.id                     1 
_pdbx_struct_assembly_auth_evidence.assembly_id            1 
_pdbx_struct_assembly_auth_evidence.experimental_support   'assay for oligomerization' 
_pdbx_struct_assembly_auth_evidence.details                ? 
# 
loop_
_pdbx_struct_oper_list.id 
_pdbx_struct_oper_list.type 
_pdbx_struct_oper_list.name 
_pdbx_struct_oper_list.symmetry_operation 
_pdbx_struct_oper_list.matrix[1][1] 
_pdbx_struct_oper_list.matrix[1][2] 
_pdbx_struct_oper_list.matrix[1][3] 
_pdbx_struct_oper_list.vector[1] 
_pdbx_struct_oper_list.matrix[2][1] 
_pdbx_struct_oper_list.matrix[2][2] 
_pdbx_struct_oper_list.matrix[2][3] 
_pdbx_struct_oper_list.vector[2] 
_pdbx_struct_oper_list.matrix[3][1] 
_pdbx_struct_oper_list.matrix[3][2] 
_pdbx_struct_oper_list.matrix[3][3] 
_pdbx_struct_oper_list.vector[3] 
1 'identity operation'         1_555 x,y,z          1.0000000000  0.0000000000 0.0000000000 0.0000000000 0.0000000000 1.0000000000  0.0000000000 0.0000000000   0.0000000000 0.0000000000 1.0000000000 0.0000000000 
2 'crystal symmetry operation' 6_554 -x,-x+y,-z-2/3 -0.7332701010 0.1322371227 0.6669544980 5.8162375177 0.1322371227 -0.9344405832 0.3306571333 -19.1155055674 0.6669544980 0.3306571333 0.6677106842 1.4639904401 
# 
loop_
_struct_conf.conf_type_id 
_struct_conf.id 
_struct_conf.pdbx_PDB_helix_id 
_struct_conf.beg_label_comp_id 
_struct_conf.beg_label_asym_id 
_struct_conf.beg_label_seq_id 
_struct_conf.pdbx_beg_PDB_ins_code 
_struct_conf.end_label_comp_id 
_struct_conf.end_label_asym_id 
_struct_conf.end_label_seq_id 
_struct_conf.pdbx_end_PDB_ins_code 
_struct_conf.beg_auth_comp_id 
_struct_conf.beg_auth_asym_id 
_struct_conf.beg_auth_seq_id 
_struct_conf.end_auth_comp_id 
_struct_conf.end_auth_asym_id 
_struct_conf.end_auth_seq_id 
_struct_conf.pdbx_PDB_helix_class 
_struct_conf.details 
_struct_conf.pdbx_PDB_helix_length 
HELX_P HELX_P1 AA1 THR A 47  ? TRP A 62  ? THR A 93  TRP A 108 1 ? 16 
HELX_P HELX_P2 AA2 ASN A 71  ? THR A 76  ? ASN A 117 THR A 122 5 ? 6  
HELX_P HELX_P3 AA3 SER A 77  ? GLY A 88  ? SER A 123 GLY A 134 1 ? 12 
HELX_P HELX_P4 AA4 SER A 107 ? ARG A 120 ? SER A 153 ARG A 166 1 ? 14 
HELX_P HELX_P5 AA5 ASP A 121 ? ALA A 123 ? ASP A 167 ALA A 169 5 ? 3  
HELX_P HELX_P6 AA6 HIS A 125 ? LYS A 140 ? HIS A 171 LYS A 186 1 ? 16 
HELX_P HELX_P7 AA7 SER A 149 ? GLN A 163 ? SER A 195 GLN A 209 1 ? 15 
# 
_struct_conf_type.id          HELX_P 
_struct_conf_type.criteria    ? 
_struct_conf_type.reference   ? 
# 
loop_
_struct_conn.id 
_struct_conn.conn_type_id 
_struct_conn.pdbx_leaving_atom_flag 
_struct_conn.pdbx_PDB_id 
_struct_conn.ptnr1_label_asym_id 
_struct_conn.ptnr1_label_comp_id 
_struct_conn.ptnr1_label_seq_id 
_struct_conn.ptnr1_label_atom_id 
_struct_conn.pdbx_ptnr1_label_alt_id 
_struct_conn.pdbx_ptnr1_PDB_ins_code 
_struct_conn.pdbx_ptnr1_standard_comp_id 
_struct_conn.ptnr1_symmetry 
_struct_conn.ptnr2_label_asym_id 
_struct_conn.ptnr2_label_comp_id 
_struct_conn.ptnr2_label_seq_id 
_struct_conn.ptnr2_label_atom_id 
_struct_conn.pdbx_ptnr2_label_alt_id 
_struct_conn.pdbx_ptnr2_PDB_ins_code 
_struct_conn.ptnr1_auth_asym_id 
_struct_conn.ptnr1_auth_comp_id 
_struct_conn.ptnr1_auth_seq_id 
_struct_conn.ptnr2_auth_asym_id 
_struct_conn.ptnr2_auth_comp_id 
_struct_conn.ptnr2_auth_seq_id 
_struct_conn.ptnr2_symmetry 
_struct_conn.pdbx_ptnr3_label_atom_id 
_struct_conn.pdbx_ptnr3_label_seq_id 
_struct_conn.pdbx_ptnr3_label_comp_id 
_struct_conn.pdbx_ptnr3_label_asym_id 
_struct_conn.pdbx_ptnr3_label_alt_id 
_struct_conn.pdbx_ptnr3_PDB_ins_code 
_struct_conn.details 
_struct_conn.pdbx_dist_value 
_struct_conn.pdbx_value_order 
_struct_conn.pdbx_role 
covale1 covale both ? A ASP 18 C ? ? ? 1_555 A CAF 19 N ? ? A ASP 64  A CAF 65  1_555 ? ? ? ? ? ? ? 1.330 ? ? 
covale2 covale both ? A CAF 19 C ? ? ? 1_555 A THR 20 N ? ? A CAF 65  A THR 66  1_555 ? ? ? ? ? ? ? 1.340 ? ? 
covale3 covale both ? A ALA 83 C ? ? ? 1_555 A CAF 84 N ? ? A ALA 129 A CAF 130 1_555 ? ? ? ? ? ? ? 1.352 ? ? 
covale4 covale both ? A CAF 84 C ? ? ? 1_555 A TRP 85 N ? ? A CAF 130 A TRP 131 1_555 ? ? ? ? ? ? ? 1.310 ? ? 
# 
_struct_conn_type.id          covale 
_struct_conn_type.criteria    ? 
_struct_conn_type.reference   ? 
# 
loop_
_pdbx_modification_feature.ordinal 
_pdbx_modification_feature.label_comp_id 
_pdbx_modification_feature.label_asym_id 
_pdbx_modification_feature.label_seq_id 
_pdbx_modification_feature.label_alt_id 
_pdbx_modification_feature.modified_residue_label_comp_id 
_pdbx_modification_feature.modified_residue_label_asym_id 
_pdbx_modification_feature.modified_residue_label_seq_id 
_pdbx_modification_feature.modified_residue_label_alt_id 
_pdbx_modification_feature.auth_comp_id 
_pdbx_modification_feature.auth_asym_id 
_pdbx_modification_feature.auth_seq_id 
_pdbx_modification_feature.PDB_ins_code 
_pdbx_modification_feature.symmetry 
_pdbx_modification_feature.modified_residue_auth_comp_id 
_pdbx_modification_feature.modified_residue_auth_asym_id 
_pdbx_modification_feature.modified_residue_auth_seq_id 
_pdbx_modification_feature.modified_residue_PDB_ins_code 
_pdbx_modification_feature.modified_residue_symmetry 
_pdbx_modification_feature.comp_id_linking_atom 
_pdbx_modification_feature.modified_residue_id_linking_atom 
_pdbx_modification_feature.modified_residue_id 
_pdbx_modification_feature.ref_pcm_id 
_pdbx_modification_feature.ref_comp_id 
_pdbx_modification_feature.type 
_pdbx_modification_feature.category 
1 CAF A 19 ? . . . . CAF A 65  ? 1_555 . . . . . . . CYS 1 CAF None 'Non-standard residue' 
2 CAF A 84 ? . . . . CAF A 130 ? 1_555 . . . . . . . CYS 1 CAF None 'Non-standard residue' 
# 
_struct_mon_prot_cis.pdbx_id                1 
_struct_mon_prot_cis.label_comp_id          ILE 
_struct_mon_prot_cis.label_seq_id           95 
_struct_mon_prot_cis.label_asym_id          A 
_struct_mon_prot_cis.label_alt_id           . 
_struct_mon_prot_cis.pdbx_PDB_ins_code      ? 
_struct_mon_prot_cis.auth_comp_id           ILE 
_struct_mon_prot_cis.auth_seq_id            141 
_struct_mon_prot_cis.auth_asym_id           A 
_struct_mon_prot_cis.pdbx_label_comp_id_2   PRO 
_struct_mon_prot_cis.pdbx_label_seq_id_2    96 
_struct_mon_prot_cis.pdbx_label_asym_id_2   A 
_struct_mon_prot_cis.pdbx_PDB_ins_code_2    ? 
_struct_mon_prot_cis.pdbx_auth_comp_id_2    PRO 
_struct_mon_prot_cis.pdbx_auth_seq_id_2     142 
_struct_mon_prot_cis.pdbx_auth_asym_id_2    A 
_struct_mon_prot_cis.pdbx_PDB_model_num     1 
_struct_mon_prot_cis.pdbx_omega_angle       -3.96 
# 
_struct_sheet.id               AA1 
_struct_sheet.type             ? 
_struct_sheet.number_strands   5 
_struct_sheet.details          ? 
# 
loop_
_struct_sheet_order.sheet_id 
_struct_sheet_order.range_id_1 
_struct_sheet_order.range_id_2 
_struct_sheet_order.offset 
_struct_sheet_order.sense 
AA1 1 2 ? anti-parallel 
AA1 2 3 ? anti-parallel 
AA1 3 4 ? parallel      
AA1 4 5 ? parallel      
# 
loop_
_struct_sheet_range.sheet_id 
_struct_sheet_range.id 
_struct_sheet_range.beg_label_comp_id 
_struct_sheet_range.beg_label_asym_id 
_struct_sheet_range.beg_label_seq_id 
_struct_sheet_range.pdbx_beg_PDB_ins_code 
_struct_sheet_range.end_label_comp_id 
_struct_sheet_range.end_label_asym_id 
_struct_sheet_range.end_label_seq_id 
_struct_sheet_range.pdbx_end_PDB_ins_code 
_struct_sheet_range.beg_auth_comp_id 
_struct_sheet_range.beg_auth_asym_id 
_struct_sheet_range.beg_auth_seq_id 
_struct_sheet_range.end_auth_comp_id 
_struct_sheet_range.end_auth_asym_id 
_struct_sheet_range.end_auth_seq_id 
AA1 1 ILE A 38 ? ILE A 43 ? ILE A 84  ILE A 89  
AA1 2 LYS A 25 ? HIS A 32 ? LYS A 71  HIS A 78  
AA1 3 ILE A 14 ? LEU A 22 ? ILE A 60  LEU A 68  
AA1 4 THR A 66 ? HIS A 68 ? THR A 112 HIS A 114 
AA1 5 LYS A 90 ? GLN A 91 ? LYS A 136 GLN A 137 
# 
loop_
_pdbx_struct_sheet_hbond.sheet_id 
_pdbx_struct_sheet_hbond.range_id_1 
_pdbx_struct_sheet_hbond.range_id_2 
_pdbx_struct_sheet_hbond.range_1_label_atom_id 
_pdbx_struct_sheet_hbond.range_1_label_comp_id 
_pdbx_struct_sheet_hbond.range_1_label_asym_id 
_pdbx_struct_sheet_hbond.range_1_label_seq_id 
_pdbx_struct_sheet_hbond.range_1_PDB_ins_code 
_pdbx_struct_sheet_hbond.range_1_auth_atom_id 
_pdbx_struct_sheet_hbond.range_1_auth_comp_id 
_pdbx_struct_sheet_hbond.range_1_auth_asym_id 
_pdbx_struct_sheet_hbond.range_1_auth_seq_id 
_pdbx_struct_sheet_hbond.range_2_label_atom_id 
_pdbx_struct_sheet_hbond.range_2_label_comp_id 
_pdbx_struct_sheet_hbond.range_2_label_asym_id 
_pdbx_struct_sheet_hbond.range_2_label_seq_id 
_pdbx_struct_sheet_hbond.range_2_PDB_ins_code 
_pdbx_struct_sheet_hbond.range_2_auth_atom_id 
_pdbx_struct_sheet_hbond.range_2_auth_comp_id 
_pdbx_struct_sheet_hbond.range_2_auth_asym_id 
_pdbx_struct_sheet_hbond.range_2_auth_seq_id 
AA1 1 2 O GLU A 41 ? O GLU A 87  N LEU A 28 ? N LEU A 74  
AA1 2 3 O VAL A 29 ? O VAL A 75  N ASP A 18 ? N ASP A 64  
AA1 3 4 N LEU A 17 ? N LEU A 63  O HIS A 68 ? O HIS A 114 
AA1 4 5 N VAL A 67 ? N VAL A 113 O LYS A 90 ? O LYS A 136 
# 
loop_
_struct_site.id 
_struct_site.pdbx_evidence_code 
_struct_site.pdbx_auth_asym_id 
_struct_site.pdbx_auth_comp_id 
_struct_site.pdbx_auth_seq_id 
_struct_site.pdbx_auth_ins_code 
_struct_site.pdbx_num_residues 
_struct_site.details 
AC1 Software A SO4 301 ? 6  'binding site for residue SO4 A 301' 
AC2 Software A SO4 302 ? 4  'binding site for residue SO4 A 302' 
AC3 Software A PGE 303 ? 5  'binding site for residue PGE A 303' 
AC4 Software A 940 304 ? 13 'binding site for residue 940 A 304' 
# 
loop_
_struct_site_gen.id 
_struct_site_gen.site_id 
_struct_site_gen.pdbx_num_res 
_struct_site_gen.label_comp_id 
_struct_site_gen.label_asym_id 
_struct_site_gen.label_seq_id 
_struct_site_gen.pdbx_auth_ins_code 
_struct_site_gen.auth_comp_id 
_struct_site_gen.auth_asym_id 
_struct_site_gen.auth_seq_id 
_struct_site_gen.label_atom_id 
_struct_site_gen.label_alt_id 
_struct_site_gen.symmetry 
_struct_site_gen.details 
1  AC1 6  LYS A 25  ? LYS A 71  . ? 1_555 ? 
2  AC1 6  ARG A 120 ? ARG A 166 . ? 1_555 ? 
3  AC1 6  HIS A 125 ? HIS A 171 . ? 1_555 ? 
4  AC1 6  LEU A 126 ? LEU A 172 . ? 1_555 ? 
5  AC1 6  HOH F .   ? HOH A 402 . ? 1_555 ? 
6  AC1 6  HOH F .   ? HOH A 405 . ? 1_555 ? 
7  AC2 4  THR A 20  ? THR A 66  . ? 1_555 ? 
8  AC2 4  HIS A 21  ? HIS A 67  . ? 1_555 ? 
9  AC2 4  LYS A 65  ? LYS A 111 . ? 2_545 ? 
10 AC2 4  LYS A 113 ? LYS A 159 . ? 1_555 ? 
11 AC3 5  GLU A 50  ? GLU A 96  . ? 6_554 ? 
12 AC3 5  TYR A 53  ? TYR A 99  . ? 6_554 ? 
13 AC3 5  HIS A 125 ? HIS A 171 . ? 1_555 ? 
14 AC3 5  LYS A 127 ? LYS A 173 . ? 1_555 ? 
15 AC3 5  HOH F .   ? HOH A 401 . ? 1_555 ? 
16 AC4 13 GLN A 49  ? GLN A 95  . ? 1_555 ? 
17 AC4 13 LEU A 56  ? LEU A 102 . ? 1_555 ? 
18 AC4 13 THR A 78  ? THR A 124 . ? 1_555 ? 
19 AC4 13 THR A 79  ? THR A 125 . ? 1_555 ? 
20 AC4 13 ALA A 83  ? ALA A 129 . ? 1_555 ? 
21 AC4 13 TRP A 86  ? TRP A 132 . ? 1_555 ? 
22 AC4 13 GLN A 122 ? GLN A 168 . ? 6_554 ? 
23 AC4 13 ALA A 123 ? ALA A 169 . ? 6_554 ? 
24 AC4 13 GLU A 124 ? GLU A 170 . ? 6_554 ? 
25 AC4 13 HIS A 125 ? HIS A 171 . ? 6_554 ? 
26 AC4 13 THR A 128 ? THR A 174 . ? 6_554 ? 
27 AC4 13 MET A 132 ? MET A 178 . ? 6_554 ? 
28 AC4 13 HOH F .   ? HOH A 420 . ? 1_555 ? 
# 
_pdbx_entry_details.entry_id                   6LMQ 
_pdbx_entry_details.has_ligand_of_interest     Y 
_pdbx_entry_details.compound_details           ? 
_pdbx_entry_details.source_details             ? 
_pdbx_entry_details.nonpolymer_details         ? 
_pdbx_entry_details.sequence_details           ? 
_pdbx_entry_details.has_protein_modification   Y 
# 
_pdbx_validate_close_contact.id               1 
_pdbx_validate_close_contact.PDB_model_num    1 
_pdbx_validate_close_contact.auth_atom_id_1   O 
_pdbx_validate_close_contact.auth_asym_id_1   A 
_pdbx_validate_close_contact.auth_comp_id_1   PHE 
_pdbx_validate_close_contact.auth_seq_id_1    139 
_pdbx_validate_close_contact.PDB_ins_code_1   ? 
_pdbx_validate_close_contact.label_alt_id_1   ? 
_pdbx_validate_close_contact.auth_atom_id_2   CB 
_pdbx_validate_close_contact.auth_asym_id_2   A 
_pdbx_validate_close_contact.auth_comp_id_2   PRO 
_pdbx_validate_close_contact.auth_seq_id_2    142 
_pdbx_validate_close_contact.PDB_ins_code_2   ? 
_pdbx_validate_close_contact.label_alt_id_2   ? 
_pdbx_validate_close_contact.dist             2.17 
# 
loop_
_pdbx_validate_torsion.id 
_pdbx_validate_torsion.PDB_model_num 
_pdbx_validate_torsion.auth_comp_id 
_pdbx_validate_torsion.auth_asym_id 
_pdbx_validate_torsion.auth_seq_id 
_pdbx_validate_torsion.PDB_ins_code 
_pdbx_validate_torsion.label_alt_id 
_pdbx_validate_torsion.phi 
_pdbx_validate_torsion.psi 
1 1 ILE A 151 ? ? -119.54 -153.82 
2 1 GLU A 152 ? ? -161.28 -84.67  
# 
loop_
_pdbx_struct_mod_residue.id 
_pdbx_struct_mod_residue.label_asym_id 
_pdbx_struct_mod_residue.label_comp_id 
_pdbx_struct_mod_residue.label_seq_id 
_pdbx_struct_mod_residue.auth_asym_id 
_pdbx_struct_mod_residue.auth_comp_id 
_pdbx_struct_mod_residue.auth_seq_id 
_pdbx_struct_mod_residue.PDB_ins_code 
_pdbx_struct_mod_residue.parent_comp_id 
_pdbx_struct_mod_residue.details 
1 A CAF 19 A CAF 65  ? CYS 'modified residue' 
2 A CAF 84 A CAF 130 ? CYS 'modified residue' 
# 
_pdbx_phasing_MR.entry_id                     6LMQ 
_pdbx_phasing_MR.method_rotation              ? 
_pdbx_phasing_MR.method_translation           ? 
_pdbx_phasing_MR.model_details                ? 
_pdbx_phasing_MR.R_factor                     ? 
_pdbx_phasing_MR.R_rigid_body                 ? 
_pdbx_phasing_MR.correlation_coeff_Fo_to_Fc   ? 
_pdbx_phasing_MR.correlation_coeff_Io_to_Ic   ? 
_pdbx_phasing_MR.d_res_high_rotation          2.380 
_pdbx_phasing_MR.d_res_low_rotation           19.780 
_pdbx_phasing_MR.d_res_high_translation       2.380 
_pdbx_phasing_MR.d_res_low_translation        19.780 
_pdbx_phasing_MR.packing                      ? 
_pdbx_phasing_MR.reflns_percent_rotation      ? 
_pdbx_phasing_MR.reflns_percent_translation   ? 
_pdbx_phasing_MR.sigma_F_rotation             ? 
_pdbx_phasing_MR.sigma_F_translation          ? 
_pdbx_phasing_MR.sigma_I_rotation             ? 
_pdbx_phasing_MR.sigma_I_translation          ? 
# 
_phasing.method   MR 
# 
loop_
_pdbx_unobs_or_zero_occ_residues.id 
_pdbx_unobs_or_zero_occ_residues.PDB_model_num 
_pdbx_unobs_or_zero_occ_residues.polymer_flag 
_pdbx_unobs_or_zero_occ_residues.occupancy_flag 
_pdbx_unobs_or_zero_occ_residues.auth_asym_id 
_pdbx_unobs_or_zero_occ_residues.auth_comp_id 
_pdbx_unobs_or_zero_occ_residues.auth_seq_id 
_pdbx_unobs_or_zero_occ_residues.PDB_ins_code 
_pdbx_unobs_or_zero_occ_residues.label_asym_id 
_pdbx_unobs_or_zero_occ_residues.label_comp_id 
_pdbx_unobs_or_zero_occ_residues.label_seq_id 
1  1 Y 1 A GLY 47  ? A GLY 1   
2  1 Y 1 A SER 48  ? A SER 2   
3  1 Y 1 A HIS 49  ? A HIS 3   
4  1 Y 1 A MET 50  ? A MET 4   
5  1 Y 1 A HIS 51  ? A HIS 5   
6  1 Y 1 A GLY 52  ? A GLY 6   
7  1 Y 1 A GLN 53  ? A GLN 7   
8  1 Y 1 A VAL 54  ? A VAL 8   
9  1 Y 1 A ASP 55  ? A ASP 9   
10 1 Y 1 A TYR 143 ? A TYR 97  
11 1 Y 1 A ASN 144 ? A ASN 98  
12 1 Y 1 A PRO 145 ? A PRO 99  
13 1 Y 1 A GLN 146 ? A GLN 100 
14 1 Y 1 A SER 147 ? A SER 101 
15 1 Y 1 A GLN 148 ? A GLN 102 
16 1 Y 1 A GLY 149 ? A GLY 103 
17 1 Y 1 A GLY 189 ? A GLY 143 
18 1 Y 1 A GLY 190 ? A GLY 144 
19 1 Y 1 A ILE 191 ? A ILE 145 
20 1 Y 1 A GLY 192 ? A GLY 146 
21 1 Y 1 A THR 210 ? A THR 164 
22 1 Y 1 A LYS 211 ? A LYS 165 
23 1 Y 1 A GLU 212 ? A GLU 166 
# 
loop_
_chem_comp_atom.comp_id 
_chem_comp_atom.atom_id 
_chem_comp_atom.type_symbol 
_chem_comp_atom.pdbx_aromatic_flag 
_chem_comp_atom.pdbx_stereo_config 
_chem_comp_atom.pdbx_ordinal 
940 O6   O  N N 1   
940 S    S  N N 2   
940 O5   O  N N 3   
940 C31  C  N N 4   
940 N2   N  N N 5   
940 C30  C  Y N 6   
940 C28  C  Y N 7   
940 C29  C  N N 8   
940 C9   C  Y N 9   
940 C5   C  Y N 10  
940 C4   C  Y N 11  
940 C3   C  Y N 12  
940 C2   C  Y N 13  
940 C1   C  N N 14  
940 C7   C  Y N 15  
940 C8   C  N N 16  
940 C6   C  Y N 17  
940 C10  C  Y N 18  
940 C11  C  N N 19  
940 C12  C  Y N 20  
940 C21  C  Y N 21  
940 C22  C  N S 22  
940 O2   O  N N 23  
940 C23  C  N N 24  
940 C26  C  N N 25  
940 C25  C  N N 26  
940 C24  C  N N 27  
940 C27  C  N N 28  
940 O4   O  N N 29  
940 O3   O  N N 30  
940 C13  C  Y N 31  
940 C20  C  Y N 32  
940 C19  C  Y N 33  
940 C16  C  Y N 34  
940 C15  C  Y N 35  
940 C14  C  Y N 36  
940 O1   O  N N 37  
940 C17  C  N N 38  
940 C18  C  N N 39  
940 N1   N  N N 40  
940 H1   H  N N 41  
940 H2   H  N N 42  
940 H3   H  N N 43  
940 H4   H  N N 44  
940 H5   H  N N 45  
940 H6   H  N N 46  
940 H7   H  N N 47  
940 H8   H  N N 48  
940 H9   H  N N 49  
940 H10  H  N N 50  
940 H11  H  N N 51  
940 H12  H  N N 52  
940 H13  H  N N 53  
940 H14  H  N N 54  
940 H15  H  N N 55  
940 H16  H  N N 56  
940 H17  H  N N 57  
940 H18  H  N N 58  
940 H19  H  N N 59  
940 H20  H  N N 60  
940 H21  H  N N 61  
940 H22  H  N N 62  
940 H23  H  N N 63  
940 H24  H  N N 64  
940 H25  H  N N 65  
940 H26  H  N N 66  
940 H27  H  N N 67  
940 H28  H  N N 68  
940 H29  H  N N 69  
940 H30  H  N N 70  
940 H31  H  N N 71  
940 H32  H  N N 72  
940 H33  H  N N 73  
940 H34  H  N N 74  
940 H35  H  N N 75  
940 H36  H  N N 76  
940 H37  H  N N 77  
940 H38  H  N N 78  
ALA N    N  N N 79  
ALA CA   C  N S 80  
ALA C    C  N N 81  
ALA O    O  N N 82  
ALA CB   C  N N 83  
ALA OXT  O  N N 84  
ALA H    H  N N 85  
ALA H2   H  N N 86  
ALA HA   H  N N 87  
ALA HB1  H  N N 88  
ALA HB2  H  N N 89  
ALA HB3  H  N N 90  
ALA HXT  H  N N 91  
ARG N    N  N N 92  
ARG CA   C  N S 93  
ARG C    C  N N 94  
ARG O    O  N N 95  
ARG CB   C  N N 96  
ARG CG   C  N N 97  
ARG CD   C  N N 98  
ARG NE   N  N N 99  
ARG CZ   C  N N 100 
ARG NH1  N  N N 101 
ARG NH2  N  N N 102 
ARG OXT  O  N N 103 
ARG H    H  N N 104 
ARG H2   H  N N 105 
ARG HA   H  N N 106 
ARG HB2  H  N N 107 
ARG HB3  H  N N 108 
ARG HG2  H  N N 109 
ARG HG3  H  N N 110 
ARG HD2  H  N N 111 
ARG HD3  H  N N 112 
ARG HE   H  N N 113 
ARG HH11 H  N N 114 
ARG HH12 H  N N 115 
ARG HH21 H  N N 116 
ARG HH22 H  N N 117 
ARG HXT  H  N N 118 
ASN N    N  N N 119 
ASN CA   C  N S 120 
ASN C    C  N N 121 
ASN O    O  N N 122 
ASN CB   C  N N 123 
ASN CG   C  N N 124 
ASN OD1  O  N N 125 
ASN ND2  N  N N 126 
ASN OXT  O  N N 127 
ASN H    H  N N 128 
ASN H2   H  N N 129 
ASN HA   H  N N 130 
ASN HB2  H  N N 131 
ASN HB3  H  N N 132 
ASN HD21 H  N N 133 
ASN HD22 H  N N 134 
ASN HXT  H  N N 135 
ASP N    N  N N 136 
ASP CA   C  N S 137 
ASP C    C  N N 138 
ASP O    O  N N 139 
ASP CB   C  N N 140 
ASP CG   C  N N 141 
ASP OD1  O  N N 142 
ASP OD2  O  N N 143 
ASP OXT  O  N N 144 
ASP H    H  N N 145 
ASP H2   H  N N 146 
ASP HA   H  N N 147 
ASP HB2  H  N N 148 
ASP HB3  H  N N 149 
ASP HD2  H  N N 150 
ASP HXT  H  N N 151 
CAF N    N  N N 152 
CAF CA   C  N R 153 
CAF CB   C  N N 154 
CAF C    C  N N 155 
CAF O    O  N N 156 
CAF OXT  O  N N 157 
CAF SG   S  N N 158 
CAF AS   AS N N 159 
CAF CE1  C  N N 160 
CAF CE2  C  N N 161 
CAF O1   O  N N 162 
CAF H    H  N N 163 
CAF H2   H  N N 164 
CAF HA   H  N N 165 
CAF HB2  H  N N 166 
CAF HB3  H  N N 167 
CAF HXT  H  N N 168 
CAF HE11 H  N N 169 
CAF HE12 H  N N 170 
CAF HE13 H  N N 171 
CAF HE21 H  N N 172 
CAF HE22 H  N N 173 
CAF HE23 H  N N 174 
CYS N    N  N N 175 
CYS CA   C  N R 176 
CYS C    C  N N 177 
CYS O    O  N N 178 
CYS CB   C  N N 179 
CYS SG   S  N N 180 
CYS OXT  O  N N 181 
CYS H    H  N N 182 
CYS H2   H  N N 183 
CYS HA   H  N N 184 
CYS HB2  H  N N 185 
CYS HB3  H  N N 186 
CYS HG   H  N N 187 
CYS HXT  H  N N 188 
GLN N    N  N N 189 
GLN CA   C  N S 190 
GLN C    C  N N 191 
GLN O    O  N N 192 
GLN CB   C  N N 193 
GLN CG   C  N N 194 
GLN CD   C  N N 195 
GLN OE1  O  N N 196 
GLN NE2  N  N N 197 
GLN OXT  O  N N 198 
GLN H    H  N N 199 
GLN H2   H  N N 200 
GLN HA   H  N N 201 
GLN HB2  H  N N 202 
GLN HB3  H  N N 203 
GLN HG2  H  N N 204 
GLN HG3  H  N N 205 
GLN HE21 H  N N 206 
GLN HE22 H  N N 207 
GLN HXT  H  N N 208 
GLU N    N  N N 209 
GLU CA   C  N S 210 
GLU C    C  N N 211 
GLU O    O  N N 212 
GLU CB   C  N N 213 
GLU CG   C  N N 214 
GLU CD   C  N N 215 
GLU OE1  O  N N 216 
GLU OE2  O  N N 217 
GLU OXT  O  N N 218 
GLU H    H  N N 219 
GLU H2   H  N N 220 
GLU HA   H  N N 221 
GLU HB2  H  N N 222 
GLU HB3  H  N N 223 
GLU HG2  H  N N 224 
GLU HG3  H  N N 225 
GLU HE2  H  N N 226 
GLU HXT  H  N N 227 
GLY N    N  N N 228 
GLY CA   C  N N 229 
GLY C    C  N N 230 
GLY O    O  N N 231 
GLY OXT  O  N N 232 
GLY H    H  N N 233 
GLY H2   H  N N 234 
GLY HA2  H  N N 235 
GLY HA3  H  N N 236 
GLY HXT  H  N N 237 
HIS N    N  N N 238 
HIS CA   C  N S 239 
HIS C    C  N N 240 
HIS O    O  N N 241 
HIS CB   C  N N 242 
HIS CG   C  Y N 243 
HIS ND1  N  Y N 244 
HIS CD2  C  Y N 245 
HIS CE1  C  Y N 246 
HIS NE2  N  Y N 247 
HIS OXT  O  N N 248 
HIS H    H  N N 249 
HIS H2   H  N N 250 
HIS HA   H  N N 251 
HIS HB2  H  N N 252 
HIS HB3  H  N N 253 
HIS HD1  H  N N 254 
HIS HD2  H  N N 255 
HIS HE1  H  N N 256 
HIS HE2  H  N N 257 
HIS HXT  H  N N 258 
HOH O    O  N N 259 
HOH H1   H  N N 260 
HOH H2   H  N N 261 
ILE N    N  N N 262 
ILE CA   C  N S 263 
ILE C    C  N N 264 
ILE O    O  N N 265 
ILE CB   C  N S 266 
ILE CG1  C  N N 267 
ILE CG2  C  N N 268 
ILE CD1  C  N N 269 
ILE OXT  O  N N 270 
ILE H    H  N N 271 
ILE H2   H  N N 272 
ILE HA   H  N N 273 
ILE HB   H  N N 274 
ILE HG12 H  N N 275 
ILE HG13 H  N N 276 
ILE HG21 H  N N 277 
ILE HG22 H  N N 278 
ILE HG23 H  N N 279 
ILE HD11 H  N N 280 
ILE HD12 H  N N 281 
ILE HD13 H  N N 282 
ILE HXT  H  N N 283 
LEU N    N  N N 284 
LEU CA   C  N S 285 
LEU C    C  N N 286 
LEU O    O  N N 287 
LEU CB   C  N N 288 
LEU CG   C  N N 289 
LEU CD1  C  N N 290 
LEU CD2  C  N N 291 
LEU OXT  O  N N 292 
LEU H    H  N N 293 
LEU H2   H  N N 294 
LEU HA   H  N N 295 
LEU HB2  H  N N 296 
LEU HB3  H  N N 297 
LEU HG   H  N N 298 
LEU HD11 H  N N 299 
LEU HD12 H  N N 300 
LEU HD13 H  N N 301 
LEU HD21 H  N N 302 
LEU HD22 H  N N 303 
LEU HD23 H  N N 304 
LEU HXT  H  N N 305 
LYS N    N  N N 306 
LYS CA   C  N S 307 
LYS C    C  N N 308 
LYS O    O  N N 309 
LYS CB   C  N N 310 
LYS CG   C  N N 311 
LYS CD   C  N N 312 
LYS CE   C  N N 313 
LYS NZ   N  N N 314 
LYS OXT  O  N N 315 
LYS H    H  N N 316 
LYS H2   H  N N 317 
LYS HA   H  N N 318 
LYS HB2  H  N N 319 
LYS HB3  H  N N 320 
LYS HG2  H  N N 321 
LYS HG3  H  N N 322 
LYS HD2  H  N N 323 
LYS HD3  H  N N 324 
LYS HE2  H  N N 325 
LYS HE3  H  N N 326 
LYS HZ1  H  N N 327 
LYS HZ2  H  N N 328 
LYS HZ3  H  N N 329 
LYS HXT  H  N N 330 
MET N    N  N N 331 
MET CA   C  N S 332 
MET C    C  N N 333 
MET O    O  N N 334 
MET CB   C  N N 335 
MET CG   C  N N 336 
MET SD   S  N N 337 
MET CE   C  N N 338 
MET OXT  O  N N 339 
MET H    H  N N 340 
MET H2   H  N N 341 
MET HA   H  N N 342 
MET HB2  H  N N 343 
MET HB3  H  N N 344 
MET HG2  H  N N 345 
MET HG3  H  N N 346 
MET HE1  H  N N 347 
MET HE2  H  N N 348 
MET HE3  H  N N 349 
MET HXT  H  N N 350 
PGE C1   C  N N 351 
PGE O1   O  N N 352 
PGE C2   C  N N 353 
PGE O2   O  N N 354 
PGE C3   C  N N 355 
PGE C4   C  N N 356 
PGE O4   O  N N 357 
PGE C6   C  N N 358 
PGE C5   C  N N 359 
PGE O3   O  N N 360 
PGE H1   H  N N 361 
PGE H12  H  N N 362 
PGE HO1  H  N N 363 
PGE H2   H  N N 364 
PGE H22  H  N N 365 
PGE H3   H  N N 366 
PGE H32  H  N N 367 
PGE H4   H  N N 368 
PGE H42  H  N N 369 
PGE HO4  H  N N 370 
PGE H6   H  N N 371 
PGE H62  H  N N 372 
PGE H5   H  N N 373 
PGE H52  H  N N 374 
PHE N    N  N N 375 
PHE CA   C  N S 376 
PHE C    C  N N 377 
PHE O    O  N N 378 
PHE CB   C  N N 379 
PHE CG   C  Y N 380 
PHE CD1  C  Y N 381 
PHE CD2  C  Y N 382 
PHE CE1  C  Y N 383 
PHE CE2  C  Y N 384 
PHE CZ   C  Y N 385 
PHE OXT  O  N N 386 
PHE H    H  N N 387 
PHE H2   H  N N 388 
PHE HA   H  N N 389 
PHE HB2  H  N N 390 
PHE HB3  H  N N 391 
PHE HD1  H  N N 392 
PHE HD2  H  N N 393 
PHE HE1  H  N N 394 
PHE HE2  H  N N 395 
PHE HZ   H  N N 396 
PHE HXT  H  N N 397 
PRO N    N  N N 398 
PRO CA   C  N S 399 
PRO C    C  N N 400 
PRO O    O  N N 401 
PRO CB   C  N N 402 
PRO CG   C  N N 403 
PRO CD   C  N N 404 
PRO OXT  O  N N 405 
PRO H    H  N N 406 
PRO HA   H  N N 407 
PRO HB2  H  N N 408 
PRO HB3  H  N N 409 
PRO HG2  H  N N 410 
PRO HG3  H  N N 411 
PRO HD2  H  N N 412 
PRO HD3  H  N N 413 
PRO HXT  H  N N 414 
SER N    N  N N 415 
SER CA   C  N S 416 
SER C    C  N N 417 
SER O    O  N N 418 
SER CB   C  N N 419 
SER OG   O  N N 420 
SER OXT  O  N N 421 
SER H    H  N N 422 
SER H2   H  N N 423 
SER HA   H  N N 424 
SER HB2  H  N N 425 
SER HB3  H  N N 426 
SER HG   H  N N 427 
SER HXT  H  N N 428 
SO4 S    S  N N 429 
SO4 O1   O  N N 430 
SO4 O2   O  N N 431 
SO4 O3   O  N N 432 
SO4 O4   O  N N 433 
THR N    N  N N 434 
THR CA   C  N S 435 
THR C    C  N N 436 
THR O    O  N N 437 
THR CB   C  N R 438 
THR OG1  O  N N 439 
THR CG2  C  N N 440 
THR OXT  O  N N 441 
THR H    H  N N 442 
THR H2   H  N N 443 
THR HA   H  N N 444 
THR HB   H  N N 445 
THR HG1  H  N N 446 
THR HG21 H  N N 447 
THR HG22 H  N N 448 
THR HG23 H  N N 449 
THR HXT  H  N N 450 
TRP N    N  N N 451 
TRP CA   C  N S 452 
TRP C    C  N N 453 
TRP O    O  N N 454 
TRP CB   C  N N 455 
TRP CG   C  Y N 456 
TRP CD1  C  Y N 457 
TRP CD2  C  Y N 458 
TRP NE1  N  Y N 459 
TRP CE2  C  Y N 460 
TRP CE3  C  Y N 461 
TRP CZ2  C  Y N 462 
TRP CZ3  C  Y N 463 
TRP CH2  C  Y N 464 
TRP OXT  O  N N 465 
TRP H    H  N N 466 
TRP H2   H  N N 467 
TRP HA   H  N N 468 
TRP HB2  H  N N 469 
TRP HB3  H  N N 470 
TRP HD1  H  N N 471 
TRP HE1  H  N N 472 
TRP HE3  H  N N 473 
TRP HZ2  H  N N 474 
TRP HZ3  H  N N 475 
TRP HH2  H  N N 476 
TRP HXT  H  N N 477 
TYR N    N  N N 478 
TYR CA   C  N S 479 
TYR C    C  N N 480 
TYR O    O  N N 481 
TYR CB   C  N N 482 
TYR CG   C  Y N 483 
TYR CD1  C  Y N 484 
TYR CD2  C  Y N 485 
TYR CE1  C  Y N 486 
TYR CE2  C  Y N 487 
TYR CZ   C  Y N 488 
TYR OH   O  N N 489 
TYR OXT  O  N N 490 
TYR H    H  N N 491 
TYR H2   H  N N 492 
TYR HA   H  N N 493 
TYR HB2  H  N N 494 
TYR HB3  H  N N 495 
TYR HD1  H  N N 496 
TYR HD2  H  N N 497 
TYR HE1  H  N N 498 
TYR HE2  H  N N 499 
TYR HH   H  N N 500 
TYR HXT  H  N N 501 
VAL N    N  N N 502 
VAL CA   C  N S 503 
VAL C    C  N N 504 
VAL O    O  N N 505 
VAL CB   C  N N 506 
VAL CG1  C  N N 507 
VAL CG2  C  N N 508 
VAL OXT  O  N N 509 
VAL H    H  N N 510 
VAL H2   H  N N 511 
VAL HA   H  N N 512 
VAL HB   H  N N 513 
VAL HG11 H  N N 514 
VAL HG12 H  N N 515 
VAL HG13 H  N N 516 
VAL HG21 H  N N 517 
VAL HG22 H  N N 518 
VAL HG23 H  N N 519 
VAL HXT  H  N N 520 
# 
loop_
_chem_comp_bond.comp_id 
_chem_comp_bond.atom_id_1 
_chem_comp_bond.atom_id_2 
_chem_comp_bond.value_order 
_chem_comp_bond.pdbx_aromatic_flag 
_chem_comp_bond.pdbx_stereo_config 
_chem_comp_bond.pdbx_ordinal 
940 C18 N1   sing N N 1   
940 C18 C17  sing N N 2   
940 N1  C15  sing N N 3   
940 O4  C27  doub N N 4   
940 O3  C27  sing N N 5   
940 C8  C7   sing N N 6   
940 C17 O1   sing N N 7   
940 C27 C22  sing N N 8   
940 C15 C14  doub Y N 9   
940 C15 C16  sing Y N 10  
940 C14 C13  sing Y N 11  
940 C6  C7   doub Y N 12  
940 C6  C5   sing Y N 13  
940 C7  C2   sing Y N 14  
940 O1  C16  sing N N 15  
940 C16 C19  doub Y N 16  
940 C22 C21  sing N N 17  
940 C22 O2   sing N N 18  
940 C13 C12  sing N N 19  
940 C13 C20  doub Y N 20  
940 C21 C12  doub Y N 21  
940 C21 C28  sing Y N 22  
940 C12 C10  sing Y N 23  
940 C29 C28  sing N N 24  
940 C28 C30  doub Y N 25  
940 C10 C11  sing N N 26  
940 C10 C9   doub Y N 27  
940 C30 C9   sing Y N 28  
940 C30 N2   sing N N 29  
940 C9  C5   sing N N 30  
940 N2  S    sing N N 31  
940 C5  C4   doub Y N 32  
940 O2  C23  sing N N 33  
940 C2  C1   sing N N 34  
940 C2  C3   doub Y N 35  
940 C19 C20  sing Y N 36  
940 C26 C23  sing N N 37  
940 O5  S    doub N N 38  
940 C4  C3   sing Y N 39  
940 S   C31  sing N N 40  
940 S   O6   doub N N 41  
940 C23 C25  sing N N 42  
940 C23 C24  sing N N 43  
940 C31 H1   sing N N 44  
940 C31 H2   sing N N 45  
940 C31 H3   sing N N 46  
940 N2  H4   sing N N 47  
940 C29 H5   sing N N 48  
940 C29 H6   sing N N 49  
940 C29 H7   sing N N 50  
940 C4  H8   sing N N 51  
940 C3  H9   sing N N 52  
940 C1  H10  sing N N 53  
940 C1  H11  sing N N 54  
940 C1  H12  sing N N 55  
940 C8  H13  sing N N 56  
940 C8  H14  sing N N 57  
940 C8  H15  sing N N 58  
940 C6  H16  sing N N 59  
940 C11 H17  sing N N 60  
940 C11 H18  sing N N 61  
940 C11 H19  sing N N 62  
940 C22 H20  sing N N 63  
940 C26 H21  sing N N 64  
940 C26 H22  sing N N 65  
940 C26 H23  sing N N 66  
940 C25 H24  sing N N 67  
940 C25 H25  sing N N 68  
940 C25 H26  sing N N 69  
940 C24 H27  sing N N 70  
940 C24 H28  sing N N 71  
940 C24 H29  sing N N 72  
940 O3  H30  sing N N 73  
940 C20 H31  sing N N 74  
940 C19 H32  sing N N 75  
940 C14 H33  sing N N 76  
940 C17 H34  sing N N 77  
940 C17 H35  sing N N 78  
940 C18 H36  sing N N 79  
940 C18 H37  sing N N 80  
940 N1  H38  sing N N 81  
ALA N   CA   sing N N 82  
ALA N   H    sing N N 83  
ALA N   H2   sing N N 84  
ALA CA  C    sing N N 85  
ALA CA  CB   sing N N 86  
ALA CA  HA   sing N N 87  
ALA C   O    doub N N 88  
ALA C   OXT  sing N N 89  
ALA CB  HB1  sing N N 90  
ALA CB  HB2  sing N N 91  
ALA CB  HB3  sing N N 92  
ALA OXT HXT  sing N N 93  
ARG N   CA   sing N N 94  
ARG N   H    sing N N 95  
ARG N   H2   sing N N 96  
ARG CA  C    sing N N 97  
ARG CA  CB   sing N N 98  
ARG CA  HA   sing N N 99  
ARG C   O    doub N N 100 
ARG C   OXT  sing N N 101 
ARG CB  CG   sing N N 102 
ARG CB  HB2  sing N N 103 
ARG CB  HB3  sing N N 104 
ARG CG  CD   sing N N 105 
ARG CG  HG2  sing N N 106 
ARG CG  HG3  sing N N 107 
ARG CD  NE   sing N N 108 
ARG CD  HD2  sing N N 109 
ARG CD  HD3  sing N N 110 
ARG NE  CZ   sing N N 111 
ARG NE  HE   sing N N 112 
ARG CZ  NH1  sing N N 113 
ARG CZ  NH2  doub N N 114 
ARG NH1 HH11 sing N N 115 
ARG NH1 HH12 sing N N 116 
ARG NH2 HH21 sing N N 117 
ARG NH2 HH22 sing N N 118 
ARG OXT HXT  sing N N 119 
ASN N   CA   sing N N 120 
ASN N   H    sing N N 121 
ASN N   H2   sing N N 122 
ASN CA  C    sing N N 123 
ASN CA  CB   sing N N 124 
ASN CA  HA   sing N N 125 
ASN C   O    doub N N 126 
ASN C   OXT  sing N N 127 
ASN CB  CG   sing N N 128 
ASN CB  HB2  sing N N 129 
ASN CB  HB3  sing N N 130 
ASN CG  OD1  doub N N 131 
ASN CG  ND2  sing N N 132 
ASN ND2 HD21 sing N N 133 
ASN ND2 HD22 sing N N 134 
ASN OXT HXT  sing N N 135 
ASP N   CA   sing N N 136 
ASP N   H    sing N N 137 
ASP N   H2   sing N N 138 
ASP CA  C    sing N N 139 
ASP CA  CB   sing N N 140 
ASP CA  HA   sing N N 141 
ASP C   O    doub N N 142 
ASP C   OXT  sing N N 143 
ASP CB  CG   sing N N 144 
ASP CB  HB2  sing N N 145 
ASP CB  HB3  sing N N 146 
ASP CG  OD1  doub N N 147 
ASP CG  OD2  sing N N 148 
ASP OD2 HD2  sing N N 149 
ASP OXT HXT  sing N N 150 
CAF N   CA   sing N N 151 
CAF N   H    sing N N 152 
CAF N   H2   sing N N 153 
CAF CA  CB   sing N N 154 
CAF CA  C    sing N N 155 
CAF CA  HA   sing N N 156 
CAF CB  SG   sing N N 157 
CAF CB  HB2  sing N N 158 
CAF CB  HB3  sing N N 159 
CAF C   O    doub N N 160 
CAF C   OXT  sing N N 161 
CAF OXT HXT  sing N N 162 
CAF SG  AS   sing N N 163 
CAF AS  CE1  sing N N 164 
CAF AS  CE2  sing N N 165 
CAF AS  O1   doub N N 166 
CAF CE1 HE11 sing N N 167 
CAF CE1 HE12 sing N N 168 
CAF CE1 HE13 sing N N 169 
CAF CE2 HE21 sing N N 170 
CAF CE2 HE22 sing N N 171 
CAF CE2 HE23 sing N N 172 
CYS N   CA   sing N N 173 
CYS N   H    sing N N 174 
CYS N   H2   sing N N 175 
CYS CA  C    sing N N 176 
CYS CA  CB   sing N N 177 
CYS CA  HA   sing N N 178 
CYS C   O    doub N N 179 
CYS C   OXT  sing N N 180 
CYS CB  SG   sing N N 181 
CYS CB  HB2  sing N N 182 
CYS CB  HB3  sing N N 183 
CYS SG  HG   sing N N 184 
CYS OXT HXT  sing N N 185 
GLN N   CA   sing N N 186 
GLN N   H    sing N N 187 
GLN N   H2   sing N N 188 
GLN CA  C    sing N N 189 
GLN CA  CB   sing N N 190 
GLN CA  HA   sing N N 191 
GLN C   O    doub N N 192 
GLN C   OXT  sing N N 193 
GLN CB  CG   sing N N 194 
GLN CB  HB2  sing N N 195 
GLN CB  HB3  sing N N 196 
GLN CG  CD   sing N N 197 
GLN CG  HG2  sing N N 198 
GLN CG  HG3  sing N N 199 
GLN CD  OE1  doub N N 200 
GLN CD  NE2  sing N N 201 
GLN NE2 HE21 sing N N 202 
GLN NE2 HE22 sing N N 203 
GLN OXT HXT  sing N N 204 
GLU N   CA   sing N N 205 
GLU N   H    sing N N 206 
GLU N   H2   sing N N 207 
GLU CA  C    sing N N 208 
GLU CA  CB   sing N N 209 
GLU CA  HA   sing N N 210 
GLU C   O    doub N N 211 
GLU C   OXT  sing N N 212 
GLU CB  CG   sing N N 213 
GLU CB  HB2  sing N N 214 
GLU CB  HB3  sing N N 215 
GLU CG  CD   sing N N 216 
GLU CG  HG2  sing N N 217 
GLU CG  HG3  sing N N 218 
GLU CD  OE1  doub N N 219 
GLU CD  OE2  sing N N 220 
GLU OE2 HE2  sing N N 221 
GLU OXT HXT  sing N N 222 
GLY N   CA   sing N N 223 
GLY N   H    sing N N 224 
GLY N   H2   sing N N 225 
GLY CA  C    sing N N 226 
GLY CA  HA2  sing N N 227 
GLY CA  HA3  sing N N 228 
GLY C   O    doub N N 229 
GLY C   OXT  sing N N 230 
GLY OXT HXT  sing N N 231 
HIS N   CA   sing N N 232 
HIS N   H    sing N N 233 
HIS N   H2   sing N N 234 
HIS CA  C    sing N N 235 
HIS CA  CB   sing N N 236 
HIS CA  HA   sing N N 237 
HIS C   O    doub N N 238 
HIS C   OXT  sing N N 239 
HIS CB  CG   sing N N 240 
HIS CB  HB2  sing N N 241 
HIS CB  HB3  sing N N 242 
HIS CG  ND1  sing Y N 243 
HIS CG  CD2  doub Y N 244 
HIS ND1 CE1  doub Y N 245 
HIS ND1 HD1  sing N N 246 
HIS CD2 NE2  sing Y N 247 
HIS CD2 HD2  sing N N 248 
HIS CE1 NE2  sing Y N 249 
HIS CE1 HE1  sing N N 250 
HIS NE2 HE2  sing N N 251 
HIS OXT HXT  sing N N 252 
HOH O   H1   sing N N 253 
HOH O   H2   sing N N 254 
ILE N   CA   sing N N 255 
ILE N   H    sing N N 256 
ILE N   H2   sing N N 257 
ILE CA  C    sing N N 258 
ILE CA  CB   sing N N 259 
ILE CA  HA   sing N N 260 
ILE C   O    doub N N 261 
ILE C   OXT  sing N N 262 
ILE CB  CG1  sing N N 263 
ILE CB  CG2  sing N N 264 
ILE CB  HB   sing N N 265 
ILE CG1 CD1  sing N N 266 
ILE CG1 HG12 sing N N 267 
ILE CG1 HG13 sing N N 268 
ILE CG2 HG21 sing N N 269 
ILE CG2 HG22 sing N N 270 
ILE CG2 HG23 sing N N 271 
ILE CD1 HD11 sing N N 272 
ILE CD1 HD12 sing N N 273 
ILE CD1 HD13 sing N N 274 
ILE OXT HXT  sing N N 275 
LEU N   CA   sing N N 276 
LEU N   H    sing N N 277 
LEU N   H2   sing N N 278 
LEU CA  C    sing N N 279 
LEU CA  CB   sing N N 280 
LEU CA  HA   sing N N 281 
LEU C   O    doub N N 282 
LEU C   OXT  sing N N 283 
LEU CB  CG   sing N N 284 
LEU CB  HB2  sing N N 285 
LEU CB  HB3  sing N N 286 
LEU CG  CD1  sing N N 287 
LEU CG  CD2  sing N N 288 
LEU CG  HG   sing N N 289 
LEU CD1 HD11 sing N N 290 
LEU CD1 HD12 sing N N 291 
LEU CD1 HD13 sing N N 292 
LEU CD2 HD21 sing N N 293 
LEU CD2 HD22 sing N N 294 
LEU CD2 HD23 sing N N 295 
LEU OXT HXT  sing N N 296 
LYS N   CA   sing N N 297 
LYS N   H    sing N N 298 
LYS N   H2   sing N N 299 
LYS CA  C    sing N N 300 
LYS CA  CB   sing N N 301 
LYS CA  HA   sing N N 302 
LYS C   O    doub N N 303 
LYS C   OXT  sing N N 304 
LYS CB  CG   sing N N 305 
LYS CB  HB2  sing N N 306 
LYS CB  HB3  sing N N 307 
LYS CG  CD   sing N N 308 
LYS CG  HG2  sing N N 309 
LYS CG  HG3  sing N N 310 
LYS CD  CE   sing N N 311 
LYS CD  HD2  sing N N 312 
LYS CD  HD3  sing N N 313 
LYS CE  NZ   sing N N 314 
LYS CE  HE2  sing N N 315 
LYS CE  HE3  sing N N 316 
LYS NZ  HZ1  sing N N 317 
LYS NZ  HZ2  sing N N 318 
LYS NZ  HZ3  sing N N 319 
LYS OXT HXT  sing N N 320 
MET N   CA   sing N N 321 
MET N   H    sing N N 322 
MET N   H2   sing N N 323 
MET CA  C    sing N N 324 
MET CA  CB   sing N N 325 
MET CA  HA   sing N N 326 
MET C   O    doub N N 327 
MET C   OXT  sing N N 328 
MET CB  CG   sing N N 329 
MET CB  HB2  sing N N 330 
MET CB  HB3  sing N N 331 
MET CG  SD   sing N N 332 
MET CG  HG2  sing N N 333 
MET CG  HG3  sing N N 334 
MET SD  CE   sing N N 335 
MET CE  HE1  sing N N 336 
MET CE  HE2  sing N N 337 
MET CE  HE3  sing N N 338 
MET OXT HXT  sing N N 339 
PGE C1  O1   sing N N 340 
PGE C1  C2   sing N N 341 
PGE C1  H1   sing N N 342 
PGE C1  H12  sing N N 343 
PGE O1  HO1  sing N N 344 
PGE C2  O2   sing N N 345 
PGE C2  H2   sing N N 346 
PGE C2  H22  sing N N 347 
PGE O2  C3   sing N N 348 
PGE C3  C4   sing N N 349 
PGE C3  H3   sing N N 350 
PGE C3  H32  sing N N 351 
PGE C4  O3   sing N N 352 
PGE C4  H4   sing N N 353 
PGE C4  H42  sing N N 354 
PGE O4  C6   sing N N 355 
PGE O4  HO4  sing N N 356 
PGE C6  C5   sing N N 357 
PGE C6  H6   sing N N 358 
PGE C6  H62  sing N N 359 
PGE C5  O3   sing N N 360 
PGE C5  H5   sing N N 361 
PGE C5  H52  sing N N 362 
PHE N   CA   sing N N 363 
PHE N   H    sing N N 364 
PHE N   H2   sing N N 365 
PHE CA  C    sing N N 366 
PHE CA  CB   sing N N 367 
PHE CA  HA   sing N N 368 
PHE C   O    doub N N 369 
PHE C   OXT  sing N N 370 
PHE CB  CG   sing N N 371 
PHE CB  HB2  sing N N 372 
PHE CB  HB3  sing N N 373 
PHE CG  CD1  doub Y N 374 
PHE CG  CD2  sing Y N 375 
PHE CD1 CE1  sing Y N 376 
PHE CD1 HD1  sing N N 377 
PHE CD2 CE2  doub Y N 378 
PHE CD2 HD2  sing N N 379 
PHE CE1 CZ   doub Y N 380 
PHE CE1 HE1  sing N N 381 
PHE CE2 CZ   sing Y N 382 
PHE CE2 HE2  sing N N 383 
PHE CZ  HZ   sing N N 384 
PHE OXT HXT  sing N N 385 
PRO N   CA   sing N N 386 
PRO N   CD   sing N N 387 
PRO N   H    sing N N 388 
PRO CA  C    sing N N 389 
PRO CA  CB   sing N N 390 
PRO CA  HA   sing N N 391 
PRO C   O    doub N N 392 
PRO C   OXT  sing N N 393 
PRO CB  CG   sing N N 394 
PRO CB  HB2  sing N N 395 
PRO CB  HB3  sing N N 396 
PRO CG  CD   sing N N 397 
PRO CG  HG2  sing N N 398 
PRO CG  HG3  sing N N 399 
PRO CD  HD2  sing N N 400 
PRO CD  HD3  sing N N 401 
PRO OXT HXT  sing N N 402 
SER N   CA   sing N N 403 
SER N   H    sing N N 404 
SER N   H2   sing N N 405 
SER CA  C    sing N N 406 
SER CA  CB   sing N N 407 
SER CA  HA   sing N N 408 
SER C   O    doub N N 409 
SER C   OXT  sing N N 410 
SER CB  OG   sing N N 411 
SER CB  HB2  sing N N 412 
SER CB  HB3  sing N N 413 
SER OG  HG   sing N N 414 
SER OXT HXT  sing N N 415 
SO4 S   O1   doub N N 416 
SO4 S   O2   doub N N 417 
SO4 S   O3   sing N N 418 
SO4 S   O4   sing N N 419 
THR N   CA   sing N N 420 
THR N   H    sing N N 421 
THR N   H2   sing N N 422 
THR CA  C    sing N N 423 
THR CA  CB   sing N N 424 
THR CA  HA   sing N N 425 
THR C   O    doub N N 426 
THR C   OXT  sing N N 427 
THR CB  OG1  sing N N 428 
THR CB  CG2  sing N N 429 
THR CB  HB   sing N N 430 
THR OG1 HG1  sing N N 431 
THR CG2 HG21 sing N N 432 
THR CG2 HG22 sing N N 433 
THR CG2 HG23 sing N N 434 
THR OXT HXT  sing N N 435 
TRP N   CA   sing N N 436 
TRP N   H    sing N N 437 
TRP N   H2   sing N N 438 
TRP CA  C    sing N N 439 
TRP CA  CB   sing N N 440 
TRP CA  HA   sing N N 441 
TRP C   O    doub N N 442 
TRP C   OXT  sing N N 443 
TRP CB  CG   sing N N 444 
TRP CB  HB2  sing N N 445 
TRP CB  HB3  sing N N 446 
TRP CG  CD1  doub Y N 447 
TRP CG  CD2  sing Y N 448 
TRP CD1 NE1  sing Y N 449 
TRP CD1 HD1  sing N N 450 
TRP CD2 CE2  doub Y N 451 
TRP CD2 CE3  sing Y N 452 
TRP NE1 CE2  sing Y N 453 
TRP NE1 HE1  sing N N 454 
TRP CE2 CZ2  sing Y N 455 
TRP CE3 CZ3  doub Y N 456 
TRP CE3 HE3  sing N N 457 
TRP CZ2 CH2  doub Y N 458 
TRP CZ2 HZ2  sing N N 459 
TRP CZ3 CH2  sing Y N 460 
TRP CZ3 HZ3  sing N N 461 
TRP CH2 HH2  sing N N 462 
TRP OXT HXT  sing N N 463 
TYR N   CA   sing N N 464 
TYR N   H    sing N N 465 
TYR N   H2   sing N N 466 
TYR CA  C    sing N N 467 
TYR CA  CB   sing N N 468 
TYR CA  HA   sing N N 469 
TYR C   O    doub N N 470 
TYR C   OXT  sing N N 471 
TYR CB  CG   sing N N 472 
TYR CB  HB2  sing N N 473 
TYR CB  HB3  sing N N 474 
TYR CG  CD1  doub Y N 475 
TYR CG  CD2  sing Y N 476 
TYR CD1 CE1  sing Y N 477 
TYR CD1 HD1  sing N N 478 
TYR CD2 CE2  doub Y N 479 
TYR CD2 HD2  sing N N 480 
TYR CE1 CZ   doub Y N 481 
TYR CE1 HE1  sing N N 482 
TYR CE2 CZ   sing Y N 483 
TYR CE2 HE2  sing N N 484 
TYR CZ  OH   sing N N 485 
TYR OH  HH   sing N N 486 
TYR OXT HXT  sing N N 487 
VAL N   CA   sing N N 488 
VAL N   H    sing N N 489 
VAL N   H2   sing N N 490 
VAL CA  C    sing N N 491 
VAL CA  CB   sing N N 492 
VAL CA  HA   sing N N 493 
VAL C   O    doub N N 494 
VAL C   OXT  sing N N 495 
VAL CB  CG1  sing N N 496 
VAL CB  CG2  sing N N 497 
VAL CB  HB   sing N N 498 
VAL CG1 HG11 sing N N 499 
VAL CG1 HG12 sing N N 500 
VAL CG1 HG13 sing N N 501 
VAL CG2 HG21 sing N N 502 
VAL CG2 HG22 sing N N 503 
VAL CG2 HG23 sing N N 504 
VAL OXT HXT  sing N N 505 
# 
_pdbx_initial_refinement_model.id               1 
_pdbx_initial_refinement_model.entity_id_list   ? 
_pdbx_initial_refinement_model.type             'experimental model' 
_pdbx_initial_refinement_model.source_name      PDB 
_pdbx_initial_refinement_model.accession_code   3LPT 
_pdbx_initial_refinement_model.details          ? 
# 
_atom_sites.entry_id                    6LMQ 
_atom_sites.Cartn_transf_matrix[1][1]   ? 
_atom_sites.Cartn_transf_matrix[1][2]   ? 
_atom_sites.Cartn_transf_matrix[1][3]   ? 
_atom_sites.Cartn_transf_matrix[2][1]   ? 
_atom_sites.Cartn_transf_matrix[2][2]   ? 
_atom_sites.Cartn_transf_matrix[2][3]   ? 
_atom_sites.Cartn_transf_matrix[3][1]   ? 
_atom_sites.Cartn_transf_matrix[3][2]   ? 
_atom_sites.Cartn_transf_matrix[3][3]   ? 
_atom_sites.Cartn_transf_vector[1]      ? 
_atom_sites.Cartn_transf_vector[2]      ? 
_atom_sites.Cartn_transf_vector[3]      ? 
_atom_sites.fract_transf_matrix[1][1]   -0.01417480 
_atom_sites.fract_transf_matrix[1][2]   0.00610037 
_atom_sites.fract_transf_matrix[1][3]   0.00445975 
_atom_sites.fract_transf_matrix[2][1]   -0.00200719 
_atom_sites.fract_transf_matrix[2][2]   0.00556870 
_atom_sites.fract_transf_matrix[2][3]   0.01493254 
_atom_sites.fract_transf_matrix[3][1]   0.00452585 
_atom_sites.fract_transf_matrix[3][2]   0.01384648 
_atom_sites.fract_transf_matrix[3][3]   -0.00455533 
_atom_sites.fract_transf_vector[1]      0.096249 
_atom_sites.fract_transf_vector[2]      -0.426110 
_atom_sites.fract_transf_vector[3]      -0.210830 
_atom_sites.solution_primary            ? 
_atom_sites.solution_secondary          ? 
_atom_sites.solution_hydrogens          ? 
_atom_sites.special_details             ? 
# 
loop_
_atom_type.symbol 
AS 
C  
N  
O  
S  
# 
loop_
_atom_site.group_PDB 
_atom_site.id 
_atom_site.type_symbol 
_atom_site.label_atom_id 
_atom_site.label_alt_id 
_atom_site.label_comp_id 
_atom_site.label_asym_id 
_atom_site.label_entity_id 
_atom_site.label_seq_id 
_atom_site.pdbx_PDB_ins_code 
_atom_site.Cartn_x 
_atom_site.Cartn_y 
_atom_site.Cartn_z 
_atom_site.occupancy 
_atom_site.B_iso_or_equiv 
_atom_site.pdbx_formal_charge 
_atom_site.auth_seq_id 
_atom_site.auth_comp_id 
_atom_site.auth_asym_id 
_atom_site.auth_atom_id 
_atom_site.pdbx_PDB_model_num 
ATOM   1    N  N   . CYS A 1 10  ? 0.860   7.444   13.988  1.00 72.62 ? 56  CYS A N   1 
ATOM   2    C  CA  . CYS A 1 10  ? 1.318   6.674   15.141  1.00 72.11 ? 56  CYS A CA  1 
ATOM   3    C  C   . CYS A 1 10  ? 0.613   5.332   15.340  1.00 70.13 ? 56  CYS A C   1 
ATOM   4    O  O   . CYS A 1 10  ? 1.223   4.382   15.814  1.00 70.02 ? 56  CYS A O   1 
ATOM   5    C  CB  . CYS A 1 10  ? 1.257   7.492   16.449  1.00 73.61 ? 56  CYS A CB  1 
ATOM   6    S  SG  . CYS A 1 10  ? 0.054   8.834   16.593  1.00 78.07 ? 56  CYS A SG  1 
ATOM   7    N  N   . SER A 1 11  ? -0.662  5.254   14.987  1.00 66.69 ? 57  SER A N   1 
ATOM   8    C  CA  . SER A 1 11  ? -1.399  4.019   15.178  1.00 63.14 ? 57  SER A CA  1 
ATOM   9    C  C   . SER A 1 11  ? -0.934  2.871   14.260  1.00 59.45 ? 57  SER A C   1 
ATOM   10   O  O   . SER A 1 11  ? -0.732  3.047   13.078  1.00 59.37 ? 57  SER A O   1 
ATOM   11   C  CB  . SER A 1 11  ? -2.887  4.283   15.048  1.00 64.12 ? 57  SER A CB  1 
ATOM   12   O  OG  . SER A 1 11  ? -3.640  3.293   15.708  1.00 66.15 ? 57  SER A OG  1 
ATOM   13   N  N   . PRO A 1 12  ? -0.782  1.704   14.859  1.00 54.63 ? 58  PRO A N   1 
ATOM   14   C  CA  . PRO A 1 12  ? -0.208  0.479   14.285  1.00 50.76 ? 58  PRO A CA  1 
ATOM   15   C  C   . PRO A 1 12  ? -0.941  -0.212  13.121  1.00 45.89 ? 58  PRO A C   1 
ATOM   16   O  O   . PRO A 1 12  ? -0.310  -0.866  12.319  1.00 42.94 ? 58  PRO A O   1 
ATOM   17   C  CB  . PRO A 1 12  ? -0.147  -0.453  15.493  1.00 51.64 ? 58  PRO A CB  1 
ATOM   18   C  CG  . PRO A 1 12  ? -0.090  0.453   16.647  1.00 53.98 ? 58  PRO A CG  1 
ATOM   19   C  CD  . PRO A 1 12  ? -0.946  1.596   16.305  1.00 54.61 ? 58  PRO A CD  1 
ATOM   20   N  N   . GLY A 1 13  ? -2.259  -0.094  13.105  1.00 41.86 ? 59  GLY A N   1 
ATOM   21   C  CA  . GLY A 1 13  ? -3.117  -0.725  12.126  1.00 35.84 ? 59  GLY A CA  1 
ATOM   22   C  C   . GLY A 1 13  ? -3.619  0.131   10.984  1.00 33.54 ? 59  GLY A C   1 
ATOM   23   O  O   . GLY A 1 13  ? -4.473  -0.286  10.271  1.00 32.07 ? 59  GLY A O   1 
ATOM   24   N  N   . ILE A 1 14  ? -3.098  1.326   10.822  1.00 31.76 ? 60  ILE A N   1 
ATOM   25   C  CA  . ILE A 1 14  ? -3.636  2.240   9.834   1.00 32.27 ? 60  ILE A CA  1 
ATOM   26   C  C   . ILE A 1 14  ? -2.860  2.220   8.548   1.00 30.71 ? 60  ILE A C   1 
ATOM   27   O  O   . ILE A 1 14  ? -1.699  2.362   8.566   1.00 31.13 ? 60  ILE A O   1 
ATOM   28   C  CB  . ILE A 1 14  ? -3.656  3.674   10.347  1.00 33.86 ? 60  ILE A CB  1 
ATOM   29   C  CG1 . ILE A 1 14  ? -4.576  3.807   11.541  1.00 39.61 ? 60  ILE A CG1 1 
ATOM   30   C  CG2 . ILE A 1 14  ? -4.126  4.590   9.286   1.00 34.67 ? 60  ILE A CG2 1 
ATOM   31   C  CD1 . ILE A 1 14  ? -4.102  4.776   12.582  1.00 50.06 ? 60  ILE A CD1 1 
ATOM   32   N  N   . TRP A 1 15  ? -3.544  2.039   7.439   1.00 29.40 ? 61  TRP A N   1 
ATOM   33   C  CA  . TRP A 1 15  ? -2.921  1.904   6.141   1.00 28.02 ? 61  TRP A CA  1 
ATOM   34   C  C   . TRP A 1 15  ? -3.611  2.812   5.160   1.00 30.27 ? 61  TRP A C   1 
ATOM   35   O  O   . TRP A 1 15  ? -4.758  3.075   5.284   1.00 28.98 ? 61  TRP A O   1 
ATOM   36   C  CB  . TRP A 1 15  ? -3.014  0.476   5.609   1.00 28.40 ? 61  TRP A CB  1 
ATOM   37   C  CG  . TRP A 1 15  ? -2.179  -0.526  6.300   1.00 24.57 ? 61  TRP A CG  1 
ATOM   38   C  CD1 . TRP A 1 15  ? -2.408  -1.073  7.489   1.00 23.57 ? 61  TRP A CD1 1 
ATOM   39   C  CD2 . TRP A 1 15  ? -0.969  -1.088  5.831   1.00 22.39 ? 61  TRP A CD2 1 
ATOM   40   N  NE1 . TRP A 1 15  ? -1.439  -1.948  7.803   1.00 23.73 ? 61  TRP A NE1 1 
ATOM   41   C  CE2 . TRP A 1 15  ? -0.528  -1.972  6.799   1.00 26.17 ? 61  TRP A CE2 1 
ATOM   42   C  CE3 . TRP A 1 15  ? -0.207  -0.925  4.684   1.00 23.44 ? 61  TRP A CE3 1 
ATOM   43   C  CZ2 . TRP A 1 15  ? 0.622   -2.696  6.660   1.00 25.67 ? 61  TRP A CZ2 1 
ATOM   44   C  CZ3 . TRP A 1 15  ? 0.928   -1.642  4.553   1.00 27.79 ? 61  TRP A CZ3 1 
ATOM   45   C  CH2 . TRP A 1 15  ? 1.336   -2.519  5.528   1.00 22.40 ? 61  TRP A CH2 1 
ATOM   46   N  N   . GLN A 1 16  ? -2.885  3.245   4.161   1.00 28.44 ? 62  GLN A N   1 
ATOM   47   C  CA  . GLN A 1 16  ? -3.437  4.063   3.149   1.00 29.52 ? 62  GLN A CA  1 
ATOM   48   C  C   . GLN A 1 16  ? -3.289  3.386   1.814   1.00 28.50 ? 62  GLN A C   1 
ATOM   49   O  O   . GLN A 1 16  ? -2.262  2.838   1.509   1.00 30.39 ? 62  GLN A O   1 
ATOM   50   C  CB  . GLN A 1 16  ? -2.768  5.412   3.168   1.00 31.48 ? 62  GLN A CB  1 
ATOM   51   C  CG  . GLN A 1 16  ? -2.932  6.162   1.922   1.00 39.49 ? 62  GLN A CG  1 
ATOM   52   C  CD  . GLN A 1 16  ? -3.819  7.360   2.076   1.00 43.11 ? 62  GLN A CD  1 
ATOM   53   O  OE1 . GLN A 1 16  ? -4.099  7.801   3.169   1.00 40.00 ? 62  GLN A OE1 1 
ATOM   54   N  NE2 . GLN A 1 16  ? -4.239  7.903   0.973   1.00 43.76 ? 62  GLN A NE2 1 
ATOM   55   N  N   . LEU A 1 17  ? -4.352  3.390   1.047   0.60 20.27 ? 63  LEU A N   1 
ATOM   56   C  CA  . LEU A 1 17  ? -4.381  2.674   -0.199  0.60 20.87 ? 63  LEU A CA  1 
ATOM   57   C  C   . LEU A 1 17  ? -4.831  3.539   -1.358  0.60 21.53 ? 63  LEU A C   1 
ATOM   58   O  O   . LEU A 1 17  ? -5.799  4.205   -1.233  0.60 18.40 ? 63  LEU A O   1 
ATOM   59   C  CB  . LEU A 1 17  ? -5.281  1.459   -0.025  0.60 22.22 ? 63  LEU A CB  1 
ATOM   60   C  CG  . LEU A 1 17  ? -5.231  0.252   -0.937  0.60 26.24 ? 63  LEU A CG  1 
ATOM   61   C  CD1 . LEU A 1 17  ? -3.863  -0.369  -0.972  0.60 26.79 ? 63  LEU A CD1 1 
ATOM   62   C  CD2 . LEU A 1 17  ? -6.261  -0.755  -0.566  0.60 18.94 ? 63  LEU A CD2 1 
ATOM   63   N  N   . ASP A 1 18  ? -4.133  3.500   -2.479  1.00 24.16 ? 64  ASP A N   1 
ATOM   64   C  CA  . ASP A 1 18  ? -4.415  4.386   -3.621  1.00 28.32 ? 64  ASP A CA  1 
ATOM   65   C  C   . ASP A 1 18  ? -3.963  3.690   -4.900  1.00 27.50 ? 64  ASP A C   1 
ATOM   66   O  O   . ASP A 1 18  ? -3.094  2.824   -4.789  1.00 30.21 ? 64  ASP A O   1 
ATOM   67   C  CB  . ASP A 1 18  ? -3.635  5.771   -3.471  1.00 28.29 ? 64  ASP A CB  1 
ATOM   68   C  CG  . ASP A 1 18  ? -4.179  6.611   -2.315  1.00 34.45 ? 64  ASP A CG  1 
ATOM   69   O  OD1 . ASP A 1 18  ? -5.310  7.163   -2.423  1.00 43.86 ? 64  ASP A OD1 1 
ATOM   70   O  OD2 . ASP A 1 18  ? -3.518  6.727   -1.244  1.00 40.77 ? 64  ASP A OD2 1 
HETATM 71   N  N   . CAF A 1 19  ? -4.507  4.032   -6.064  0.60 23.46 ? 65  CAF A N   1 
HETATM 72   C  CA  . CAF A 1 19  ? -3.967  3.592   -7.333  0.60 24.67 ? 65  CAF A CA  1 
HETATM 73   C  CB  . CAF A 1 19  ? -4.922  2.934   -8.332  0.60 22.64 ? 65  CAF A CB  1 
HETATM 74   C  C   . CAF A 1 19  ? -3.222  4.728   -8.002  0.60 26.52 ? 65  CAF A C   1 
HETATM 75   O  O   . CAF A 1 19  ? -3.615  5.877   -7.895  0.60 25.95 ? 65  CAF A O   1 
HETATM 76   S  SG  . CAF A 1 19  ? -5.596  1.411   -7.727  0.60 23.57 ? 65  CAF A SG  1 
HETATM 77   AS AS  . CAF A 1 19  ? -7.337  2.168   -6.663  0.60 28.61 ? 65  CAF A AS  1 
HETATM 78   C  CE1 . CAF A 1 19  ? -8.717  0.929   -7.248  0.60 27.55 ? 65  CAF A CE1 1 
HETATM 79   O  O1  . CAF A 1 19  ? -7.213  1.776   -4.965  0.60 33.75 ? 65  CAF A O1  1 
ATOM   80   N  N   . THR A 1 20  ? -2.071  4.439   -8.622  1.00 32.27 ? 66  THR A N   1 
ATOM   81   C  CA  . THR A 1 20  ? -1.424  5.408   -9.566  1.00 35.28 ? 66  THR A CA  1 
ATOM   82   C  C   . THR A 1 20  ? -1.340  4.821   -10.920 1.00 36.51 ? 66  THR A C   1 
ATOM   83   O  O   . THR A 1 20  ? -1.650  3.641   -11.083 1.00 35.41 ? 66  THR A O   1 
ATOM   84   C  CB  . THR A 1 20  ? 0.029   5.867   -9.286  1.00 38.14 ? 66  THR A CB  1 
ATOM   85   O  OG1 . THR A 1 20  ? 0.807   4.857   -8.583  1.00 37.49 ? 66  THR A OG1 1 
ATOM   86   C  CG2 . THR A 1 20  ? 0.080   7.168   -8.586  1.00 37.32 ? 66  THR A CG2 1 
ATOM   87   N  N   . HIS A 1 21  ? -0.877  5.602   -11.869 1.00 36.11 ? 67  HIS A N   1 
ATOM   88   C  CA  . HIS A 1 21  ? -0.697  5.124   -13.207 1.00 38.41 ? 67  HIS A CA  1 
ATOM   89   C  C   . HIS A 1 21  ? 0.679   5.364   -13.715 1.00 37.60 ? 67  HIS A C   1 
ATOM   90   O  O   . HIS A 1 21  ? 1.279   6.355   -13.427 1.00 37.99 ? 67  HIS A O   1 
ATOM   91   C  CB  . HIS A 1 21  ? -1.692  5.752   -14.138 1.00 39.87 ? 67  HIS A CB  1 
ATOM   92   C  CG  . HIS A 1 21  ? -3.088  5.585   -13.681 1.00 44.79 ? 67  HIS A CG  1 
ATOM   93   N  ND1 . HIS A 1 21  ? -3.619  6.326   -12.660 1.00 46.82 ? 67  HIS A ND1 1 
ATOM   94   C  CD2 . HIS A 1 21  ? -4.045  4.720   -14.060 1.00 45.00 ? 67  HIS A CD2 1 
ATOM   95   C  CE1 . HIS A 1 21  ? -4.855  5.942   -12.446 1.00 50.79 ? 67  HIS A CE1 1 
ATOM   96   N  NE2 . HIS A 1 21  ? -5.136  4.965   -13.277 1.00 50.28 ? 67  HIS A NE2 1 
ATOM   97   N  N   . LEU A 1 22  ? 1.176   4.393   -14.442 1.00 36.91 ? 68  LEU A N   1 
ATOM   98   C  CA  . LEU A 1 22  ? 2.402   4.508   -15.160 1.00 36.37 ? 68  LEU A CA  1 
ATOM   99   C  C   . LEU A 1 22  ? 2.344   3.611   -16.384 1.00 35.77 ? 68  LEU A C   1 
ATOM   100  O  O   . LEU A 1 22  ? 1.884   2.506   -16.302 1.00 35.10 ? 68  LEU A O   1 
ATOM   101  C  CB  . LEU A 1 22  ? 3.532   4.136   -14.245 1.00 37.48 ? 68  LEU A CB  1 
ATOM   102  C  CG  . LEU A 1 22  ? 4.907   4.711   -14.443 1.00 42.13 ? 68  LEU A CG  1 
ATOM   103  C  CD1 . LEU A 1 22  ? 4.940   6.167   -14.137 1.00 43.39 ? 68  LEU A CD1 1 
ATOM   104  C  CD2 . LEU A 1 22  ? 5.867   3.986   -13.569 1.00 40.58 ? 68  LEU A CD2 1 
ATOM   105  N  N   . GLU A 1 23  ? 2.785   4.129   -17.517 1.00 35.40 ? 69  GLU A N   1 
ATOM   106  C  CA  . GLU A 1 23  ? 2.927   3.385   -18.750 1.00 34.90 ? 69  GLU A CA  1 
ATOM   107  C  C   . GLU A 1 23  ? 1.616   2.773   -19.192 1.00 35.84 ? 69  GLU A C   1 
ATOM   108  O  O   . GLU A 1 23  ? 1.578   1.707   -19.719 1.00 35.57 ? 69  GLU A O   1 
ATOM   109  C  CB  . GLU A 1 23  ? 4.008   2.321   -18.624 1.00 35.55 ? 69  GLU A CB  1 
ATOM   110  C  CG  . GLU A 1 23  ? 5.363   2.861   -18.339 1.00 36.96 ? 69  GLU A CG  1 
ATOM   111  C  CD  . GLU A 1 23  ? 6.439   1.824   -18.205 1.00 37.40 ? 69  GLU A CD  1 
ATOM   112  O  OE1 . GLU A 1 23  ? 6.274   0.671   -18.564 1.00 40.05 ? 69  GLU A OE1 1 
ATOM   113  O  OE2 . GLU A 1 23  ? 7.493   2.190   -17.751 1.00 43.00 ? 69  GLU A OE2 1 
ATOM   114  N  N   . GLY A 1 24  ? 0.529   3.470   -18.942 1.00 36.49 ? 70  GLY A N   1 
ATOM   115  C  CA  . GLY A 1 24  ? -0.761  2.959   -19.303 1.00 38.25 ? 70  GLY A CA  1 
ATOM   116  C  C   . GLY A 1 24  ? -1.292  1.888   -18.392 1.00 38.98 ? 70  GLY A C   1 
ATOM   117  O  O   . GLY A 1 24  ? -2.260  1.261   -18.694 1.00 39.41 ? 70  GLY A O   1 
ATOM   118  N  N   . LYS A 1 25  ? -0.647  1.714   -17.260 1.00 38.71 ? 71  LYS A N   1 
ATOM   119  C  CA  . LYS A 1 25  ? -0.965  0.658   -16.325 1.00 36.37 ? 71  LYS A CA  1 
ATOM   120  C  C   . LYS A 1 25  ? -1.271  1.188   -14.924 1.00 34.33 ? 71  LYS A C   1 
ATOM   121  O  O   . LYS A 1 25  ? -0.946  2.283   -14.605 1.00 33.30 ? 71  LYS A O   1 
ATOM   122  C  CB  . LYS A 1 25  ? 0.166   -0.366  -16.294 1.00 37.56 ? 71  LYS A CB  1 
ATOM   123  C  CG  . LYS A 1 25  ? 0.290   -1.183  -17.525 1.00 39.74 ? 71  LYS A CG  1 
ATOM   124  C  CD  . LYS A 1 25  ? 1.559   -1.922  -17.566 1.00 42.99 ? 71  LYS A CD  1 
ATOM   125  C  CE  . LYS A 1 25  ? 1.687   -2.677  -18.855 1.00 51.08 ? 71  LYS A CE  1 
ATOM   126  N  NZ  . LYS A 1 25  ? 2.358   -1.878  -19.877 1.00 45.36 ? 71  LYS A NZ  1 
ATOM   127  N  N   . VAL A 1 26  ? -1.900  0.365   -14.116 1.00 31.61 ? 72  VAL A N   1 
ATOM   128  C  CA  . VAL A 1 26  ? -2.359  0.714   -12.811 1.00 31.68 ? 72  VAL A CA  1 
ATOM   129  C  C   . VAL A 1 26  ? -1.531  0.057   -11.742 1.00 30.93 ? 72  VAL A C   1 
ATOM   130  O  O   . VAL A 1 26  ? -1.307  -1.107  -11.763 1.00 30.41 ? 72  VAL A O   1 
ATOM   131  C  CB  . VAL A 1 26  ? -3.780  0.257   -12.635 1.00 31.88 ? 72  VAL A CB  1 
ATOM   132  C  CG1 . VAL A 1 26  ? -4.306  0.610   -11.309 1.00 30.82 ? 72  VAL A CG1 1 
ATOM   133  C  CG2 . VAL A 1 26  ? -4.607  0.813   -13.678 1.00 35.89 ? 72  VAL A CG2 1 
ATOM   134  N  N   . ILE A 1 27  ? -1.075  0.847   -10.811 1.00 29.43 ? 73  ILE A N   1 
ATOM   135  C  CA  . ILE A 1 27  ? -0.312  0.357   -9.708  1.00 29.43 ? 73  ILE A CA  1 
ATOM   136  C  C   . ILE A 1 27  ? -1.046  0.636   -8.442  1.00 28.52 ? 73  ILE A C   1 
ATOM   137  O  O   . ILE A 1 27  ? -1.321  1.741   -8.136  1.00 26.71 ? 73  ILE A O   1 
ATOM   138  C  CB  . ILE A 1 27  ? 1.024   1.075   -9.613  1.00 29.58 ? 73  ILE A CB  1 
ATOM   139  C  CG1 . ILE A 1 27  ? 1.795   0.931   -10.901 1.00 28.74 ? 73  ILE A CG1 1 
ATOM   140  C  CG2 . ILE A 1 27  ? 1.823   0.566   -8.465  1.00 30.83 ? 73  ILE A CG2 1 
ATOM   141  C  CD1 . ILE A 1 27  ? 2.953   1.760   -10.975 1.00 28.47 ? 73  ILE A CD1 1 
ATOM   142  N  N   . LEU A 1 28  ? -1.335  -0.378  -7.679  1.00 25.42 ? 74  LEU A N   1 
ATOM   143  C  CA  . LEU A 1 28  ? -1.961  -0.178  -6.412  1.00 26.20 ? 74  LEU A CA  1 
ATOM   144  C  C   . LEU A 1 28  ? -0.900  -0.070  -5.332  1.00 26.38 ? 74  LEU A C   1 
ATOM   145  O  O   . LEU A 1 28  ? -0.046  -0.889  -5.232  1.00 28.48 ? 74  LEU A O   1 
ATOM   146  C  CB  . LEU A 1 28  ? -2.913  -1.310  -6.169  1.00 28.12 ? 74  LEU A CB  1 
ATOM   147  C  CG  . LEU A 1 28  ? -3.961  -1.141  -5.126  1.00 31.45 ? 74  LEU A CG  1 
ATOM   148  C  CD1 . LEU A 1 28  ? -4.918  -2.238  -5.253  1.00 31.04 ? 74  LEU A CD1 1 
ATOM   149  C  CD2 . LEU A 1 28  ? -3.271  -1.226  -3.884  1.00 34.17 ? 74  LEU A CD2 1 
ATOM   150  N  N   . VAL A 1 29  ? -0.939  0.994   -4.580  1.00 25.41 ? 75  VAL A N   1 
ATOM   151  C  CA  . VAL A 1 29  ? 0.039   1.246   -3.563  1.00 27.16 ? 75  VAL A CA  1 
ATOM   152  C  C   . VAL A 1 29  ? -0.591  1.326   -2.175  1.00 28.50 ? 75  VAL A C   1 
ATOM   153  O  O   . VAL A 1 29  ? -1.459  2.107   -1.937  1.00 27.87 ? 75  VAL A O   1 
ATOM   154  C  CB  . VAL A 1 29  ? 0.784   2.546   -3.858  1.00 28.69 ? 75  VAL A CB  1 
ATOM   155  C  CG1 . VAL A 1 29  ? 1.731   2.874   -2.801  1.00 29.38 ? 75  VAL A CG1 1 
ATOM   156  C  CG2 . VAL A 1 29  ? 1.467   2.488   -5.162  1.00 28.07 ? 75  VAL A CG2 1 
ATOM   157  N  N   . ALA A 1 30  ? -0.110  0.516   -1.264  1.00 26.50 ? 76  ALA A N   1 
ATOM   158  C  CA  . ALA A 1 30  ? -0.532  0.602   0.099   1.00 25.74 ? 76  ALA A CA  1 
ATOM   159  C  C   . ALA A 1 30  ? 0.624   1.068   0.952   1.00 27.36 ? 76  ALA A C   1 
ATOM   160  O  O   . ALA A 1 30  ? 1.712   0.599   0.805   1.00 27.27 ? 76  ALA A O   1 
ATOM   161  C  CB  . ALA A 1 30  ? -1.053  -0.668  0.575   1.00 25.03 ? 76  ALA A CB  1 
ATOM   162  N  N   . VAL A 1 31  ? 0.355   2.032   1.816   1.00 26.62 ? 77  VAL A N   1 
ATOM   163  C  CA  . VAL A 1 31  ? 1.312   2.570   2.749   1.00 25.43 ? 77  VAL A CA  1 
ATOM   164  C  C   . VAL A 1 31  ? 0.926   2.361   4.203   1.00 28.72 ? 77  VAL A C   1 
ATOM   165  O  O   . VAL A 1 31  ? -0.158  2.629   4.594   1.00 25.45 ? 77  VAL A O   1 
ATOM   166  C  CB  . VAL A 1 31  ? 1.506   4.060   2.547   1.00 29.20 ? 77  VAL A CB  1 
ATOM   167  C  CG1 . VAL A 1 31  ? 2.556   4.550   3.433   1.00 28.13 ? 77  VAL A CG1 1 
ATOM   168  C  CG2 . VAL A 1 31  ? 1.820   4.399   1.129   1.00 27.49 ? 77  VAL A CG2 1 
ATOM   169  N  N   . HIS A 1 32  ? 1.854   1.901   5.002   1.00 27.25 ? 78  HIS A N   1 
ATOM   170  C  CA  . HIS A 1 32  ? 1.624   1.801   6.396   1.00 28.76 ? 78  HIS A CA  1 
ATOM   171  C  C   . HIS A 1 32  ? 2.032   3.139   6.950   1.00 30.98 ? 78  HIS A C   1 
ATOM   172  O  O   . HIS A 1 32  ? 3.175   3.495   6.945   1.00 28.87 ? 78  HIS A O   1 
ATOM   173  C  CB  . HIS A 1 32  ? 2.460   0.693   6.993   1.00 29.05 ? 78  HIS A CB  1 
ATOM   174  C  CG  . HIS A 1 32  ? 2.243   0.488   8.456   1.00 28.56 ? 78  HIS A CG  1 
ATOM   175  N  ND1 . HIS A 1 32  ? 3.145   0.887   9.401   1.00 32.30 ? 78  HIS A ND1 1 
ATOM   176  C  CD2 . HIS A 1 32  ? 1.235   -0.095  9.130   1.00 27.93 ? 78  HIS A CD2 1 
ATOM   177  C  CE1 . HIS A 1 32  ? 2.694   0.583   10.592  1.00 29.64 ? 78  HIS A CE1 1 
ATOM   178  N  NE2 . HIS A 1 32  ? 1.541   -0.016  10.455  1.00 31.63 ? 78  HIS A NE2 1 
ATOM   179  N  N   . VAL A 1 33  ? 1.054   3.884   7.398   1.00 31.92 ? 79  VAL A N   1 
ATOM   180  C  CA  . VAL A 1 33  ? 1.233   5.290   7.641   1.00 34.73 ? 79  VAL A CA  1 
ATOM   181  C  C   . VAL A 1 33  ? 2.270   5.628   8.703   1.00 34.70 ? 79  VAL A C   1 
ATOM   182  O  O   . VAL A 1 33  ? 3.066   6.485   8.509   1.00 34.46 ? 79  VAL A O   1 
ATOM   183  C  CB  . VAL A 1 33  ? -0.085  5.944   7.995   1.00 35.65 ? 79  VAL A CB  1 
ATOM   184  C  CG1 . VAL A 1 33  ? 0.152   7.292   8.543   1.00 40.93 ? 79  VAL A CG1 1 
ATOM   185  C  CG2 . VAL A 1 33  ? -0.970  6.018   6.810   1.00 32.65 ? 79  VAL A CG2 1 
ATOM   186  N  N   . ALA A 1 34  ? 2.272   4.908   9.797   1.00 35.18 ? 80  ALA A N   1 
ATOM   187  C  CA  . ALA A 1 34  ? 3.218   5.159   10.867  1.00 37.65 ? 80  ALA A CA  1 
ATOM   188  C  C   . ALA A 1 34  ? 4.663   4.943   10.478  1.00 38.07 ? 80  ALA A C   1 
ATOM   189  O  O   . ALA A 1 34  ? 5.531   5.652   10.909  1.00 37.52 ? 80  ALA A O   1 
ATOM   190  C  CB  . ALA A 1 34  ? 2.873   4.352   12.069  1.00 38.98 ? 80  ALA A CB  1 
ATOM   191  N  N   . SER A 1 35  ? 4.896   3.930   9.678   1.00 35.80 ? 81  SER A N   1 
ATOM   192  C  CA  . SER A 1 35  ? 6.220   3.563   9.262   1.00 34.56 ? 81  SER A CA  1 
ATOM   193  C  C   . SER A 1 35  ? 6.681   4.079   7.919   1.00 33.41 ? 81  SER A C   1 
ATOM   194  O  O   . SER A 1 35  ? 7.834   4.211   7.701   1.00 33.77 ? 81  SER A O   1 
ATOM   195  C  CB  . SER A 1 35  ? 6.346   2.051   9.290   1.00 35.72 ? 81  SER A CB  1 
ATOM   196  O  OG  . SER A 1 35  ? 5.596   1.479   8.277   1.00 36.46 ? 81  SER A OG  1 
ATOM   197  N  N   . GLY A 1 36  ? 5.774   4.310   6.997   1.00 32.01 ? 82  GLY A N   1 
ATOM   198  C  CA  . GLY A 1 36  ? 6.141   4.596   5.630   1.00 30.16 ? 82  GLY A CA  1 
ATOM   199  C  C   . GLY A 1 36  ? 6.460   3.366   4.789   1.00 29.96 ? 82  GLY A C   1 
ATOM   200  O  O   . GLY A 1 36  ? 6.818   3.480   3.650   1.00 30.65 ? 82  GLY A O   1 
ATOM   201  N  N   . TYR A 1 37  ? 6.327   2.193   5.382   1.00 27.60 ? 83  TYR A N   1 
ATOM   202  C  CA  . TYR A 1 37  ? 6.518   0.929   4.696   1.00 27.41 ? 83  TYR A CA  1 
ATOM   203  C  C   . TYR A 1 37  ? 5.464   0.749   3.630   1.00 28.76 ? 83  TYR A C   1 
ATOM   204  O  O   . TYR A 1 37  ? 4.342   1.053   3.854   1.00 26.02 ? 83  TYR A O   1 
ATOM   205  C  CB  . TYR A 1 37  ? 6.409   -0.200  5.701   1.00 25.25 ? 83  TYR A CB  1 
ATOM   206  C  CG  . TYR A 1 37  ? 6.260   -1.582  5.152   1.00 29.08 ? 83  TYR A CG  1 
ATOM   207  C  CD1 . TYR A 1 37  ? 7.356   -2.379  4.958   1.00 27.33 ? 83  TYR A CD1 1 
ATOM   208  C  CD2 . TYR A 1 37  ? 5.027   -2.104  4.856   1.00 29.92 ? 83  TYR A CD2 1 
ATOM   209  C  CE1 . TYR A 1 37  ? 7.239   -3.613  4.475   1.00 29.68 ? 83  TYR A CE1 1 
ATOM   210  C  CE2 . TYR A 1 37  ? 4.906   -3.350  4.376   1.00 27.54 ? 83  TYR A CE2 1 
ATOM   211  C  CZ  . TYR A 1 37  ? 6.013   -4.099  4.191   1.00 35.06 ? 83  TYR A CZ  1 
ATOM   212  O  OH  . TYR A 1 37  ? 5.907   -5.324  3.710   1.00 36.70 ? 83  TYR A OH  1 
ATOM   213  N  N   . ILE A 1 38  ? 5.839   0.241   2.477   1.00 26.93 ? 84  ILE A N   1 
ATOM   214  C  CA  . ILE A 1 38  ? 4.879   0.010   1.427   1.00 28.55 ? 84  ILE A CA  1 
ATOM   215  C  C   . ILE A 1 38  ? 4.818   -1.381  0.800   1.00 29.71 ? 84  ILE A C   1 
ATOM   216  O  O   . ILE A 1 38  ? 5.747   -2.127  0.807   1.00 26.08 ? 84  ILE A O   1 
ATOM   217  C  CB  . ILE A 1 38  ? 4.868   1.095   0.325   1.00 31.00 ? 84  ILE A CB  1 
ATOM   218  C  CG1 . ILE A 1 38  ? 5.520   0.620   -0.927  1.00 34.28 ? 84  ILE A CG1 1 
ATOM   219  C  CG2 . ILE A 1 38  ? 5.503   2.346   0.730   1.00 28.00 ? 84  ILE A CG2 1 
ATOM   220  C  CD1 . ILE A 1 38  ? 6.339   1.644   -1.535  1.00 47.12 ? 84  ILE A CD1 1 
ATOM   221  N  N   . GLU A 1 39  ? 3.629   -1.697  0.329   1.00 30.65 ? 85  GLU A N   1 
ATOM   222  C  CA  . GLU A 1 39  ? 3.353   -2.785  -0.566  1.00 31.99 ? 85  GLU A CA  1 
ATOM   223  C  C   . GLU A 1 39  ? 2.653   -2.246  -1.795  1.00 32.84 ? 85  GLU A C   1 
ATOM   224  O  O   . GLU A 1 39  ? 1.691   -1.550  -1.685  1.00 33.11 ? 85  GLU A O   1 
ATOM   225  C  CB  . GLU A 1 39  ? 2.464   -3.799  0.091   1.00 33.90 ? 85  GLU A CB  1 
ATOM   226  C  CG  . GLU A 1 39  ? 2.932   -4.283  1.381   1.00 35.53 ? 85  GLU A CG  1 
ATOM   227  C  CD  . GLU A 1 39  ? 2.694   -5.735  1.520   1.00 42.31 ? 85  GLU A CD  1 
ATOM   228  O  OE1 . GLU A 1 39  ? 2.142   -6.312  0.606   1.00 46.80 ? 85  GLU A OE1 1 
ATOM   229  O  OE2 . GLU A 1 39  ? 3.046   -6.306  2.525   1.00 42.21 ? 85  GLU A OE2 1 
ATOM   230  N  N   . ALA A 1 40  ? 3.136   -2.607  -2.960  1.00 30.48 ? 86  ALA A N   1 
ATOM   231  C  CA  . ALA A 1 40  ? 2.557   -2.160  -4.183  1.00 31.95 ? 86  ALA A CA  1 
ATOM   232  C  C   . ALA A 1 40  ? 2.520   -3.256  -5.198  1.00 34.22 ? 86  ALA A C   1 
ATOM   233  O  O   . ALA A 1 40  ? 3.364   -4.105  -5.215  1.00 35.44 ? 86  ALA A O   1 
ATOM   234  C  CB  . ALA A 1 40  ? 3.337   -1.052  -4.707  1.00 29.71 ? 86  ALA A CB  1 
ATOM   235  N  N   . GLU A 1 41  ? 1.520   -3.248  -6.046  1.00 34.59 ? 87  GLU A N   1 
ATOM   236  C  CA  . GLU A 1 41  ? 1.556   -4.058  -7.238  1.00 33.78 ? 87  GLU A CA  1 
ATOM   237  C  C   . GLU A 1 41  ? 0.772   -3.549  -8.393  1.00 32.70 ? 87  GLU A C   1 
ATOM   238  O  O   . GLU A 1 41  ? -0.091  -2.743  -8.253  1.00 29.98 ? 87  GLU A O   1 
ATOM   239  C  CB  . GLU A 1 41  ? 1.320   -5.541  -7.025  1.00 35.66 ? 87  GLU A CB  1 
ATOM   240  C  CG  . GLU A 1 41  ? 0.107   -6.002  -6.318  1.00 40.51 ? 87  GLU A CG  1 
ATOM   241  C  CD  . GLU A 1 41  ? 0.388   -7.320  -5.591  1.00 45.23 ? 87  GLU A CD  1 
ATOM   242  O  OE1 . GLU A 1 41  ? 0.846   -8.270  -6.200  1.00 48.89 ? 87  GLU A OE1 1 
ATOM   243  O  OE2 . GLU A 1 41  ? 0.205   -7.404  -4.405  1.00 49.13 ? 87  GLU A OE2 1 
ATOM   244  N  N   . VAL A 1 42  ? 1.159   -4.026  -9.552  1.00 33.15 ? 88  VAL A N   1 
ATOM   245  C  CA  . VAL A 1 42  ? 0.487   -3.709  -10.767 1.00 32.89 ? 88  VAL A CA  1 
ATOM   246  C  C   . VAL A 1 42  ? -0.724  -4.597  -10.862 1.00 33.63 ? 88  VAL A C   1 
ATOM   247  O  O   . VAL A 1 42  ? -0.609  -5.776  -10.735 1.00 32.66 ? 88  VAL A O   1 
ATOM   248  C  CB  . VAL A 1 42  ? 1.385   -3.951  -11.970 1.00 31.55 ? 88  VAL A CB  1 
ATOM   249  C  CG1 . VAL A 1 42  ? 0.618   -3.877  -13.222 1.00 31.59 ? 88  VAL A CG1 1 
ATOM   250  C  CG2 . VAL A 1 42  ? 2.481   -2.992  -12.004 1.00 33.03 ? 88  VAL A CG2 1 
ATOM   251  N  N   . ILE A 1 43  ? -1.862  -4.000  -11.141 1.00 32.67 ? 89  ILE A N   1 
ATOM   252  C  CA  . ILE A 1 43  ? -3.114  -4.697  -11.332 1.00 34.66 ? 89  ILE A CA  1 
ATOM   253  C  C   . ILE A 1 43  ? -3.633  -4.489  -12.773 1.00 39.01 ? 89  ILE A C   1 
ATOM   254  O  O   . ILE A 1 43  ? -3.434  -3.467  -13.341 1.00 40.58 ? 89  ILE A O   1 
ATOM   255  C  CB  . ILE A 1 43  ? -4.155  -4.295  -10.278 1.00 33.46 ? 89  ILE A CB  1 
ATOM   256  C  CG1 . ILE A 1 43  ? -4.362  -2.803  -10.260 1.00 29.62 ? 89  ILE A CG1 1 
ATOM   257  C  CG2 . ILE A 1 43  ? -3.748  -4.801  -8.934  1.00 33.14 ? 89  ILE A CG2 1 
ATOM   258  C  CD1 . ILE A 1 43  ? -5.423  -2.383  -9.372  1.00 27.52 ? 89  ILE A CD1 1 
ATOM   259  N  N   . PRO A 1 44  ? -4.282  -5.474  -13.348 1.00 41.53 ? 90  PRO A N   1 
ATOM   260  C  CA  . PRO A 1 44  ? -4.709  -5.422  -14.731 1.00 43.81 ? 90  PRO A CA  1 
ATOM   261  C  C   . PRO A 1 44  ? -5.680  -4.329  -14.995 1.00 45.74 ? 90  PRO A C   1 
ATOM   262  O  O   . PRO A 1 44  ? -5.630  -3.717  -16.023 1.00 48.20 ? 90  PRO A O   1 
ATOM   263  C  CB  . PRO A 1 44  ? -5.418  -6.734  -14.910 1.00 45.63 ? 90  PRO A CB  1 
ATOM   264  C  CG  . PRO A 1 44  ? -4.830  -7.594  -13.958 1.00 43.43 ? 90  PRO A CG  1 
ATOM   265  C  CD  . PRO A 1 44  ? -4.535  -6.793  -12.783 1.00 42.13 ? 90  PRO A CD  1 
ATOM   266  N  N   . ALA A 1 45  ? -6.571  -4.084  -14.063 1.00 47.27 ? 91  ALA A N   1 
ATOM   267  C  CA  . ALA A 1 45  ? -7.496  -2.976  -14.170 1.00 46.47 ? 91  ALA A CA  1 
ATOM   268  C  C   . ALA A 1 45  ? -7.818  -2.434  -12.807 1.00 45.37 ? 91  ALA A C   1 
ATOM   269  O  O   . ALA A 1 45  ? -7.633  -3.120  -11.847 1.00 44.29 ? 91  ALA A O   1 
ATOM   270  C  CB  . ALA A 1 45  ? -8.705  -3.430  -14.832 1.00 48.79 ? 91  ALA A CB  1 
ATOM   271  N  N   . GLU A 1 46  ? -8.294  -1.199  -12.745 1.00 44.87 ? 92  GLU A N   1 
ATOM   272  C  CA  . GLU A 1 46  ? -8.644  -0.516  -11.500 1.00 42.97 ? 92  GLU A CA  1 
ATOM   273  C  C   . GLU A 1 46  ? -10.052 -0.834  -11.025 1.00 43.63 ? 92  GLU A C   1 
ATOM   274  O  O   . GLU A 1 46  ? -10.889 0.034   -10.987 1.00 43.63 ? 92  GLU A O   1 
ATOM   275  C  CB  . GLU A 1 46  ? -8.516  0.996   -11.672 1.00 42.53 ? 92  GLU A CB  1 
ATOM   276  C  CG  . GLU A 1 46  ? -8.161  1.783   -10.430 1.00 44.69 ? 92  GLU A CG  1 
ATOM   277  C  CD  . GLU A 1 46  ? -7.773  3.226   -10.691 1.00 48.59 ? 92  GLU A CD  1 
ATOM   278  O  OE1 . GLU A 1 46  ? -8.096  4.072   -9.875  1.00 51.70 ? 92  GLU A OE1 1 
ATOM   279  O  OE2 . GLU A 1 46  ? -7.161  3.533   -11.703 1.00 52.21 ? 92  GLU A OE2 1 
ATOM   280  N  N   . THR A 1 47  ? -10.278 -2.072  -10.620 1.00 41.61 ? 93  THR A N   1 
ATOM   281  C  CA  . THR A 1 47  ? -11.581 -2.558  -10.254 1.00 39.12 ? 93  THR A CA  1 
ATOM   282  C  C   . THR A 1 47  ? -11.642 -2.967  -8.812  1.00 37.26 ? 93  THR A C   1 
ATOM   283  O  O   . THR A 1 47  ? -10.657 -3.206  -8.178  1.00 34.66 ? 93  THR A O   1 
ATOM   284  C  CB  . THR A 1 47  ? -11.970 -3.792  -11.014 1.00 39.15 ? 93  THR A CB  1 
ATOM   285  O  OG1 . THR A 1 47  ? -11.044 -4.820  -10.732 1.00 38.33 ? 93  THR A OG1 1 
ATOM   286  C  CG2 . THR A 1 47  ? -11.988 -3.553  -12.480 1.00 43.59 ? 93  THR A CG2 1 
ATOM   287  N  N   . GLY A 1 48  ? -12.864 -3.104  -8.358  1.00 35.15 ? 94  GLY A N   1 
ATOM   288  C  CA  . GLY A 1 48  ? -13.181 -3.556  -7.039  1.00 33.58 ? 94  GLY A CA  1 
ATOM   289  C  C   . GLY A 1 48  ? -12.645 -4.933  -6.782  1.00 30.85 ? 94  GLY A C   1 
ATOM   290  O  O   . GLY A 1 48  ? -12.176 -5.186  -5.738  1.00 27.96 ? 94  GLY A O   1 
ATOM   291  N  N   . GLN A 1 49  ? -12.682 -5.798  -7.765  1.00 28.91 ? 95  GLN A N   1 
ATOM   292  C  CA  . GLN A 1 49  ? -12.201 -7.137  -7.577  1.00 30.00 ? 95  GLN A CA  1 
ATOM   293  C  C   . GLN A 1 49  ? -10.727 -7.142  -7.203  1.00 28.68 ? 95  GLN A C   1 
ATOM   294  O  O   . GLN A 1 49  ? -10.336 -7.833  -6.336  1.00 27.24 ? 95  GLN A O   1 
ATOM   295  C  CB  . GLN A 1 49  ? -12.347 -7.943  -8.856  1.00 30.19 ? 95  GLN A CB  1 
ATOM   296  C  CG  . GLN A 1 49  ? -13.672 -8.523  -9.133  1.00 39.77 ? 95  GLN A CG  1 
ATOM   297  C  CD  . GLN A 1 49  ? -13.694 -9.376  -10.373 1.00 48.94 ? 95  GLN A CD  1 
ATOM   298  O  OE1 . GLN A 1 49  ? -13.189 -9.001  -11.423 1.00 54.16 ? 95  GLN A OE1 1 
ATOM   299  N  NE2 . GLN A 1 49  ? -14.264 -10.533 -10.253 1.00 49.47 ? 95  GLN A NE2 1 
ATOM   300  N  N   . GLU A 1 50  ? -9.925  -6.367  -7.889  1.00 26.67 ? 96  GLU A N   1 
ATOM   301  C  CA  . GLU A 1 50  ? -8.510  -6.314  -7.612  1.00 27.33 ? 96  GLU A CA  1 
ATOM   302  C  C   . GLU A 1 50  ? -8.216  -5.766  -6.234  1.00 27.34 ? 96  GLU A C   1 
ATOM   303  O  O   . GLU A 1 50  ? -7.360  -6.225  -5.574  1.00 27.64 ? 96  GLU A O   1 
ATOM   304  C  CB  . GLU A 1 50  ? -7.772  -5.498  -8.662  1.00 25.30 ? 96  GLU A CB  1 
ATOM   305  C  CG  . GLU A 1 50  ? -7.818  -6.034  -10.048 1.00 31.14 ? 96  GLU A CG  1 
ATOM   306  C  CD  . GLU A 1 50  ? -7.083  -7.316  -10.241 1.00 36.93 ? 96  GLU A CD  1 
ATOM   307  O  OE1 . GLU A 1 50  ? -6.086  -7.562  -9.596  1.00 38.96 ? 96  GLU A OE1 1 
ATOM   308  O  OE2 . GLU A 1 50  ? -7.504  -8.088  -11.069 1.00 39.44 ? 96  GLU A OE2 1 
ATOM   309  N  N   . THR A 1 51  ? -8.925  -4.729  -5.855  1.00 27.27 ? 97  THR A N   1 
ATOM   310  C  CA  . THR A 1 51  ? -8.784  -4.103  -4.562  1.00 27.68 ? 97  THR A CA  1 
ATOM   311  C  C   . THR A 1 51  ? -9.193  -5.030  -3.427  1.00 28.03 ? 97  THR A C   1 
ATOM   312  O  O   . THR A 1 51  ? -8.536  -5.093  -2.441  1.00 28.04 ? 97  THR A O   1 
ATOM   313  C  CB  . THR A 1 51  ? -9.565  -2.794  -4.499  1.00 26.92 ? 97  THR A CB  1 
ATOM   314  O  OG1 . THR A 1 51  ? -9.075  -1.898  -5.478  1.00 34.53 ? 97  THR A OG1 1 
ATOM   315  C  CG2 . THR A 1 51  ? -9.433  -2.170  -3.199  1.00 26.64 ? 97  THR A CG2 1 
ATOM   316  N  N   . ALA A 1 52  ? -10.277 -5.753  -3.605  1.00 24.25 ? 98  ALA A N   1 
ATOM   317  C  CA  . ALA A 1 52  ? -10.728 -6.703  -2.627  1.00 25.27 ? 98  ALA A CA  1 
ATOM   318  C  C   . ALA A 1 52  ? -9.719  -7.820  -2.390  1.00 23.99 ? 98  ALA A C   1 
ATOM   319  O  O   . ALA A 1 52  ? -9.407  -8.080  -1.291  1.00 25.47 ? 98  ALA A O   1 
ATOM   320  C  CB  . ALA A 1 52  ? -12.061 -7.269  -3.050  1.00 22.43 ? 98  ALA A CB  1 
ATOM   321  N  N   . TYR A 1 53  ? -9.176  -8.406  -3.448  1.00 24.18 ? 99  TYR A N   1 
ATOM   322  C  CA  . TYR A 1 53  ? -8.162  -9.442  -3.357  1.00 25.41 ? 99  TYR A CA  1 
ATOM   323  C  C   . TYR A 1 53  ? -6.914  -8.906  -2.688  1.00 25.12 ? 99  TYR A C   1 
ATOM   324  O  O   . TYR A 1 53  ? -6.348  -9.567  -1.882  1.00 26.12 ? 99  TYR A O   1 
ATOM   325  C  CB  . TYR A 1 53  ? -7.825  -10.012 -4.738  1.00 25.49 ? 99  TYR A CB  1 
ATOM   326  C  CG  . TYR A 1 53  ? -6.853  -11.152 -4.759  1.00 25.19 ? 99  TYR A CG  1 
ATOM   327  C  CD1 . TYR A 1 53  ? -7.226  -12.394 -4.358  1.00 29.61 ? 99  TYR A CD1 1 
ATOM   328  C  CD2 . TYR A 1 53  ? -5.565  -10.990 -5.203  1.00 30.19 ? 99  TYR A CD2 1 
ATOM   329  C  CE1 . TYR A 1 53  ? -6.380  -13.405 -4.384  1.00 25.47 ? 99  TYR A CE1 1 
ATOM   330  C  CE2 . TYR A 1 53  ? -4.713  -12.018 -5.226  1.00 28.06 ? 99  TYR A CE2 1 
ATOM   331  C  CZ  . TYR A 1 53  ? -5.127  -13.218 -4.804  1.00 30.65 ? 99  TYR A CZ  1 
ATOM   332  O  OH  . TYR A 1 53  ? -4.313  -14.269 -4.798  1.00 32.41 ? 99  TYR A OH  1 
ATOM   333  N  N   . PHE A 1 54  ? -6.526  -7.690  -3.033  1.00 24.82 ? 100 PHE A N   1 
ATOM   334  C  CA  . PHE A 1 54  ? -5.356  -7.060  -2.468  1.00 23.03 ? 100 PHE A CA  1 
ATOM   335  C  C   . PHE A 1 54  ? -5.468  -6.867  -0.975  1.00 24.49 ? 100 PHE A C   1 
ATOM   336  O  O   . PHE A 1 54  ? -4.584  -7.208  -0.257  1.00 24.53 ? 100 PHE A O   1 
ATOM   337  C  CB  . PHE A 1 54  ? -5.059  -5.717  -3.150  1.00 22.27 ? 100 PHE A CB  1 
ATOM   338  C  CG  . PHE A 1 54  ? -3.797  -5.076  -2.697  1.00 22.92 ? 100 PHE A CG  1 
ATOM   339  C  CD1 . PHE A 1 54  ? -3.736  -4.368  -1.548  1.00 24.54 ? 100 PHE A CD1 1 
ATOM   340  C  CD2 . PHE A 1 54  ? -2.661  -5.187  -3.424  1.00 28.39 ? 100 PHE A CD2 1 
ATOM   341  C  CE1 . PHE A 1 54  ? -2.572  -3.799  -1.137  1.00 29.14 ? 100 PHE A CE1 1 
ATOM   342  C  CE2 . PHE A 1 54  ? -1.506  -4.612  -3.016  1.00 30.91 ? 100 PHE A CE2 1 
ATOM   343  C  CZ  . PHE A 1 54  ? -1.463  -3.920  -1.872  1.00 30.04 ? 100 PHE A CZ  1 
ATOM   344  N  N   . LEU A 1 55  ? -6.608  -6.372  -0.545  1.00 23.34 ? 101 LEU A N   1 
ATOM   345  C  CA  . LEU A 1 55  ? -6.884  -6.168  0.846   1.00 24.38 ? 101 LEU A CA  1 
ATOM   346  C  C   . LEU A 1 55  ? -6.850  -7.457  1.609   1.00 24.34 ? 101 LEU A C   1 
ATOM   347  O  O   . LEU A 1 55  ? -6.285  -7.500  2.629   1.00 22.88 ? 101 LEU A O   1 
ATOM   348  C  CB  . LEU A 1 55  ? -8.216  -5.475  1.040   1.00 24.52 ? 101 LEU A CB  1 
ATOM   349  C  CG  . LEU A 1 55  ? -8.264  -3.963  0.846   1.00 29.90 ? 101 LEU A CG  1 
ATOM   350  C  CD1 . LEU A 1 55  ? -9.642  -3.531  0.759   1.00 28.08 ? 101 LEU A CD1 1 
ATOM   351  C  CD2 . LEU A 1 55  ? -7.598  -3.266  1.948   1.00 27.95 ? 101 LEU A CD2 1 
ATOM   352  N  N   . LEU A 1 56  ? -7.411  -8.508  1.053   1.00 22.46 ? 102 LEU A N   1 
ATOM   353  C  CA  . LEU A 1 56  ? -7.370  -9.812  1.676   1.00 24.52 ? 102 LEU A CA  1 
ATOM   354  C  C   . LEU A 1 56  ? -5.940  -10.301 1.839   1.00 23.69 ? 102 LEU A C   1 
ATOM   355  O  O   . LEU A 1 56  ? -5.604  -10.808 2.834   1.00 24.83 ? 102 LEU A O   1 
ATOM   356  C  CB  . LEU A 1 56  ? -8.198  -10.824 0.905   1.00 24.99 ? 102 LEU A CB  1 
ATOM   357  C  CG  . LEU A 1 56  ? -9.586  -11.294 1.321   1.00 32.69 ? 102 LEU A CG  1 
ATOM   358  C  CD1 . LEU A 1 56  ? -10.385 -10.311 2.036   1.00 31.36 ? 102 LEU A CD1 1 
ATOM   359  C  CD2 . LEU A 1 56  ? -10.359 -11.895 0.204   1.00 29.57 ? 102 LEU A CD2 1 
ATOM   360  N  N   . LYS A 1 57  ? -5.098  -10.109 0.854   1.00 24.99 ? 103 LYS A N   1 
ATOM   361  C  CA  . LYS A 1 57  ? -3.726  -10.473 1.021   1.00 25.80 ? 103 LYS A CA  1 
ATOM   362  C  C   . LYS A 1 57  ? -3.074  -9.666  2.079   1.00 25.57 ? 103 LYS A C   1 
ATOM   363  O  O   . LYS A 1 57  ? -2.418  -10.170 2.910   1.00 24.22 ? 103 LYS A O   1 
ATOM   364  C  CB  . LYS A 1 57  ? -2.963  -10.249 -0.258  1.00 26.71 ? 103 LYS A CB  1 
ATOM   365  C  CG  . LYS A 1 57  ? -3.555  -10.883 -1.371  1.00 31.86 ? 103 LYS A CG  1 
ATOM   366  C  CD  . LYS A 1 57  ? -2.593  -11.742 -2.000  1.00 40.56 ? 103 LYS A CD  1 
ATOM   367  C  CE  . LYS A 1 57  ? -1.602  -10.980 -2.779  1.00 41.65 ? 103 LYS A CE  1 
ATOM   368  N  NZ  . LYS A 1 57  ? -2.192  -9.865  -3.442  1.00 46.39 ? 103 LYS A NZ  1 
ATOM   369  N  N   . LEU A 1 58  ? -3.287  -8.379  2.034   1.00 23.30 ? 104 LEU A N   1 
ATOM   370  C  CA  . LEU A 1 58  ? -2.631  -7.513  2.953   1.00 24.17 ? 104 LEU A CA  1 
ATOM   371  C  C   . LEU A 1 58  ? -3.007  -7.822  4.391   1.00 22.47 ? 104 LEU A C   1 
ATOM   372  O  O   . LEU A 1 58  ? -2.164  -7.899  5.207   1.00 25.14 ? 104 LEU A O   1 
ATOM   373  C  CB  . LEU A 1 58  ? -2.938  -6.062  2.604   1.00 23.88 ? 104 LEU A CB  1 
ATOM   374  C  CG  . LEU A 1 58  ? -2.271  -4.978  3.408   1.00 26.34 ? 104 LEU A CG  1 
ATOM   375  C  CD1 . LEU A 1 58  ? -0.885  -4.900  3.027   1.00 27.90 ? 104 LEU A CD1 1 
ATOM   376  C  CD2 . LEU A 1 58  ? -2.946  -3.714  3.209   1.00 26.16 ? 104 LEU A CD2 1 
ATOM   377  N  N   . ALA A 1 59  ? -4.277  -8.027  4.662   1.00 23.77 ? 105 ALA A N   1 
ATOM   378  C  CA  . ALA A 1 59  ? -4.783  -8.271  5.979   1.00 25.01 ? 105 ALA A CA  1 
ATOM   379  C  C   . ALA A 1 59  ? -4.209  -9.541  6.574   1.00 26.99 ? 105 ALA A C   1 
ATOM   380  O  O   . ALA A 1 59  ? -4.032  -9.630  7.726   1.00 27.94 ? 105 ALA A O   1 
ATOM   381  C  CB  . ALA A 1 59  ? -6.240  -8.317  5.959   1.00 23.97 ? 105 ALA A CB  1 
ATOM   382  N  N   . GLY A 1 60  ? -3.941  -10.518 5.744   1.00 27.24 ? 106 GLY A N   1 
ATOM   383  C  CA  . GLY A 1 60  ? -3.371  -11.771 6.153   1.00 27.86 ? 106 GLY A CA  1 
ATOM   384  C  C   . GLY A 1 60  ? -1.956  -11.688 6.615   1.00 29.01 ? 106 GLY A C   1 
ATOM   385  O  O   . GLY A 1 60  ? -1.481  -12.529 7.286   1.00 27.31 ? 106 GLY A O   1 
ATOM   386  N  N   . ARG A 1 61  ? -1.281  -10.661 6.163   1.00 29.15 ? 107 ARG A N   1 
ATOM   387  C  CA  . ARG A 1 61  ? 0.127   -10.458 6.403   0.50 27.60 ? 107 ARG A CA  1 
ATOM   388  C  C   . ARG A 1 61  ? 0.479   -9.444  7.489   1.00 30.79 ? 107 ARG A C   1 
ATOM   389  O  O   . ARG A 1 61  ? 1.426   -9.600  8.172   1.00 32.55 ? 107 ARG A O   1 
ATOM   390  C  CB  . ARG A 1 61  ? 0.803   -10.141 5.070   0.50 25.96 ? 107 ARG A CB  1 
ATOM   391  C  CG  . ARG A 1 61  ? 0.842   -11.361 4.146   0.50 27.80 ? 107 ARG A CG  1 
ATOM   392  C  CD  . ARG A 1 61  ? 0.801   -11.080 2.665   0.50 28.00 ? 107 ARG A CD  1 
ATOM   393  N  NE  . ARG A 1 61  ? 0.677   -12.273 1.822   0.50 24.31 ? 107 ARG A NE  1 
ATOM   394  C  CZ  . ARG A 1 61  ? -0.380  -13.091 1.761   0.50 20.28 ? 107 ARG A CZ  1 
ATOM   395  N  NH1 . ARG A 1 61  ? -1.435  -12.877 2.527   0.50 14.13 ? 107 ARG A NH1 1 
ATOM   396  N  NH2 . ARG A 1 61  ? -0.362  -14.129 0.944   0.50 4.74  ? 107 ARG A NH2 1 
ATOM   397  N  N   . TRP A 1 62  ? -0.330  -8.434  7.655   1.00 29.86 ? 108 TRP A N   1 
ATOM   398  C  CA  . TRP A 1 62  ? -0.087  -7.396  8.614   1.00 31.89 ? 108 TRP A CA  1 
ATOM   399  C  C   . TRP A 1 62  ? -1.350  -7.154  9.376   1.00 33.73 ? 108 TRP A C   1 
ATOM   400  O  O   . TRP A 1 62  ? -2.377  -7.505  8.904   1.00 31.35 ? 108 TRP A O   1 
ATOM   401  C  CB  . TRP A 1 62  ? 0.302   -6.113  7.908   1.00 31.10 ? 108 TRP A CB  1 
ATOM   402  C  CG  . TRP A 1 62  ? 1.543   -6.199  7.198   1.00 30.72 ? 108 TRP A CG  1 
ATOM   403  C  CD1 . TRP A 1 62  ? 1.706   -6.238  5.879   1.00 29.19 ? 108 TRP A CD1 1 
ATOM   404  C  CD2 . TRP A 1 62  ? 2.836   -6.261  7.756   1.00 32.57 ? 108 TRP A CD2 1 
ATOM   405  N  NE1 . TRP A 1 62  ? 2.998   -6.337  5.564   1.00 30.96 ? 108 TRP A NE1 1 
ATOM   406  C  CE2 . TRP A 1 62  ? 3.728   -6.333  6.706   1.00 34.13 ? 108 TRP A CE2 1 
ATOM   407  C  CE3 . TRP A 1 62  ? 3.333   -6.238  9.047   1.00 34.93 ? 108 TRP A CE3 1 
ATOM   408  C  CZ2 . TRP A 1 62  ? 5.069   -6.399  6.899   1.00 38.43 ? 108 TRP A CZ2 1 
ATOM   409  C  CZ3 . TRP A 1 62  ? 4.654   -6.304  9.225   1.00 37.40 ? 108 TRP A CZ3 1 
ATOM   410  C  CH2 . TRP A 1 62  ? 5.509   -6.381  8.170   1.00 31.60 ? 108 TRP A CH2 1 
ATOM   411  N  N   . PRO A 1 63  ? -1.286  -6.509  10.529  1.00 34.58 ? 109 PRO A N   1 
ATOM   412  C  CA  . PRO A 1 63  ? -2.525  -6.157  11.184  1.00 35.45 ? 109 PRO A CA  1 
ATOM   413  C  C   . PRO A 1 63  ? -3.055  -4.964  10.456  1.00 37.02 ? 109 PRO A C   1 
ATOM   414  O  O   . PRO A 1 63  ? -2.426  -3.935  10.454  1.00 42.26 ? 109 PRO A O   1 
ATOM   415  C  CB  . PRO A 1 63  ? -2.086  -5.726  12.563  1.00 36.11 ? 109 PRO A CB  1 
ATOM   416  C  CG  . PRO A 1 63  ? -0.760  -5.898  12.647  1.00 35.98 ? 109 PRO A CG  1 
ATOM   417  C  CD  . PRO A 1 63  ? -0.177  -6.476  11.467  1.00 35.84 ? 109 PRO A CD  1 
ATOM   418  N  N   . VAL A 1 64  ? -4.174  -5.134  9.788   1.00 35.03 ? 110 VAL A N   1 
ATOM   419  C  CA  . VAL A 1 64  ? -4.815  -4.054  9.109   1.00 32.37 ? 110 VAL A CA  1 
ATOM   420  C  C   . VAL A 1 64  ? -6.114  -3.749  9.844   1.00 34.93 ? 110 VAL A C   1 
ATOM   421  O  O   . VAL A 1 64  ? -7.054  -4.485  9.785   1.00 33.26 ? 110 VAL A O   1 
ATOM   422  C  CB  . VAL A 1 64  ? -5.057  -4.372  7.644   1.00 31.09 ? 110 VAL A CB  1 
ATOM   423  C  CG1 . VAL A 1 64  ? -5.640  -3.233  6.965   1.00 30.15 ? 110 VAL A CG1 1 
ATOM   424  C  CG2 . VAL A 1 64  ? -3.788  -4.741  6.957   1.00 26.00 ? 110 VAL A CG2 1 
ATOM   425  N  N   . LYS A 1 65  ? -6.136  -2.649  10.566  1.00 32.17 ? 111 LYS A N   1 
ATOM   426  C  CA  . LYS A 1 65  ? -7.324  -2.276  11.263  1.00 33.60 ? 111 LYS A CA  1 
ATOM   427  C  C   . LYS A 1 65  ? -8.203  -1.277  10.523  1.00 32.53 ? 111 LYS A C   1 
ATOM   428  O  O   . LYS A 1 65  ? -9.371  -1.464  10.434  1.00 28.44 ? 111 LYS A O   1 
ATOM   429  C  CB  . LYS A 1 65  ? -6.945  -1.769  12.634  1.00 35.79 ? 111 LYS A CB  1 
ATOM   430  C  CG  . LYS A 1 65  ? -8.060  -1.142  13.414  1.00 44.22 ? 111 LYS A CG  1 
ATOM   431  C  CD  . LYS A 1 65  ? -8.810  -2.172  14.218  1.00 53.73 ? 111 LYS A CD  1 
ATOM   432  C  CE  . LYS A 1 65  ? -9.315  -1.600  15.515  1.00 57.25 ? 111 LYS A CE  1 
ATOM   433  N  NZ  . LYS A 1 65  ? -8.504  -0.457  15.940  1.00 64.00 ? 111 LYS A NZ  1 
ATOM   434  N  N   . THR A 1 66  ? -7.610  -0.222  9.998   1.00 30.83 ? 112 THR A N   1 
ATOM   435  C  CA  . THR A 1 66  ? -8.325  0.726   9.174   1.00 32.69 ? 112 THR A CA  1 
ATOM   436  C  C   . THR A 1 66  ? -7.564  1.102   7.917   1.00 32.55 ? 112 THR A C   1 
ATOM   437  O  O   . THR A 1 66  ? -6.372  1.111   7.904   1.00 31.76 ? 112 THR A O   1 
ATOM   438  C  CB  . THR A 1 66  ? -8.730  2.006   9.934   1.00 33.25 ? 112 THR A CB  1 
ATOM   439  O  OG1 . THR A 1 66  ? -7.576  2.703   10.322  1.00 39.14 ? 112 THR A OG1 1 
ATOM   440  C  CG2 . THR A 1 66  ? -9.483  1.692   11.157  1.00 35.09 ? 112 THR A CG2 1 
ATOM   441  N  N   . VAL A 1 67  ? -8.292  1.403   6.866   1.00 31.09 ? 113 VAL A N   1 
ATOM   442  C  CA  . VAL A 1 67  ? -7.726  1.858   5.625   1.00 32.19 ? 113 VAL A CA  1 
ATOM   443  C  C   . VAL A 1 67  ? -8.283  3.224   5.211   1.00 33.21 ? 113 VAL A C   1 
ATOM   444  O  O   . VAL A 1 67  ? -9.452  3.441   5.256   1.00 31.92 ? 113 VAL A O   1 
ATOM   445  C  CB  . VAL A 1 67  ? -7.962  0.847   4.528   1.00 32.12 ? 113 VAL A CB  1 
ATOM   446  C  CG1 . VAL A 1 67  ? -7.341  1.293   3.300   1.00 35.87 ? 113 VAL A CG1 1 
ATOM   447  C  CG2 . VAL A 1 67  ? -7.435  -0.448  4.908   1.00 30.48 ? 113 VAL A CG2 1 
ATOM   448  N  N   . HIS A 1 68  ? -7.406  4.136   4.838   1.00 32.37 ? 114 HIS A N   1 
ATOM   449  C  CA  . HIS A 1 68  ? -7.768  5.423   4.272   1.00 33.91 ? 114 HIS A CA  1 
ATOM   450  C  C   . HIS A 1 68  ? -7.390  5.431   2.820   1.00 33.67 ? 114 HIS A C   1 
ATOM   451  O  O   . HIS A 1 68  ? -6.608  4.644   2.382   1.00 32.37 ? 114 HIS A O   1 
ATOM   452  C  CB  . HIS A 1 68  ? -7.093  6.580   4.990   1.00 35.40 ? 114 HIS A CB  1 
ATOM   453  C  CG  . HIS A 1 68  ? -7.443  7.939   4.442   1.00 46.29 ? 114 HIS A CG  1 
ATOM   454  N  ND1 . HIS A 1 68  ? -8.724  8.447   4.436   1.00 50.70 ? 114 HIS A ND1 1 
ATOM   455  C  CD2 . HIS A 1 68  ? -6.667  8.898   3.889   1.00 50.29 ? 114 HIS A CD2 1 
ATOM   456  C  CE1 . HIS A 1 68  ? -8.714  9.655   3.909   1.00 53.35 ? 114 HIS A CE1 1 
ATOM   457  N  NE2 . HIS A 1 68  ? -7.480  9.949   3.564   1.00 47.86 ? 114 HIS A NE2 1 
ATOM   458  N  N   . THR A 1 69  ? -7.995  6.321   2.075   1.00 30.38 ? 115 THR A N   1 
ATOM   459  C  CA  . THR A 1 69  ? -7.739  6.438   0.683   1.00 29.30 ? 115 THR A CA  1 
ATOM   460  C  C   . THR A 1 69  ? -7.968  7.859   0.226   1.00 29.89 ? 115 THR A C   1 
ATOM   461  O  O   . THR A 1 69  ? -8.655  8.583   0.854   1.00 31.18 ? 115 THR A O   1 
ATOM   462  C  CB  . THR A 1 69  ? -8.596  5.472   -0.077  1.00 28.59 ? 115 THR A CB  1 
ATOM   463  O  OG1 . THR A 1 69  ? -8.271  5.528   -1.453  1.00 24.76 ? 115 THR A OG1 1 
ATOM   464  C  CG2 . THR A 1 69  ? -10.043 5.777   0.123   1.00 29.44 ? 115 THR A CG2 1 
ATOM   465  N  N   . ASP A 1 70  ? -7.376  8.231   -0.886  1.00 30.86 ? 116 ASP A N   1 
ATOM   466  C  CA  . ASP A 1 70  ? -7.623  9.516   -1.475  1.00 31.94 ? 116 ASP A CA  1 
ATOM   467  C  C   . ASP A 1 70  ? -8.723  9.459   -2.544  1.00 30.57 ? 116 ASP A C   1 
ATOM   468  O  O   . ASP A 1 70  ? -9.009  10.421  -3.159  1.00 30.42 ? 116 ASP A O   1 
ATOM   469  C  CB  . ASP A 1 70  ? -6.330  10.143  -2.005  1.00 32.90 ? 116 ASP A CB  1 
ATOM   470  C  CG  . ASP A 1 70  ? -5.419  10.733  -0.886  1.00 40.27 ? 116 ASP A CG  1 
ATOM   471  O  OD1 . ASP A 1 70  ? -5.740  10.699  0.294   1.00 41.83 ? 116 ASP A OD1 1 
ATOM   472  O  OD2 . ASP A 1 70  ? -4.349  11.243  -1.196  1.00 47.72 ? 116 ASP A OD2 1 
ATOM   473  N  N   . ASN A 1 71  ? -9.306  8.297   -2.753  1.00 28.59 ? 117 ASN A N   1 
ATOM   474  C  CA  . ASN A 1 71  ? -10.441 8.118   -3.637  1.00 28.41 ? 117 ASN A CA  1 
ATOM   475  C  C   . ASN A 1 71  ? -11.448 7.176   -2.992  1.00 29.03 ? 117 ASN A C   1 
ATOM   476  O  O   . ASN A 1 71  ? -11.405 5.987   -3.175  1.00 26.89 ? 117 ASN A O   1 
ATOM   477  C  CB  . ASN A 1 71  ? -9.997  7.653   -5.022  1.00 27.52 ? 117 ASN A CB  1 
ATOM   478  C  CG  . ASN A 1 71  ? -11.114 7.650   -6.053  1.00 29.83 ? 117 ASN A CG  1 
ATOM   479  O  OD1 . ASN A 1 71  ? -10.899 7.366   -7.196  1.00 32.02 ? 117 ASN A OD1 1 
ATOM   480  N  ND2 . ASN A 1 71  ? -12.283 7.941   -5.641  1.00 28.86 ? 117 ASN A ND2 1 
ATOM   481  N  N   . GLY A 1 72  ? -12.394 7.770   -2.285  1.00 28.19 ? 118 GLY A N   1 
ATOM   482  C  CA  . GLY A 1 72  ? -13.374 7.072   -1.488  1.00 28.52 ? 118 GLY A CA  1 
ATOM   483  C  C   . GLY A 1 72  ? -14.224 6.137   -2.295  1.00 28.46 ? 118 GLY A C   1 
ATOM   484  O  O   . GLY A 1 72  ? -14.629 5.132   -1.827  1.00 30.41 ? 118 GLY A O   1 
ATOM   485  N  N   . SER A 1 73  ? -14.441 6.482   -3.537  1.00 27.59 ? 119 SER A N   1 
ATOM   486  C  CA  . SER A 1 73  ? -15.231 5.685   -4.430  1.00 30.58 ? 119 SER A CA  1 
ATOM   487  C  C   . SER A 1 73  ? -14.605 4.320   -4.702  1.00 30.54 ? 119 SER A C   1 
ATOM   488  O  O   . SER A 1 73  ? -15.266 3.439   -5.119  1.00 32.37 ? 119 SER A O   1 
ATOM   489  C  CB  . SER A 1 73  ? -15.582 6.436   -5.704  1.00 28.30 ? 119 SER A CB  1 
ATOM   490  O  OG  . SER A 1 73  ? -14.528 6.522   -6.588  1.00 29.66 ? 119 SER A OG  1 
ATOM   491  N  N   . ASN A 1 74  ? -13.323 4.193   -4.415  1.00 31.56 ? 120 ASN A N   1 
ATOM   492  C  CA  . ASN A 1 74  ? -12.566 2.973   -4.595  1.00 33.88 ? 120 ASN A CA  1 
ATOM   493  C  C   . ASN A 1 74  ? -13.187 1.918   -3.706  1.00 31.86 ? 120 ASN A C   1 
ATOM   494  O  O   . ASN A 1 74  ? -13.058 0.782   -3.958  1.00 34.61 ? 120 ASN A O   1 
ATOM   495  C  CB  . ASN A 1 74  ? -11.128 3.140   -4.132  1.00 33.56 ? 120 ASN A CB  1 
ATOM   496  C  CG  . ASN A 1 74  ? -10.214 3.740   -5.151  1.00 37.78 ? 120 ASN A CG  1 
ATOM   497  O  OD1 . ASN A 1 74  ? -10.484 3.759   -6.329  1.00 38.28 ? 120 ASN A OD1 1 
ATOM   498  N  ND2 . ASN A 1 74  ? -9.091  4.232   -4.668  1.00 32.66 ? 120 ASN A ND2 1 
ATOM   499  N  N   . PHE A 1 75  ? -13.825 2.346   -2.638  1.00 31.61 ? 121 PHE A N   1 
ATOM   500  C  CA  . PHE A 1 75  ? -14.292 1.481   -1.594  1.00 32.55 ? 121 PHE A CA  1 
ATOM   501  C  C   . PHE A 1 75  ? -15.783 1.193   -1.595  1.00 34.50 ? 121 PHE A C   1 
ATOM   502  O  O   . PHE A 1 75  ? -16.299 0.719   -0.637  1.00 34.68 ? 121 PHE A O   1 
ATOM   503  C  CB  . PHE A 1 75  ? -13.889 2.037   -0.243  1.00 31.91 ? 121 PHE A CB  1 
ATOM   504  C  CG  . PHE A 1 75  ? -12.418 1.951   0.049   1.00 34.45 ? 121 PHE A CG  1 
ATOM   505  C  CD1 . PHE A 1 75  ? -11.580 1.182   -0.718  1.00 30.98 ? 121 PHE A CD1 1 
ATOM   506  C  CD2 . PHE A 1 75  ? -11.872 2.656   1.097   1.00 35.25 ? 121 PHE A CD2 1 
ATOM   507  C  CE1 . PHE A 1 75  ? -10.264 1.118   -0.447  1.00 36.51 ? 121 PHE A CE1 1 
ATOM   508  C  CE2 . PHE A 1 75  ? -10.566 2.589   1.354   1.00 33.14 ? 121 PHE A CE2 1 
ATOM   509  C  CZ  . PHE A 1 75  ? -9.760  1.821   0.574   1.00 35.23 ? 121 PHE A CZ  1 
ATOM   510  N  N   . THR A 1 76  ? -16.474 1.535   -2.658  1.00 34.10 ? 122 THR A N   1 
ATOM   511  C  CA  . THR A 1 76  ? -17.905 1.360   -2.707  1.00 33.52 ? 122 THR A CA  1 
ATOM   512  C  C   . THR A 1 76  ? -18.386 0.017   -3.205  1.00 33.89 ? 122 THR A C   1 
ATOM   513  O  O   . THR A 1 76  ? -19.515 -0.340  -3.013  1.00 35.13 ? 122 THR A O   1 
ATOM   514  C  CB  . THR A 1 76  ? -18.548 2.452   -3.524  1.00 34.38 ? 122 THR A CB  1 
ATOM   515  O  OG1 . THR A 1 76  ? -18.194 2.297   -4.887  1.00 36.24 ? 122 THR A OG1 1 
ATOM   516  C  CG2 . THR A 1 76  ? -18.081 3.732   -3.065  1.00 31.44 ? 122 THR A CG2 1 
ATOM   517  N  N   . SER A 1 77  ? -17.516 -0.718  -3.859  1.00 32.77 ? 123 SER A N   1 
ATOM   518  C  CA  . SER A 1 77  ? -17.896 -1.988  -4.424  1.00 34.91 ? 123 SER A CA  1 
ATOM   519  C  C   . SER A 1 77  ? -18.263 -3.046  -3.398  1.00 32.84 ? 123 SER A C   1 
ATOM   520  O  O   . SER A 1 77  ? -17.725 -3.102  -2.348  1.00 32.28 ? 123 SER A O   1 
ATOM   521  C  CB  . SER A 1 77  ? -16.862 -2.510  -5.416  1.00 34.81 ? 123 SER A CB  1 
ATOM   522  O  OG  . SER A 1 77  ? -15.745 -3.039  -4.786  1.00 36.80 ? 123 SER A OG  1 
ATOM   523  N  N   . THR A 1 78  ? -19.187 -3.884  -3.787  1.00 32.77 ? 124 THR A N   1 
ATOM   524  C  CA  . THR A 1 78  ? -19.730 -4.911  -2.961  1.00 33.62 ? 124 THR A CA  1 
ATOM   525  C  C   . THR A 1 78  ? -18.603 -5.801  -2.601  1.00 32.44 ? 124 THR A C   1 
ATOM   526  O  O   . THR A 1 78  ? -18.498 -6.282  -1.526  1.00 32.73 ? 124 THR A O   1 
ATOM   527  C  CB  . THR A 1 78  ? -20.740 -5.679  -3.728  1.00 34.14 ? 124 THR A CB  1 
ATOM   528  O  OG1 . THR A 1 78  ? -21.963 -4.982  -3.656  1.00 37.28 ? 124 THR A OG1 1 
ATOM   529  C  CG2 . THR A 1 78  ? -20.915 -7.039  -3.161  1.00 33.25 ? 124 THR A CG2 1 
ATOM   530  N  N   . THR A 1 79  ? -17.753 -5.972  -3.570  1.00 31.16 ? 125 THR A N   1 
ATOM   531  C  CA  . THR A 1 79  ? -16.608 -6.807  -3.502  1.00 32.08 ? 125 THR A CA  1 
ATOM   532  C  C   . THR A 1 79  ? -15.563 -6.360  -2.454  1.00 31.49 ? 125 THR A C   1 
ATOM   533  O  O   . THR A 1 79  ? -15.085 -7.144  -1.700  1.00 28.10 ? 125 THR A O   1 
ATOM   534  C  CB  . THR A 1 79  ? -16.083 -6.847  -4.928  1.00 35.28 ? 125 THR A CB  1 
ATOM   535  O  OG1 . THR A 1 79  ? -16.109 -8.167  -5.436  1.00 41.07 ? 125 THR A OG1 1 
ATOM   536  C  CG2 . THR A 1 79  ? -14.804 -6.274  -5.049  1.00 32.10 ? 125 THR A CG2 1 
ATOM   537  N  N   . VAL A 1 80  ? -15.231 -5.091  -2.431  1.00 26.57 ? 126 VAL A N   1 
ATOM   538  C  CA  . VAL A 1 80  ? -14.396 -4.507  -1.393  1.00 27.79 ? 126 VAL A CA  1 
ATOM   539  C  C   . VAL A 1 80  ? -15.043 -4.542  -0.007  1.00 27.75 ? 126 VAL A C   1 
ATOM   540  O  O   . VAL A 1 80  ? -14.409 -4.763  0.970   1.00 24.85 ? 126 VAL A O   1 
ATOM   541  C  CB  . VAL A 1 80  ? -13.970 -3.075  -1.745  1.00 27.31 ? 126 VAL A CB  1 
ATOM   542  C  CG1 . VAL A 1 80  ? -13.332 -2.423  -0.596  1.00 27.35 ? 126 VAL A CG1 1 
ATOM   543  C  CG2 . VAL A 1 80  ? -13.065 -3.058  -2.933  1.00 26.95 ? 126 VAL A CG2 1 
ATOM   544  N  N   . LYS A 1 81  ? -16.325 -4.284  0.037   1.00 27.98 ? 127 LYS A N   1 
ATOM   545  C  CA  . LYS A 1 81  ? -17.024 -4.286  1.290   1.00 30.30 ? 127 LYS A CA  1 
ATOM   546  C  C   . LYS A 1 81  ? -16.981 -5.644  1.908   1.00 28.67 ? 127 LYS A C   1 
ATOM   547  O  O   . LYS A 1 81  ? -16.820 -5.762  3.068   1.00 29.71 ? 127 LYS A O   1 
ATOM   548  C  CB  . LYS A 1 81  ? -18.451 -3.833  1.126   1.00 29.34 ? 127 LYS A CB  1 
ATOM   549  C  CG  . LYS A 1 81  ? -18.596 -2.378  1.122   1.00 33.59 ? 127 LYS A CG  1 
ATOM   550  C  CD  . LYS A 1 81  ? -19.334 -1.961  -0.037  1.00 42.33 ? 127 LYS A CD  1 
ATOM   551  C  CE  . LYS A 1 81  ? -20.539 -1.190  0.350   1.00 48.99 ? 127 LYS A CE  1 
ATOM   552  N  NZ  . LYS A 1 81  ? -21.653 -1.515  -0.537  1.00 54.84 ? 127 LYS A NZ  1 
ATOM   553  N  N   . ALA A 1 82  ? -17.135 -6.656  1.086   1.00 28.28 ? 128 ALA A N   1 
ATOM   554  C  CA  . ALA A 1 82  ? -17.038 -8.013  1.529   1.00 26.43 ? 128 ALA A CA  1 
ATOM   555  C  C   . ALA A 1 82  ? -15.662 -8.321  2.070   1.00 26.61 ? 128 ALA A C   1 
ATOM   556  O  O   . ALA A 1 82  ? -15.565 -8.903  3.106   1.00 25.24 ? 128 ALA A O   1 
ATOM   557  C  CB  . ALA A 1 82  ? -17.400 -8.955  0.445   1.00 25.51 ? 128 ALA A CB  1 
ATOM   558  N  N   . ALA A 1 83  ? -14.612 -7.883  1.388   1.00 25.06 ? 129 ALA A N   1 
ATOM   559  C  CA  . ALA A 1 83  ? -13.277 -8.200  1.892   1.00 24.30 ? 129 ALA A CA  1 
ATOM   560  C  C   . ALA A 1 83  ? -13.062 -7.477  3.226   1.00 25.43 ? 129 ALA A C   1 
ATOM   561  O  O   . ALA A 1 83  ? -12.588 -8.062  4.224   1.00 25.02 ? 129 ALA A O   1 
ATOM   562  C  CB  . ALA A 1 83  ? -12.155 -7.849  0.781   1.00 23.51 ? 129 ALA A CB  1 
HETATM 563  N  N   . CAF A 1 84  ? -13.445 -6.184  3.321   1.00 25.52 ? 130 CAF A N   1 
HETATM 564  C  CA  . CAF A 1 84  ? -13.323 -5.489  4.624   1.00 25.13 ? 130 CAF A CA  1 
HETATM 565  C  CB  . CAF A 1 84  ? -13.707 -3.992  4.480   1.00 26.30 ? 130 CAF A CB  1 
HETATM 566  C  C   . CAF A 1 84  ? -14.188 -6.116  5.721   1.00 25.69 ? 130 CAF A C   1 
HETATM 567  O  O   . CAF A 1 84  ? -13.749 -6.212  6.882   1.00 26.81 ? 130 CAF A O   1 
HETATM 568  S  SG  . CAF A 1 84  ? -12.463 -3.250  3.442   1.00 30.29 ? 130 CAF A SG  1 
HETATM 569  AS AS  . CAF A 1 84  ? -12.915 -1.122  4.092   1.00 47.08 ? 130 CAF A AS  1 
HETATM 570  C  CE1 . CAF A 1 84  ? -11.087 -0.535  3.618   1.00 49.25 ? 130 CAF A CE1 1 
HETATM 571  O  O1  . CAF A 1 84  ? -14.027 -0.595  2.868   1.00 46.58 ? 130 CAF A O1  1 
ATOM   572  N  N   . TRP A 1 85  ? -15.383 -6.534  5.385   1.00 26.51 ? 131 TRP A N   1 
ATOM   573  C  CA  . TRP A 1 85  ? -16.278 -7.268  6.349   1.00 28.46 ? 131 TRP A CA  1 
ATOM   574  C  C   . TRP A 1 85  ? -15.596 -8.549  6.878   1.00 28.57 ? 131 TRP A C   1 
ATOM   575  O  O   . TRP A 1 85  ? -15.466 -8.735  8.061   1.00 28.89 ? 131 TRP A O   1 
ATOM   576  C  CB  . TRP A 1 85  ? -17.584 -7.678  5.658   1.00 28.40 ? 131 TRP A CB  1 
ATOM   577  C  CG  . TRP A 1 85  ? -18.379 -8.728  6.508   1.00 31.14 ? 131 TRP A CG  1 
ATOM   578  C  CD1 . TRP A 1 85  ? -19.124 -8.489  7.688   1.00 34.00 ? 131 TRP A CD1 1 
ATOM   579  C  CD2 . TRP A 1 85  ? -18.425 -10.142 6.296   1.00 29.51 ? 131 TRP A CD2 1 
ATOM   580  N  NE1 . TRP A 1 85  ? -19.617 -9.685  8.173   1.00 33.01 ? 131 TRP A NE1 1 
ATOM   581  C  CE2 . TRP A 1 85  ? -19.209 -10.706 7.349   1.00 32.01 ? 131 TRP A CE2 1 
ATOM   582  C  CE3 . TRP A 1 85  ? -17.930 -10.981 5.294   1.00 33.43 ? 131 TRP A CE3 1 
ATOM   583  C  CZ2 . TRP A 1 85  ? -19.526 -12.064 7.391   1.00 34.52 ? 131 TRP A CZ2 1 
ATOM   584  C  CZ3 . TRP A 1 85  ? -18.193 -12.358 5.376   1.00 34.96 ? 131 TRP A CZ3 1 
ATOM   585  C  CH2 . TRP A 1 85  ? -18.993 -12.880 6.402   1.00 34.92 ? 131 TRP A CH2 1 
ATOM   586  N  N   . TRP A 1 86  ? -15.113 -9.394  5.976   1.00 27.75 ? 132 TRP A N   1 
ATOM   587  C  CA  . TRP A 1 86  ? -14.467 -10.628 6.341   1.00 26.77 ? 132 TRP A CA  1 
ATOM   588  C  C   . TRP A 1 86  ? -13.186 -10.470 7.127   1.00 26.77 ? 132 TRP A C   1 
ATOM   589  O  O   . TRP A 1 86  ? -13.006 -11.132 8.069   1.00 24.65 ? 132 TRP A O   1 
ATOM   590  C  CB  . TRP A 1 86  ? -14.252 -11.555 5.133   1.00 25.97 ? 132 TRP A CB  1 
ATOM   591  C  CG  . TRP A 1 86  ? -13.925 -12.926 5.535   1.00 27.70 ? 132 TRP A CG  1 
ATOM   592  C  CD1 . TRP A 1 86  ? -14.785 -13.926 5.749   1.00 26.28 ? 132 TRP A CD1 1 
ATOM   593  C  CD2 . TRP A 1 86  ? -12.641 -13.440 5.828   1.00 23.83 ? 132 TRP A CD2 1 
ATOM   594  N  NE1 . TRP A 1 86  ? -14.139 -15.025 6.142   1.00 25.55 ? 132 TRP A NE1 1 
ATOM   595  C  CE2 . TRP A 1 86  ? -12.812 -14.760 6.205   1.00 23.65 ? 132 TRP A CE2 1 
ATOM   596  C  CE3 . TRP A 1 86  ? -11.364 -12.921 5.789   1.00 27.08 ? 132 TRP A CE3 1 
ATOM   597  C  CZ2 . TRP A 1 86  ? -11.772 -15.563 6.537   1.00 22.87 ? 132 TRP A CZ2 1 
ATOM   598  C  CZ3 . TRP A 1 86  ? -10.341 -13.722 6.121   1.00 27.07 ? 132 TRP A CZ3 1 
ATOM   599  C  CH2 . TRP A 1 86  ? -10.545 -15.026 6.490   1.00 25.06 ? 132 TRP A CH2 1 
ATOM   600  N  N   . ALA A 1 87  ? -12.323 -9.563  6.741   1.00 25.69 ? 133 ALA A N   1 
ATOM   601  C  CA  . ALA A 1 87  ? -11.072 -9.365  7.410   1.00 24.40 ? 133 ALA A CA  1 
ATOM   602  C  C   . ALA A 1 87  ? -11.208 -8.467  8.610   1.00 26.43 ? 133 ALA A C   1 
ATOM   603  O  O   . ALA A 1 87  ? -10.303 -8.339  9.364   1.00 25.02 ? 133 ALA A O   1 
ATOM   604  C  CB  . ALA A 1 87  ? -10.029 -8.837  6.455   1.00 25.60 ? 133 ALA A CB  1 
ATOM   605  N  N   . GLY A 1 88  ? -12.400 -7.934  8.793   1.00 26.30 ? 134 GLY A N   1 
ATOM   606  C  CA  . GLY A 1 88  ? -12.712 -6.966  9.818   1.00 29.84 ? 134 GLY A CA  1 
ATOM   607  C  C   . GLY A 1 88  ? -12.031 -5.622  9.755   1.00 30.70 ? 134 GLY A C   1 
ATOM   608  O  O   . GLY A 1 88  ? -11.599 -5.121  10.726  1.00 31.23 ? 134 GLY A O   1 
ATOM   609  N  N   . ILE A 1 89  ? -11.924 -5.075  8.572   1.00 30.70 ? 135 ILE A N   1 
ATOM   610  C  CA  . ILE A 1 89  ? -11.268 -3.822  8.347   1.00 32.19 ? 135 ILE A CA  1 
ATOM   611  C  C   . ILE A 1 89  ? -12.302 -2.721  8.364   1.00 34.25 ? 135 ILE A C   1 
ATOM   612  O  O   . ILE A 1 89  ? -13.343 -2.874  7.839   1.00 33.67 ? 135 ILE A O   1 
ATOM   613  C  CB  . ILE A 1 89  ? -10.558 -3.830  6.996   1.00 30.46 ? 135 ILE A CB  1 
ATOM   614  C  CG1 . ILE A 1 89  ? -9.525  -4.927  6.954   1.00 28.08 ? 135 ILE A CG1 1 
ATOM   615  C  CG2 . ILE A 1 89  ? -9.928  -2.529  6.729   1.00 30.63 ? 135 ILE A CG2 1 
ATOM   616  C  CD1 . ILE A 1 89  ? -9.138  -5.267  5.649   1.00 23.43 ? 135 ILE A CD1 1 
ATOM   617  N  N   . LYS A 1 90  ? -11.988 -1.591  8.946   1.00 39.23 ? 136 LYS A N   1 
ATOM   618  C  CA  . LYS A 1 90  ? -12.881 -0.439  8.893   1.00 44.48 ? 136 LYS A CA  1 
ATOM   619  C  C   . LYS A 1 90  ? -12.326 0.652   8.032   1.00 46.79 ? 136 LYS A C   1 
ATOM   620  O  O   . LYS A 1 90  ? -11.157 0.826   7.962   1.00 44.15 ? 136 LYS A O   1 
ATOM   621  C  CB  . LYS A 1 90  ? -13.080 0.157   10.253  1.00 44.89 ? 136 LYS A CB  1 
ATOM   622  C  CG  . LYS A 1 90  ? -13.487 -0.778  11.321  1.00 53.13 ? 136 LYS A CG  1 
ATOM   623  C  CD  . LYS A 1 90  ? -13.460 -0.063  12.660  1.00 58.94 ? 136 LYS A CD  1 
ATOM   624  C  CE  . LYS A 1 90  ? -12.818 -0.875  13.762  1.00 62.26 ? 136 LYS A CE  1 
ATOM   625  N  NZ  . LYS A 1 90  ? -13.184 -0.357  15.119  1.00 64.77 ? 136 LYS A NZ  1 
ATOM   626  N  N   . GLN A 1 91  ? -13.189 1.397   7.379   1.00 51.55 ? 137 GLN A N   1 
ATOM   627  C  CA  . GLN A 1 91  ? -12.772 2.582   6.657   1.00 57.69 ? 137 GLN A CA  1 
ATOM   628  C  C   . GLN A 1 91  ? -12.530 3.762   7.577   1.00 62.18 ? 137 GLN A C   1 
ATOM   629  O  O   . GLN A 1 91  ? -13.165 3.901   8.593   1.00 63.19 ? 137 GLN A O   1 
ATOM   630  C  CB  . GLN A 1 91  ? -13.794 2.968   5.626   1.00 55.96 ? 137 GLN A CB  1 
ATOM   631  C  CG  . GLN A 1 91  ? -13.459 4.231   4.914   1.00 58.10 ? 137 GLN A CG  1 
ATOM   632  C  CD  . GLN A 1 91  ? -14.116 4.324   3.558   1.00 57.23 ? 137 GLN A CD  1 
ATOM   633  O  OE1 . GLN A 1 91  ? -15.141 3.745   3.321   1.00 58.13 ? 137 GLN A OE1 1 
ATOM   634  N  NE2 . GLN A 1 91  ? -13.512 5.044   2.677   1.00 56.00 ? 137 GLN A NE2 1 
ATOM   635  N  N   . GLU A 1 92  ? -11.613 4.628   7.212   1.00 67.02 ? 138 GLU A N   1 
ATOM   636  C  CA  . GLU A 1 92  ? -11.487 5.887   7.896   1.00 72.51 ? 138 GLU A CA  1 
ATOM   637  C  C   . GLU A 1 92  ? -11.882 6.970   6.933   1.00 75.96 ? 138 GLU A C   1 
ATOM   638  O  O   . GLU A 1 92  ? -11.151 7.260   6.008   1.00 76.58 ? 138 GLU A O   1 
ATOM   639  C  CB  . GLU A 1 92  ? -10.063 6.108   8.271   1.00 72.42 ? 138 GLU A CB  1 
ATOM   640  C  CG  . GLU A 1 92  ? -9.877  6.646   9.626   1.00 74.45 ? 138 GLU A CG  1 
ATOM   641  C  CD  . GLU A 1 92  ? -8.416  6.684   9.983   1.00 76.63 ? 138 GLU A CD  1 
ATOM   642  O  OE1 . GLU A 1 92  ? -8.111  6.640   11.194  1.00 73.61 ? 138 GLU A OE1 1 
ATOM   643  O  OE2 . GLU A 1 92  ? -7.599  6.742   9.033   1.00 73.45 ? 138 GLU A OE2 1 
ATOM   644  N  N   . PHE A 1 93  ? -13.063 7.534   7.124   1.00 80.01 ? 139 PHE A N   1 
ATOM   645  C  CA  . PHE A 1 93  ? -13.612 8.501   6.179   1.00 83.19 ? 139 PHE A CA  1 
ATOM   646  C  C   . PHE A 1 93  ? -12.929 9.848   6.188   1.00 84.99 ? 139 PHE A C   1 
ATOM   647  O  O   . PHE A 1 93  ? -12.399 10.276  7.197   1.00 85.57 ? 139 PHE A O   1 
ATOM   648  C  CB  . PHE A 1 93  ? -15.104 8.642   6.386   1.00 83.19 ? 139 PHE A CB  1 
ATOM   649  C  CG  . PHE A 1 93  ? -15.717 7.440   6.968   1.00 84.73 ? 139 PHE A CG  1 
ATOM   650  C  CD1 . PHE A 1 93  ? -15.572 7.165   8.302   1.00 85.05 ? 139 PHE A CD1 1 
ATOM   651  C  CD2 . PHE A 1 93  ? -16.396 6.549   6.175   1.00 86.40 ? 139 PHE A CD2 1 
ATOM   652  C  CE1 . PHE A 1 93  ? -16.123 6.064   8.840   1.00 85.74 ? 139 PHE A CE1 1 
ATOM   653  C  CE2 . PHE A 1 93  ? -16.947 5.433   6.714   1.00 86.38 ? 139 PHE A CE2 1 
ATOM   654  C  CZ  . PHE A 1 93  ? -16.815 5.195   8.052   1.00 86.83 ? 139 PHE A CZ  1 
ATOM   655  N  N   . GLY A 1 94  ? -12.951 10.520  5.049   1.00 86.97 ? 140 GLY A N   1 
ATOM   656  C  CA  . GLY A 1 94  ? -12.308 11.808  4.918   1.00 89.60 ? 140 GLY A CA  1 
ATOM   657  C  C   . GLY A 1 94  ? -13.408 12.822  5.018   1.00 91.46 ? 140 GLY A C   1 
ATOM   658  O  O   . GLY A 1 94  ? -13.229 14.018  4.807   1.00 91.72 ? 140 GLY A O   1 
ATOM   659  N  N   . ILE A 1 95  ? -14.567 12.280  5.360   1.00 93.16 ? 141 ILE A N   1 
ATOM   660  C  CA  . ILE A 1 95  ? -15.786 13.008  5.637   1.00 94.13 ? 141 ILE A CA  1 
ATOM   661  C  C   . ILE A 1 95  ? -15.643 13.847  6.911   1.00 94.98 ? 141 ILE A C   1 
ATOM   662  O  O   . ILE A 1 95  ? -16.102 14.963  6.989   1.00 94.57 ? 141 ILE A O   1 
ATOM   663  C  CB  . ILE A 1 95  ? -16.921 11.991  5.816   1.00 94.07 ? 141 ILE A CB  1 
ATOM   664  C  CG1 . ILE A 1 95  ? -17.637 11.701  4.491   1.00 92.89 ? 141 ILE A CG1 1 
ATOM   665  C  CG2 . ILE A 1 95  ? -17.865 12.457  6.895   1.00 94.55 ? 141 ILE A CG2 1 
ATOM   666  C  CD1 . ILE A 1 95  ? -18.319 10.358  4.455   1.00 90.83 ? 141 ILE A CD1 1 
ATOM   667  N  N   . PRO A 1 96  ? -14.983 13.290  7.916   1.00 95.92 ? 142 PRO A N   1 
ATOM   668  C  CA  . PRO A 1 96  ? -14.491 11.914  7.855   1.00 96.22 ? 142 PRO A CA  1 
ATOM   669  C  C   . PRO A 1 96  ? -15.249 11.066  8.846   1.00 96.25 ? 142 PRO A C   1 
ATOM   670  O  O   . PRO A 1 96  ? -16.403 11.377  9.064   1.00 96.52 ? 142 PRO A O   1 
ATOM   671  C  CB  . PRO A 1 96  ? -13.022 12.045  8.281   1.00 96.45 ? 142 PRO A CB  1 
ATOM   672  C  CG  . PRO A 1 96  ? -12.693 13.476  8.159   1.00 96.03 ? 142 PRO A CG  1 
ATOM   673  C  CD  . PRO A 1 96  ? -13.956 14.209  8.430   1.00 95.99 ? 142 PRO A CD  1 
ATOM   674  N  N   . VAL A 1 104 ? 0.347   13.327  7.604   1.00 86.10 ? 150 VAL A N   1 
ATOM   675  C  CA  . VAL A 1 104 ? -0.922  13.863  7.114   1.00 86.39 ? 150 VAL A CA  1 
ATOM   676  C  C   . VAL A 1 104 ? -1.099  13.866  5.584   1.00 86.47 ? 150 VAL A C   1 
ATOM   677  O  O   . VAL A 1 104 ? -2.220  13.855  5.078   1.00 86.64 ? 150 VAL A O   1 
ATOM   678  C  CB  . VAL A 1 104 ? -1.176  15.276  7.685   1.00 86.44 ? 150 VAL A CB  1 
ATOM   679  C  CG1 . VAL A 1 104 ? -0.335  15.489  8.889   1.00 86.03 ? 150 VAL A CG1 1 
ATOM   680  C  CG2 . VAL A 1 104 ? -0.932  16.351  6.647   1.00 86.19 ? 150 VAL A CG2 1 
ATOM   681  N  N   . ILE A 1 105 ? 0.013   13.871  4.866   1.00 85.97 ? 151 ILE A N   1 
ATOM   682  C  CA  . ILE A 1 105 ? 0.038   13.958  3.418   1.00 85.51 ? 151 ILE A CA  1 
ATOM   683  C  C   . ILE A 1 105 ? 0.712   12.714  2.868   1.00 84.95 ? 151 ILE A C   1 
ATOM   684  O  O   . ILE A 1 105 ? 0.669   11.679  3.517   1.00 85.16 ? 151 ILE A O   1 
ATOM   685  C  CB  . ILE A 1 105 ? 0.767   15.226  3.000   1.00 85.77 ? 151 ILE A CB  1 
ATOM   686  C  CG1 . ILE A 1 105 ? 1.482   15.062  1.666   1.00 85.56 ? 151 ILE A CG1 1 
ATOM   687  C  CG2 . ILE A 1 105 ? 1.768   15.603  4.064   1.00 85.37 ? 151 ILE A CG2 1 
ATOM   688  C  CD1 . ILE A 1 105 ? 2.856   15.661  1.681   1.00 85.84 ? 151 ILE A CD1 1 
ATOM   689  N  N   . GLU A 1 106 ? 1.313   12.797  1.678   1.00 83.53 ? 152 GLU A N   1 
ATOM   690  C  CA  . GLU A 1 106 ? 2.187   11.716  1.231   1.00 81.74 ? 152 GLU A CA  1 
ATOM   691  C  C   . GLU A 1 106 ? 3.166   11.997  0.130   1.00 80.50 ? 152 GLU A C   1 
ATOM   692  O  O   . GLU A 1 106 ? 4.350   12.234  0.329   1.00 79.64 ? 152 GLU A O   1 
ATOM   693  C  CB  . GLU A 1 106 ? 1.394   10.543  0.726   1.00 81.80 ? 152 GLU A CB  1 
ATOM   694  C  CG  . GLU A 1 106 ? 1.990   9.338   1.200   1.00 81.98 ? 152 GLU A CG  1 
ATOM   695  C  CD  . GLU A 1 106 ? 2.270   9.476   2.665   1.00 84.36 ? 152 GLU A CD  1 
ATOM   696  O  OE1 . GLU A 1 106 ? 3.409   9.839   3.021   1.00 82.30 ? 152 GLU A OE1 1 
ATOM   697  O  OE2 . GLU A 1 106 ? 1.331   9.251   3.448   1.00 84.22 ? 152 GLU A OE2 1 
ATOM   698  N  N   . SER A 1 107 ? 2.639   11.870  -1.064  1.00 78.68 ? 153 SER A N   1 
ATOM   699  C  CA  . SER A 1 107 ? 3.456   11.929  -2.227  1.00 77.02 ? 153 SER A CA  1 
ATOM   700  C  C   . SER A 1 107 ? 4.431   10.790  -2.230  1.00 75.16 ? 153 SER A C   1 
ATOM   701  O  O   . SER A 1 107 ? 5.495   10.915  -2.751  1.00 75.46 ? 153 SER A O   1 
ATOM   702  C  CB  . SER A 1 107 ? 4.201   13.251  -2.243  1.00 77.80 ? 153 SER A CB  1 
ATOM   703  O  OG  . SER A 1 107 ? 3.300   14.353  -2.151  1.00 79.06 ? 153 SER A OG  1 
ATOM   704  N  N   . MET A 1 108 ? 4.077   9.665   -1.650  1.00 73.53 ? 154 MET A N   1 
ATOM   705  C  CA  . MET A 1 108 ? 4.859   8.471   -1.873  1.00 71.65 ? 154 MET A CA  1 
ATOM   706  C  C   . MET A 1 108 ? 4.738   8.040   -3.292  1.00 70.30 ? 154 MET A C   1 
ATOM   707  O  O   . MET A 1 108 ? 5.660   7.588   -3.906  1.00 68.98 ? 154 MET A O   1 
ATOM   708  C  CB  . MET A 1 108 ? 4.596   7.349   -0.907  1.00 72.46 ? 154 MET A CB  1 
ATOM   709  C  CG  . MET A 1 108 ? 5.906   6.866   -0.239  1.00 73.72 ? 154 MET A CG  1 
ATOM   710  S  SD  . MET A 1 108 ? 5.676   6.666   1.497   1.00 79.70 ? 154 MET A SD  1 
ATOM   711  C  CE  . MET A 1 108 ? 7.093   7.399   2.295   1.00 76.01 ? 154 MET A CE  1 
ATOM   712  N  N   . ASN A 1 109 ? 3.588   8.251   -3.854  1.00 68.99 ? 155 ASN A N   1 
ATOM   713  C  CA  . ASN A 1 109 ? 3.427   7.843   -5.204  1.00 68.72 ? 155 ASN A CA  1 
ATOM   714  C  C   . ASN A 1 109 ? 4.428   8.546   -6.118  1.00 68.03 ? 155 ASN A C   1 
ATOM   715  O  O   . ASN A 1 109 ? 4.843   8.004   -7.098  1.00 68.54 ? 155 ASN A O   1 
ATOM   716  C  CB  . ASN A 1 109 ? 1.981   7.956   -5.609  1.00 69.12 ? 155 ASN A CB  1 
ATOM   717  C  CG  . ASN A 1 109 ? 1.125   6.882   -4.949  1.00 69.98 ? 155 ASN A CG  1 
ATOM   718  O  OD1 . ASN A 1 109 ? 1.210   6.642   -3.758  1.00 70.73 ? 155 ASN A OD1 1 
ATOM   719  N  ND2 . ASN A 1 109 ? 0.329   6.217   -5.734  1.00 73.75 ? 155 ASN A ND2 1 
ATOM   720  N  N   . LYS A 1 110 ? 4.824   9.760   -5.808  1.00 66.70 ? 156 LYS A N   1 
ATOM   721  C  CA  . LYS A 1 110 ? 5.966   10.340  -6.484  1.00 64.21 ? 156 LYS A CA  1 
ATOM   722  C  C   . LYS A 1 110 ? 7.309   9.682   -6.160  1.00 61.35 ? 156 LYS A C   1 
ATOM   723  O  O   . LYS A 1 110 ? 8.082   9.402   -7.026  1.00 60.55 ? 156 LYS A O   1 
ATOM   724  C  CB  . LYS A 1 110 ? 6.036   11.822  -6.175  1.00 65.37 ? 156 LYS A CB  1 
ATOM   725  C  CG  . LYS A 1 110 ? 4.755   12.547  -6.438  1.00 67.28 ? 156 LYS A CG  1 
ATOM   726  C  CD  . LYS A 1 110 ? 4.912   13.533  -7.556  1.00 70.38 ? 156 LYS A CD  1 
ATOM   727  C  CE  . LYS A 1 110 ? 4.005   14.741  -7.373  1.00 70.86 ? 156 LYS A CE  1 
ATOM   728  N  NZ  . LYS A 1 110 ? 4.655   16.050  -7.726  1.00 73.56 ? 156 LYS A NZ  1 
ATOM   729  N  N   . GLU A 1 111 ? 7.571   9.446   -4.898  1.00 58.22 ? 157 GLU A N   1 
ATOM   730  C  CA  . GLU A 1 111 ? 8.800   8.825   -4.508  1.00 55.89 ? 157 GLU A CA  1 
ATOM   731  C  C   . GLU A 1 111 ? 8.934   7.422   -5.099  1.00 53.36 ? 157 GLU A C   1 
ATOM   732  O  O   . GLU A 1 111 ? 9.987   7.035   -5.528  1.00 52.48 ? 157 GLU A O   1 
ATOM   733  C  CB  . GLU A 1 111 ? 8.885   8.797   -2.995  1.00 56.95 ? 157 GLU A CB  1 
ATOM   734  C  CG  . GLU A 1 111 ? 9.872   7.827   -2.404  1.00 60.67 ? 157 GLU A CG  1 
ATOM   735  C  CD  . GLU A 1 111 ? 11.292  8.334   -2.440  1.00 67.73 ? 157 GLU A CD  1 
ATOM   736  O  OE1 . GLU A 1 111 ? 11.506  9.555   -2.479  1.00 72.10 ? 157 GLU A OE1 1 
ATOM   737  O  OE2 . GLU A 1 111 ? 12.208  7.520   -2.423  1.00 65.96 ? 157 GLU A OE2 1 
ATOM   738  N  N   . LEU A 1 112 ? 7.854   6.675   -5.121  1.00 49.24 ? 158 LEU A N   1 
ATOM   739  C  CA  . LEU A 1 112 ? 7.878   5.361   -5.678  1.00 46.10 ? 158 LEU A CA  1 
ATOM   740  C  C   . LEU A 1 112 ? 8.183   5.452   -7.116  1.00 44.12 ? 158 LEU A C   1 
ATOM   741  O  O   . LEU A 1 112 ? 8.928   4.677   -7.629  1.00 42.12 ? 158 LEU A O   1 
ATOM   742  C  CB  . LEU A 1 112 ? 6.523   4.682   -5.506  1.00 45.86 ? 158 LEU A CB  1 
ATOM   743  C  CG  . LEU A 1 112 ? 6.389   3.212   -5.898  1.00 46.86 ? 158 LEU A CG  1 
ATOM   744  C  CD1 . LEU A 1 112 ? 7.347   2.363   -5.156  1.00 40.29 ? 158 LEU A CD1 1 
ATOM   745  C  CD2 . LEU A 1 112 ? 4.984   2.721   -5.705  1.00 44.94 ? 158 LEU A CD2 1 
ATOM   746  N  N   . LYS A 1 113 ? 7.558   6.396   -7.773  1.00 42.55 ? 159 LYS A N   1 
ATOM   747  C  CA  . LYS A 1 113 ? 7.757   6.563   -9.176  1.00 42.87 ? 159 LYS A CA  1 
ATOM   748  C  C   . LYS A 1 113 ? 9.168   6.933   -9.448  1.00 42.11 ? 159 LYS A C   1 
ATOM   749  O  O   . LYS A 1 113 ? 9.699   6.574   -10.449 1.00 43.25 ? 159 LYS A O   1 
ATOM   750  C  CB  . LYS A 1 113 ? 6.820   7.588   -9.738  1.00 45.61 ? 159 LYS A CB  1 
ATOM   751  C  CG  . LYS A 1 113 ? 5.508   7.018   -10.136 1.00 45.12 ? 159 LYS A CG  1 
ATOM   752  C  CD  . LYS A 1 113 ? 4.527   8.107   -10.417 1.00 50.46 ? 159 LYS A CD  1 
ATOM   753  C  CE  . LYS A 1 113 ? 3.292   7.584   -11.036 1.00 49.12 ? 159 LYS A CE  1 
ATOM   754  N  NZ  . LYS A 1 113 ? 2.259   8.600   -10.974 1.00 52.72 ? 159 LYS A NZ  1 
ATOM   755  N  N   . LYS A 1 114 ? 9.769   7.690   -8.554  1.00 42.13 ? 160 LYS A N   1 
ATOM   756  C  CA  . LYS A 1 114 ? 11.135  8.081   -8.769  1.00 42.15 ? 160 LYS A CA  1 
ATOM   757  C  C   . LYS A 1 114 ? 12.034  6.884   -8.781  1.00 39.36 ? 160 LYS A C   1 
ATOM   758  O  O   . LYS A 1 114 ? 12.747  6.678   -9.691  1.00 37.10 ? 160 LYS A O   1 
ATOM   759  C  CB  . LYS A 1 114 ? 11.606  9.012   -7.672  1.00 43.18 ? 160 LYS A CB  1 
ATOM   760  C  CG  . LYS A 1 114 ? 13.022  9.419   -7.883  1.00 45.82 ? 160 LYS A CG  1 
ATOM   761  C  CD  . LYS A 1 114 ? 13.552  10.313  -6.832  1.00 51.31 ? 160 LYS A CD  1 
ATOM   762  C  CE  . LYS A 1 114 ? 13.727  9.604   -5.533  1.00 57.46 ? 160 LYS A CE  1 
ATOM   763  N  NZ  . LYS A 1 114 ? 14.810  8.590   -5.539  1.00 59.05 ? 160 LYS A NZ  1 
ATOM   764  N  N   . ILE A 1 115 ? 11.919  6.063   -7.770  1.00 38.43 ? 161 ILE A N   1 
ATOM   765  C  CA  . ILE A 1 115 ? 12.682  4.855   -7.703  1.00 36.15 ? 161 ILE A CA  1 
ATOM   766  C  C   . ILE A 1 115 ? 12.356  3.958   -8.885  1.00 35.16 ? 161 ILE A C   1 
ATOM   767  O  O   . ILE A 1 115 ? 13.226  3.342   -9.420  1.00 35.02 ? 161 ILE A O   1 
ATOM   768  C  CB  . ILE A 1 115 ? 12.445  4.127   -6.410  1.00 36.91 ? 161 ILE A CB  1 
ATOM   769  C  CG1 . ILE A 1 115 ? 12.957  4.946   -5.251  1.00 35.85 ? 161 ILE A CG1 1 
ATOM   770  C  CG2 . ILE A 1 115 ? 13.125  2.816   -6.422  1.00 34.93 ? 161 ILE A CG2 1 
ATOM   771  C  CD1 . ILE A 1 115 ? 12.408  4.533   -3.968  1.00 35.72 ? 161 ILE A CD1 1 
ATOM   772  N  N   . ILE A 1 116 ? 11.113  3.923   -9.320  1.00 35.26 ? 162 ILE A N   1 
ATOM   773  C  CA  . ILE A 1 116 ? 10.762  3.070   -10.434 1.00 36.76 ? 162 ILE A CA  1 
ATOM   774  C  C   . ILE A 1 116 ? 11.495  3.498   -11.674 1.00 38.08 ? 162 ILE A C   1 
ATOM   775  O  O   . ILE A 1 116 ? 11.936  2.694   -12.432 1.00 38.71 ? 162 ILE A O   1 
ATOM   776  C  CB  . ILE A 1 116 ? 9.284   3.056   -10.731 1.00 38.65 ? 162 ILE A CB  1 
ATOM   777  C  CG1 . ILE A 1 116 ? 8.502   2.413   -9.607  1.00 35.15 ? 162 ILE A CG1 1 
ATOM   778  C  CG2 . ILE A 1 116 ? 9.027   2.309   -11.986 1.00 39.45 ? 162 ILE A CG2 1 
ATOM   779  C  CD1 . ILE A 1 116 ? 7.108   2.394   -9.844  1.00 31.81 ? 162 ILE A CD1 1 
ATOM   780  N  N   . GLY A 1 117 ? 11.620  4.796   -11.862 1.00 39.93 ? 163 GLY A N   1 
ATOM   781  C  CA  . GLY A 1 117 ? 12.374  5.365   -12.950 1.00 39.87 ? 163 GLY A CA  1 
ATOM   782  C  C   . GLY A 1 117 ? 13.846  5.051   -12.925 1.00 40.17 ? 163 GLY A C   1 
ATOM   783  O  O   . GLY A 1 117 ? 14.438  4.860   -13.935 1.00 40.46 ? 163 GLY A O   1 
ATOM   784  N  N   . GLN A 1 118 ? 14.429  5.034   -11.751 1.00 40.34 ? 164 GLN A N   1 
ATOM   785  C  CA  . GLN A 1 118 ? 15.816  4.671   -11.589 1.00 42.71 ? 164 GLN A CA  1 
ATOM   786  C  C   . GLN A 1 118 ? 16.145  3.242   -11.983 1.00 43.74 ? 164 GLN A C   1 
ATOM   787  O  O   . GLN A 1 118 ? 17.172  2.998   -12.555 1.00 46.25 ? 164 GLN A O   1 
ATOM   788  C  CB  . GLN A 1 118 ? 16.240  4.916   -10.162 1.00 42.06 ? 164 GLN A CB  1 
ATOM   789  C  CG  . GLN A 1 118 ? 16.076  6.294   -9.780  1.00 43.99 ? 164 GLN A CG  1 
ATOM   790  C  CD  . GLN A 1 118 ? 16.298  6.520   -8.353  1.00 48.16 ? 164 GLN A CD  1 
ATOM   791  O  OE1 . GLN A 1 118 ? 16.069  5.661   -7.541  1.00 50.42 ? 164 GLN A OE1 1 
ATOM   792  N  NE2 . GLN A 1 118 ? 16.754  7.689   -8.027  1.00 48.30 ? 164 GLN A NE2 1 
ATOM   793  N  N   . VAL A 1 119 ? 15.275  2.303   -11.646 1.00 43.55 ? 165 VAL A N   1 
ATOM   794  C  CA  . VAL A 1 119 ? 15.507  0.895   -11.904 1.00 42.03 ? 165 VAL A CA  1 
ATOM   795  C  C   . VAL A 1 119 ? 14.880  0.353   -13.167 1.00 43.09 ? 165 VAL A C   1 
ATOM   796  O  O   . VAL A 1 119 ? 15.043  -0.782  -13.468 1.00 42.87 ? 165 VAL A O   1 
ATOM   797  C  CB  . VAL A 1 119 ? 15.053  0.010   -10.718 1.00 43.81 ? 165 VAL A CB  1 
ATOM   798  C  CG1 . VAL A 1 119 ? 15.708  0.383   -9.466  1.00 41.25 ? 165 VAL A CG1 1 
ATOM   799  C  CG2 . VAL A 1 119 ? 13.574  -0.017  -10.573 1.00 41.05 ? 165 VAL A CG2 1 
ATOM   800  N  N   . ARG A 1 120 ? 14.191  1.176   -13.925 1.00 42.68 ? 166 ARG A N   1 
ATOM   801  C  CA  . ARG A 1 120 ? 13.326  0.695   -14.972 1.00 45.02 ? 166 ARG A CA  1 
ATOM   802  C  C   . ARG A 1 120 ? 14.040  -0.105  -16.023 1.00 46.59 ? 166 ARG A C   1 
ATOM   803  O  O   . ARG A 1 120 ? 13.506  -1.054  -16.508 1.00 45.70 ? 166 ARG A O   1 
ATOM   804  C  CB  . ARG A 1 120 ? 12.554  1.838   -15.607 1.00 45.60 ? 166 ARG A CB  1 
ATOM   805  C  CG  . ARG A 1 120 ? 11.508  1.426   -16.622 1.00 46.38 ? 166 ARG A CG  1 
ATOM   806  C  CD  . ARG A 1 120 ? 10.300  0.801   -15.967 1.00 41.38 ? 166 ARG A CD  1 
ATOM   807  N  NE  . ARG A 1 120 ? 9.323   0.227   -16.869 1.00 38.07 ? 166 ARG A NE  1 
ATOM   808  C  CZ  . ARG A 1 120 ? 9.421   -0.953  -17.437 1.00 36.75 ? 166 ARG A CZ  1 
ATOM   809  N  NH1 . ARG A 1 120 ? 10.464  -1.686  -17.236 1.00 34.75 ? 166 ARG A NH1 1 
ATOM   810  N  NH2 . ARG A 1 120 ? 8.475   -1.385  -18.207 1.00 33.99 ? 166 ARG A NH2 1 
ATOM   811  N  N   . ASP A 1 121 ? 15.251  0.289   -16.359 1.00 47.51 ? 167 ASP A N   1 
ATOM   812  C  CA  . ASP A 1 121 ? 16.038  -0.378  -17.373 1.00 49.21 ? 167 ASP A CA  1 
ATOM   813  C  C   . ASP A 1 121 ? 16.540  -1.728  -16.938 1.00 48.44 ? 167 ASP A C   1 
ATOM   814  O  O   . ASP A 1 121 ? 16.975  -2.498  -17.743 1.00 48.78 ? 167 ASP A O   1 
ATOM   815  C  CB  . ASP A 1 121 ? 17.189  0.507   -17.877 1.00 50.77 ? 167 ASP A CB  1 
ATOM   816  C  CG  . ASP A 1 121 ? 18.235  0.773   -16.826 1.00 55.11 ? 167 ASP A CG  1 
ATOM   817  O  OD1 . ASP A 1 121 ? 19.415  0.667   -17.137 1.00 61.01 ? 167 ASP A OD1 1 
ATOM   818  O  OD2 . ASP A 1 121 ? 17.899  1.124   -15.695 1.00 62.49 ? 167 ASP A OD2 1 
ATOM   819  N  N   . GLN A 1 122 ? 16.489  -1.990  -15.651 1.00 47.10 ? 168 GLN A N   1 
ATOM   820  C  CA  . GLN A 1 122 ? 16.897  -3.262  -15.124 1.00 45.47 ? 168 GLN A CA  1 
ATOM   821  C  C   . GLN A 1 122 ? 15.877  -4.351  -15.418 1.00 43.32 ? 168 GLN A C   1 
ATOM   822  O  O   . GLN A 1 122 ? 16.140  -5.474  -15.173 1.00 42.67 ? 168 GLN A O   1 
ATOM   823  C  CB  . GLN A 1 122 ? 17.177  -3.180  -13.631 1.00 47.21 ? 168 GLN A CB  1 
ATOM   824  C  CG  . GLN A 1 122 ? 18.457  -2.485  -13.215 1.00 49.29 ? 168 GLN A CG  1 
ATOM   825  C  CD  . GLN A 1 122 ? 19.088  -3.089  -11.961 1.00 57.22 ? 168 GLN A CD  1 
ATOM   826  O  OE1 . GLN A 1 122 ? 19.628  -4.185  -11.980 1.00 60.08 ? 168 GLN A OE1 1 
ATOM   827  N  NE2 . GLN A 1 122 ? 19.049  -2.352  -10.887 1.00 58.29 ? 168 GLN A NE2 1 
ATOM   828  N  N   . ALA A 1 123 ? 14.700  -4.017  -15.901 1.00 39.33 ? 169 ALA A N   1 
ATOM   829  C  CA  . ALA A 1 123 ? 13.718  -5.053  -16.128 1.00 37.60 ? 169 ALA A CA  1 
ATOM   830  C  C   . ALA A 1 123 ? 12.863  -4.824  -17.314 1.00 36.10 ? 169 ALA A C   1 
ATOM   831  O  O   . ALA A 1 123 ? 12.668  -3.725  -17.702 1.00 35.09 ? 169 ALA A O   1 
ATOM   832  C  CB  . ALA A 1 123 ? 12.862  -5.213  -14.942 1.00 36.83 ? 169 ALA A CB  1 
ATOM   833  N  N   . GLU A 1 124 ? 12.355  -5.891  -17.895 1.00 35.40 ? 170 GLU A N   1 
ATOM   834  C  CA  . GLU A 1 124 ? 11.413  -5.743  -18.964 1.00 36.68 ? 170 GLU A CA  1 
ATOM   835  C  C   . GLU A 1 124 ? 10.058  -5.195  -18.587 1.00 36.71 ? 170 GLU A C   1 
ATOM   836  O  O   . GLU A 1 124 ? 9.640   -4.199  -19.110 1.00 36.29 ? 170 GLU A O   1 
ATOM   837  C  CB  . GLU A 1 124 ? 11.205  -7.073  -19.651 1.00 37.06 ? 170 GLU A CB  1 
ATOM   838  C  CG  . GLU A 1 124 ? 10.270  -6.950  -20.808 1.00 44.71 ? 170 GLU A CG  1 
ATOM   839  C  CD  . GLU A 1 124 ? 9.943   -8.245  -21.482 1.00 51.13 ? 170 GLU A CD  1 
ATOM   840  O  OE1 . GLU A 1 124 ? 8.973   -8.264  -22.237 1.00 58.64 ? 170 GLU A OE1 1 
ATOM   841  O  OE2 . GLU A 1 124 ? 10.633  -9.229  -21.279 1.00 52.36 ? 170 GLU A OE2 1 
ATOM   842  N  N   . HIS A 1 125 ? 9.386   -5.885  -17.683 1.00 34.45 ? 171 HIS A N   1 
ATOM   843  C  CA  . HIS A 1 125 ? 8.040   -5.569  -17.274 1.00 32.09 ? 171 HIS A CA  1 
ATOM   844  C  C   . HIS A 1 125 ? 7.986   -4.533  -16.169 1.00 30.46 ? 171 HIS A C   1 
ATOM   845  O  O   . HIS A 1 125 ? 8.746   -4.571  -15.242 1.00 28.67 ? 171 HIS A O   1 
ATOM   846  C  CB  . HIS A 1 125 ? 7.300   -6.813  -16.816 1.00 31.86 ? 171 HIS A CB  1 
ATOM   847  C  CG  . HIS A 1 125 ? 7.326   -7.950  -17.781 1.00 31.53 ? 171 HIS A CG  1 
ATOM   848  N  ND1 . HIS A 1 125 ? 6.764   -7.884  -19.024 1.00 31.78 ? 171 HIS A ND1 1 
ATOM   849  C  CD2 . HIS A 1 125 ? 7.802   -9.199  -17.657 1.00 32.29 ? 171 HIS A CD2 1 
ATOM   850  C  CE1 . HIS A 1 125 ? 6.922   -9.031  -19.638 1.00 32.67 ? 171 HIS A CE1 1 
ATOM   851  N  NE2 . HIS A 1 125 ? 7.546   -9.847  -18.827 1.00 34.58 ? 171 HIS A NE2 1 
ATOM   852  N  N   . LEU A 1 126 ? 7.009   -3.652  -16.258 1.00 28.23 ? 172 LEU A N   1 
ATOM   853  C  CA  . LEU A 1 126 ? 6.826   -2.622  -15.271 1.00 28.30 ? 172 LEU A CA  1 
ATOM   854  C  C   . LEU A 1 126 ? 6.572   -3.219  -13.907 1.00 27.81 ? 172 LEU A C   1 
ATOM   855  O  O   . LEU A 1 126 ? 6.990   -2.684  -12.938 1.00 29.04 ? 172 LEU A O   1 
ATOM   856  C  CB  . LEU A 1 126 ? 5.711   -1.666  -15.631 1.00 29.10 ? 172 LEU A CB  1 
ATOM   857  C  CG  . LEU A 1 126 ? 5.195   -0.772  -14.528 1.00 30.69 ? 172 LEU A CG  1 
ATOM   858  C  CD1 . LEU A 1 126 ? 6.185   0.229   -14.168 1.00 32.53 ? 172 LEU A CD1 1 
ATOM   859  C  CD2 . LEU A 1 126 ? 3.942   -0.118  -14.925 1.00 33.10 ? 172 LEU A CD2 1 
ATOM   860  N  N   . LYS A 1 127 ? 5.873   -4.331  -13.859 1.00 28.42 ? 173 LYS A N   1 
ATOM   861  C  CA  . LYS A 1 127 ? 5.533   -4.963  -12.614 1.00 26.50 ? 173 LYS A CA  1 
ATOM   862  C  C   . LYS A 1 127 ? 6.799   -5.361  -11.888 1.00 27.21 ? 173 LYS A C   1 
ATOM   863  O  O   . LYS A 1 127 ? 6.872   -5.267  -10.707 1.00 27.81 ? 173 LYS A O   1 
ATOM   864  C  CB  . LYS A 1 127 ? 4.638   -6.157  -12.849 1.00 25.31 ? 173 LYS A CB  1 
ATOM   865  C  CG  . LYS A 1 127 ? 5.249   -7.310  -13.577 1.00 25.17 ? 173 LYS A CG  1 
ATOM   866  C  CD  . LYS A 1 127 ? 4.211   -8.320  -13.791 1.00 35.03 ? 173 LYS A CD  1 
ATOM   867  C  CE  . LYS A 1 127 ? 4.697   -9.457  -14.570 1.00 35.79 ? 173 LYS A CE  1 
ATOM   868  N  NZ  . LYS A 1 127 ? 3.547   -10.117 -15.100 1.00 40.55 ? 173 LYS A NZ  1 
ATOM   869  N  N   . THR A 1 128 ? 7.783   -5.822  -12.628 1.00 25.78 ? 174 THR A N   1 
ATOM   870  C  CA  . THR A 1 128 ? 9.066   -6.190  -12.073 1.00 26.28 ? 174 THR A CA  1 
ATOM   871  C  C   . THR A 1 128 ? 9.792   -5.005  -11.472 1.00 26.21 ? 174 THR A C   1 
ATOM   872  O  O   . THR A 1 128 ? 10.329  -5.107  -10.412 1.00 26.61 ? 174 THR A O   1 
ATOM   873  C  CB  . THR A 1 128 ? 9.964   -6.947  -13.082 1.00 26.85 ? 174 THR A CB  1 
ATOM   874  O  OG1 . THR A 1 128 ? 9.235   -8.003  -13.672 1.00 27.47 ? 174 THR A OG1 1 
ATOM   875  C  CG2 . THR A 1 128 ? 11.140  -7.526  -12.409 1.00 21.77 ? 174 THR A CG2 1 
ATOM   876  N  N   . ALA A 1 129 ? 9.777   -3.884  -12.162 1.00 26.79 ? 175 ALA A N   1 
ATOM   877  C  CA  . ALA A 1 129 ? 10.385  -2.655  -11.687 1.00 26.50 ? 175 ALA A CA  1 
ATOM   878  C  C   . ALA A 1 129 ? 9.723   -2.180  -10.426 1.00 26.15 ? 175 ALA A C   1 
ATOM   879  O  O   . ALA A 1 129 ? 10.353  -1.700  -9.546  1.00 28.66 ? 175 ALA A O   1 
ATOM   880  C  CB  . ALA A 1 129 ? 10.313  -1.625  -12.699 1.00 27.31 ? 175 ALA A CB  1 
ATOM   881  N  N   . VAL A 1 130 ? 8.424   -2.342  -10.347 1.00 25.55 ? 176 VAL A N   1 
ATOM   882  C  CA  . VAL A 1 130 ? 7.706   -1.928  -9.169  1.00 22.32 ? 176 VAL A CA  1 
ATOM   883  C  C   . VAL A 1 130 ? 8.146   -2.679  -7.928  1.00 23.37 ? 176 VAL A C   1 
ATOM   884  O  O   . VAL A 1 130 ? 8.312   -2.080  -6.932  1.00 23.40 ? 176 VAL A O   1 
ATOM   885  C  CB  . VAL A 1 130 ? 6.204   -2.051  -9.346  1.00 25.29 ? 176 VAL A CB  1 
ATOM   886  C  CG1 . VAL A 1 130 ? 5.460   -1.888  -8.041  1.00 22.09 ? 176 VAL A CG1 1 
ATOM   887  C  CG2 . VAL A 1 130 ? 5.723   -1.097  -10.366 1.00 26.61 ? 176 VAL A CG2 1 
ATOM   888  N  N   . GLN A 1 131 ? 8.299   -3.989  -8.018  1.00 24.06 ? 177 GLN A N   1 
ATOM   889  C  CA  . GLN A 1 131 ? 8.749   -4.815  -6.917  1.00 22.17 ? 177 GLN A CA  1 
ATOM   890  C  C   . GLN A 1 131 ? 10.160  -4.462  -6.544  1.00 23.12 ? 177 GLN A C   1 
ATOM   891  O  O   . GLN A 1 131 ? 10.462  -4.351  -5.433  1.00 23.84 ? 177 GLN A O   1 
ATOM   892  C  CB  . GLN A 1 131 ? 8.592   -6.293  -7.226  1.00 22.92 ? 177 GLN A CB  1 
ATOM   893  C  CG  . GLN A 1 131 ? 7.178   -6.799  -7.467  1.00 18.07 ? 177 GLN A CG  1 
ATOM   894  C  CD  . GLN A 1 131 ? 6.182   -6.215  -6.552  1.00 24.95 ? 177 GLN A CD  1 
ATOM   895  O  OE1 . GLN A 1 131 ? 5.120   -5.893  -6.949  1.00 30.57 ? 177 GLN A OE1 1 
ATOM   896  N  NE2 . GLN A 1 131 ? 6.528   -6.063  -5.337  1.00 23.45 ? 177 GLN A NE2 1 
ATOM   897  N  N   . MET A 1 132 ? 10.994  -4.200  -7.520  1.00 23.04 ? 178 MET A N   1 
ATOM   898  C  CA  . MET A 1 132 ? 12.312  -3.666  -7.257  1.00 24.82 ? 178 MET A CA  1 
ATOM   899  C  C   . MET A 1 132 ? 12.237  -2.317  -6.513  1.00 25.84 ? 178 MET A C   1 
ATOM   900  O  O   . MET A 1 132 ? 12.927  -2.120  -5.570  1.00 26.56 ? 178 MET A O   1 
ATOM   901  C  CB  . MET A 1 132 ? 13.081  -3.481  -8.546  1.00 21.87 ? 178 MET A CB  1 
ATOM   902  C  CG  . MET A 1 132 ? 13.537  -4.712  -9.242  1.00 27.39 ? 178 MET A CG  1 
ATOM   903  S  SD  . MET A 1 132 ? 14.183  -4.381  -10.853 1.00 38.13 ? 178 MET A SD  1 
ATOM   904  C  CE  . MET A 1 132 ? 15.744  -3.875  -10.428 1.00 35.01 ? 178 MET A CE  1 
ATOM   905  N  N   . ALA A 1 133 ? 11.355  -1.432  -6.921  1.00 25.04 ? 179 ALA A N   1 
ATOM   906  C  CA  . ALA A 1 133 ? 11.162  -0.183  -6.235  1.00 24.22 ? 179 ALA A CA  1 
ATOM   907  C  C   . ALA A 1 133 ? 10.660  -0.326  -4.805  1.00 25.97 ? 179 ALA A C   1 
ATOM   908  O  O   . ALA A 1 133 ? 11.048  0.408   -3.950  1.00 26.31 ? 179 ALA A O   1 
ATOM   909  C  CB  . ALA A 1 133 ? 10.278  0.697   -7.007  1.00 24.13 ? 179 ALA A CB  1 
ATOM   910  N  N   . VAL A 1 134 ? 9.781   -1.269  -4.568  1.00 24.24 ? 180 VAL A N   1 
ATOM   911  C  CA  . VAL A 1 134 ? 9.283   -1.504  -3.243  1.00 24.70 ? 180 VAL A CA  1 
ATOM   912  C  C   . VAL A 1 134 ? 10.390  -1.951  -2.306  1.00 24.39 ? 180 VAL A C   1 
ATOM   913  O  O   . VAL A 1 134 ? 10.463  -1.467  -1.226  1.00 24.90 ? 180 VAL A O   1 
ATOM   914  C  CB  . VAL A 1 134 ? 8.088   -2.493  -3.225  1.00 25.59 ? 180 VAL A CB  1 
ATOM   915  C  CG1 . VAL A 1 134 ? 7.774   -2.939  -1.836  1.00 24.37 ? 180 VAL A CG1 1 
ATOM   916  C  CG2 . VAL A 1 134 ? 6.889   -1.901  -3.863  1.00 23.70 ? 180 VAL A CG2 1 
ATOM   917  N  N   . PHE A 1 135 ? 11.234  -2.864  -2.773  1.00 24.80 ? 181 PHE A N   1 
ATOM   918  C  CA  . PHE A 1 135 ? 12.335  -3.429  -2.030  1.00 24.27 ? 181 PHE A CA  1 
ATOM   919  C  C   . PHE A 1 135 ? 13.288  -2.330  -1.669  1.00 25.41 ? 181 PHE A C   1 
ATOM   920  O  O   . PHE A 1 135 ? 13.612  -2.159  -0.535  1.00 23.71 ? 181 PHE A O   1 
ATOM   921  C  CB  . PHE A 1 135 ? 13.032  -4.425  -2.950  1.00 23.94 ? 181 PHE A CB  1 
ATOM   922  C  CG  . PHE A 1 135 ? 14.311  -5.042  -2.415  1.00 27.88 ? 181 PHE A CG  1 
ATOM   923  C  CD1 . PHE A 1 135 ? 15.497  -4.358  -2.426  1.00 26.49 ? 181 PHE A CD1 1 
ATOM   924  C  CD2 . PHE A 1 135 ? 14.340  -6.339  -1.986  1.00 26.48 ? 181 PHE A CD2 1 
ATOM   925  C  CE1 . PHE A 1 135 ? 16.637  -4.941  -1.994  1.00 29.92 ? 181 PHE A CE1 1 
ATOM   926  C  CE2 . PHE A 1 135 ? 15.496  -6.901  -1.562  1.00 28.15 ? 181 PHE A CE2 1 
ATOM   927  C  CZ  . PHE A 1 135 ? 16.632  -6.198  -1.571  1.00 30.98 ? 181 PHE A CZ  1 
ATOM   928  N  N   . ILE A 1 136 ? 13.654  -1.538  -2.648  1.00 26.14 ? 182 ILE A N   1 
ATOM   929  C  CA  . ILE A 1 136 ? 14.543  -0.447  -2.414  1.00 29.94 ? 182 ILE A CA  1 
ATOM   930  C  C   . ILE A 1 136 ? 13.995  0.549   -1.435  1.00 29.28 ? 182 ILE A C   1 
ATOM   931  O  O   . ILE A 1 136 ? 14.674  0.950   -0.552  1.00 28.53 ? 182 ILE A O   1 
ATOM   932  C  CB  . ILE A 1 136 ? 14.879  0.278   -3.685  1.00 29.77 ? 182 ILE A CB  1 
ATOM   933  C  CG1 . ILE A 1 136 ? 15.894  -0.507  -4.464  1.00 31.28 ? 182 ILE A CG1 1 
ATOM   934  C  CG2 . ILE A 1 136 ? 15.476  1.589   -3.359  1.00 34.58 ? 182 ILE A CG2 1 
ATOM   935  C  CD1 . ILE A 1 136 ? 15.892  -0.273  -5.874  1.00 33.01 ? 182 ILE A CD1 1 
ATOM   936  N  N   . HIS A 1 137 ? 12.752  0.927   -1.583  1.00 30.71 ? 183 HIS A N   1 
ATOM   937  C  CA  . HIS A 1 137 ? 12.182  1.868   -0.660  1.00 28.87 ? 183 HIS A CA  1 
ATOM   938  C  C   . HIS A 1 137 ? 12.121  1.328   0.760   1.00 30.91 ? 183 HIS A C   1 
ATOM   939  O  O   . HIS A 1 137 ? 12.455  2.006   1.660   1.00 28.91 ? 183 HIS A O   1 
ATOM   940  C  CB  . HIS A 1 137 ? 10.790  2.303   -1.101  1.00 30.38 ? 183 HIS A CB  1 
ATOM   941  C  CG  . HIS A 1 137 ? 10.089  3.163   -0.100  1.00 30.51 ? 183 HIS A CG  1 
ATOM   942  N  ND1 . HIS A 1 137 ? 9.266   2.653   0.866   1.00 34.78 ? 183 HIS A ND1 1 
ATOM   943  C  CD2 . HIS A 1 137 ? 10.118  4.493   0.107   1.00 28.87 ? 183 HIS A CD2 1 
ATOM   944  C  CE1 . HIS A 1 137 ? 8.804   3.628   1.611   1.00 35.94 ? 183 HIS A CE1 1 
ATOM   945  N  NE2 . HIS A 1 137 ? 9.307   4.755   1.166   1.00 35.71 ? 183 HIS A NE2 1 
ATOM   946  N  N   . ASN A 1 138 ? 11.679  0.097   0.928   1.00 28.27 ? 184 ASN A N   1 
ATOM   947  C  CA  . ASN A 1 138 ? 11.532  -0.504  2.234   1.00 30.21 ? 184 ASN A CA  1 
ATOM   948  C  C   . ASN A 1 138 ? 12.853  -0.698  3.009   1.00 32.34 ? 184 ASN A C   1 
ATOM   949  O  O   . ASN A 1 138 ? 12.885  -0.659  4.186   1.00 33.38 ? 184 ASN A O   1 
ATOM   950  C  CB  . ASN A 1 138 ? 10.707  -1.775  2.176   1.00 27.79 ? 184 ASN A CB  1 
ATOM   951  C  CG  . ASN A 1 138 ? 9.226   -1.526  1.920   1.00 31.05 ? 184 ASN A CG  1 
ATOM   952  O  OD1 . ASN A 1 138 ? 8.694   -0.470  2.159   1.00 23.82 ? 184 ASN A OD1 1 
ATOM   953  N  ND2 . ASN A 1 138 ? 8.585   -2.515  1.435   1.00 21.35 ? 184 ASN A ND2 1 
ATOM   954  N  N   . LYS A 1 139 ? 13.939  -0.912  2.302   1.00 34.51 ? 185 LYS A N   1 
ATOM   955  C  CA  . LYS A 1 139 ? 15.214  -1.167  2.933   1.00 41.28 ? 185 LYS A CA  1 
ATOM   956  C  C   . LYS A 1 139 ? 16.118  0.038   3.140   1.00 43.57 ? 185 LYS A C   1 
ATOM   957  O  O   . LYS A 1 139 ? 17.131  -0.077  3.745   1.00 44.57 ? 185 LYS A O   1 
ATOM   958  C  CB  . LYS A 1 139 ? 15.924  -2.265  2.189   1.00 40.05 ? 185 LYS A CB  1 
ATOM   959  C  CG  . LYS A 1 139 ? 15.091  -3.524  2.141   1.00 46.96 ? 185 LYS A CG  1 
ATOM   960  C  CD  . LYS A 1 139 ? 15.884  -4.735  1.866   1.00 51.24 ? 185 LYS A CD  1 
ATOM   961  C  CE  . LYS A 1 139 ? 15.295  -5.956  2.494   1.00 55.10 ? 185 LYS A CE  1 
ATOM   962  N  NZ  . LYS A 1 139 ? 16.403  -6.802  3.011   1.00 58.86 ? 185 LYS A NZ  1 
ATOM   963  N  N   . LYS A 1 140 ? 15.735  1.178   2.601   1.00 47.61 ? 186 LYS A N   1 
ATOM   964  C  CA  . LYS A 1 140 ? 16.546  2.373   2.592   1.00 50.76 ? 186 LYS A CA  1 
ATOM   965  C  C   . LYS A 1 140 ? 16.601  2.899   3.980   1.00 53.90 ? 186 LYS A C   1 
ATOM   966  O  O   . LYS A 1 140 ? 15.630  3.397   4.497   1.00 52.44 ? 186 LYS A O   1 
ATOM   967  C  CB  . LYS A 1 140 ? 15.947  3.422   1.668   1.00 50.65 ? 186 LYS A CB  1 
ATOM   968  C  CG  . LYS A 1 140 ? 16.870  4.538   1.266   1.00 54.76 ? 186 LYS A CG  1 
ATOM   969  C  CD  . LYS A 1 140 ? 16.217  5.466   0.249   1.00 55.65 ? 186 LYS A CD  1 
ATOM   970  C  CE  . LYS A 1 140 ? 16.706  5.195   -1.154  1.00 59.76 ? 186 LYS A CE  1 
ATOM   971  N  NZ  . LYS A 1 140 ? 15.889  5.754   -2.274  1.00 58.75 ? 186 LYS A NZ  1 
ATOM   972  N  N   . ARG A 1 141 ? 17.762  2.776   4.592   1.00 57.67 ? 187 ARG A N   1 
ATOM   973  C  CA  . ARG A 1 141 ? 17.922  3.253   5.935   1.00 61.64 ? 187 ARG A CA  1 
ATOM   974  C  C   . ARG A 1 141 ? 18.034  4.740   5.806   1.00 63.89 ? 187 ARG A C   1 
ATOM   975  O  O   . ARG A 1 141 ? 18.610  5.261   4.890   1.00 64.03 ? 187 ARG A O   1 
ATOM   976  C  CB  . ARG A 1 141 ? 19.080  2.555   6.670   1.00 62.33 ? 187 ARG A CB  1 
ATOM   977  C  CG  . ARG A 1 141 ? 18.571  1.375   7.549   1.00 63.81 ? 187 ARG A CG  1 
ATOM   978  C  CD  . ARG A 1 141 ? 19.594  0.556   8.311   1.00 66.67 ? 187 ARG A CD  1 
ATOM   979  N  NE  . ARG A 1 141 ? 20.097  -0.555  7.515   1.00 71.47 ? 187 ARG A NE  1 
ATOM   980  C  CZ  . ARG A 1 141 ? 21.079  -0.448  6.627   1.00 73.63 ? 187 ARG A CZ  1 
ATOM   981  N  NH1 . ARG A 1 141 ? 21.667  0.716   6.425   1.00 71.86 ? 187 ARG A NH1 1 
ATOM   982  N  NH2 . ARG A 1 141 ? 21.473  -1.495  5.927   1.00 73.30 ? 187 ARG A NH2 1 
ATOM   983  N  N   . LYS A 1 142 ? 17.374  5.423   6.698   1.00 67.08 ? 188 LYS A N   1 
ATOM   984  C  CA  . LYS A 1 142 ? 17.321  6.836   6.625   1.00 69.80 ? 188 LYS A CA  1 
ATOM   985  C  C   . LYS A 1 142 ? 15.966  7.272   7.111   1.00 70.75 ? 188 LYS A C   1 
ATOM   986  O  O   . LYS A 1 142 ? 15.813  7.558   8.286   1.00 71.63 ? 188 LYS A O   1 
ATOM   987  C  CB  . LYS A 1 142 ? 17.557  7.282   5.200   1.00 71.12 ? 188 LYS A CB  1 
ATOM   988  C  CG  . LYS A 1 142 ? 18.318  8.603   5.094   1.00 72.78 ? 188 LYS A CG  1 
ATOM   989  C  CD  . LYS A 1 142 ? 17.385  9.764   4.891   1.00 73.91 ? 188 LYS A CD  1 
ATOM   990  C  CE  . LYS A 1 142 ? 16.379  9.818   6.000   1.00 74.09 ? 188 LYS A CE  1 
ATOM   991  N  NZ  . LYS A 1 142 ? 15.922  11.196  6.203   1.00 75.24 ? 188 LYS A NZ  1 
ATOM   992  N  N   . GLY A 1 147 ? 19.107  6.070   12.139  1.00 61.43 ? 193 GLY A N   1 
ATOM   993  C  CA  . GLY A 1 147 ? 17.823  5.900   11.495  1.00 61.03 ? 193 GLY A CA  1 
ATOM   994  C  C   . GLY A 1 147 ? 17.559  4.526   10.899  1.00 60.59 ? 193 GLY A C   1 
ATOM   995  O  O   . GLY A 1 147 ? 18.404  3.928   10.257  1.00 61.58 ? 193 GLY A O   1 
ATOM   996  N  N   . TYR A 1 148 ? 16.362  4.026   11.127  1.00 59.29 ? 194 TYR A N   1 
ATOM   997  C  CA  . TYR A 1 148 ? 15.921  2.797   10.502  1.00 56.87 ? 194 TYR A CA  1 
ATOM   998  C  C   . TYR A 1 148 ? 15.384  2.937   9.081   1.00 52.95 ? 194 TYR A C   1 
ATOM   999  O  O   . TYR A 1 148 ? 15.127  4.016   8.615   1.00 52.16 ? 194 TYR A O   1 
ATOM   1000 C  CB  . TYR A 1 148 ? 14.906  2.102   11.377  1.00 57.75 ? 194 TYR A CB  1 
ATOM   1001 C  CG  . TYR A 1 148 ? 15.422  1.759   12.720  1.00 61.72 ? 194 TYR A CG  1 
ATOM   1002 C  CD1 . TYR A 1 148 ? 16.706  1.300   12.899  1.00 67.92 ? 194 TYR A CD1 1 
ATOM   1003 C  CD2 . TYR A 1 148 ? 14.633  1.904   13.812  1.00 67.22 ? 194 TYR A CD2 1 
ATOM   1004 C  CE1 . TYR A 1 148 ? 17.164  0.994   14.128  1.00 71.73 ? 194 TYR A CE1 1 
ATOM   1005 C  CE2 . TYR A 1 148 ? 15.080  1.607   15.033  1.00 72.04 ? 194 TYR A CE2 1 
ATOM   1006 C  CZ  . TYR A 1 148 ? 16.338  1.161   15.199  1.00 73.64 ? 194 TYR A CZ  1 
ATOM   1007 O  OH  . TYR A 1 148 ? 16.744  0.873   16.465  1.00 76.58 ? 194 TYR A OH  1 
ATOM   1008 N  N   . SER A 1 149 ? 15.235  1.802   8.417   1.00 49.46 ? 195 SER A N   1 
ATOM   1009 C  CA  . SER A 1 149 ? 14.432  1.655   7.227   1.00 44.68 ? 195 SER A CA  1 
ATOM   1010 C  C   . SER A 1 149 ? 12.969  1.538   7.596   1.00 43.41 ? 195 SER A C   1 
ATOM   1011 O  O   . SER A 1 149 ? 12.620  1.187   8.689   1.00 42.97 ? 195 SER A O   1 
ATOM   1012 C  CB  . SER A 1 149 ? 14.853  0.422   6.457   1.00 44.81 ? 195 SER A CB  1 
ATOM   1013 O  OG  . SER A 1 149 ? 14.553  -0.724  7.179   1.00 42.47 ? 195 SER A OG  1 
ATOM   1014 N  N   . ALA A 1 150 ? 12.112  1.771   6.636   1.00 41.81 ? 196 ALA A N   1 
ATOM   1015 C  CA  . ALA A 1 150 ? 10.707  1.618   6.843   1.00 38.60 ? 196 ALA A CA  1 
ATOM   1016 C  C   . ALA A 1 150 ? 10.409  0.180   7.246   1.00 36.76 ? 196 ALA A C   1 
ATOM   1017 O  O   . ALA A 1 150 ? 9.578   -0.066  8.059   1.00 35.12 ? 196 ALA A O   1 
ATOM   1018 C  CB  . ALA A 1 150 ? 9.990   1.969   5.609   1.00 39.27 ? 196 ALA A CB  1 
ATOM   1019 N  N   . GLY A 1 151 ? 11.121  -0.759  6.677   1.00 36.11 ? 197 GLY A N   1 
ATOM   1020 C  CA  . GLY A 1 151 ? 10.891  -2.136  7.010   1.00 37.36 ? 197 GLY A CA  1 
ATOM   1021 C  C   . GLY A 1 151 ? 11.171  -2.455  8.464   1.00 39.17 ? 197 GLY A C   1 
ATOM   1022 O  O   . GLY A 1 151 ? 10.474  -3.231  9.071   1.00 36.17 ? 197 GLY A O   1 
ATOM   1023 N  N   . GLU A 1 152 ? 12.231  -1.862  8.978   1.00 38.42 ? 198 GLU A N   1 
ATOM   1024 C  CA  . GLU A 1 152 ? 12.588  -1.970  10.360  1.00 40.31 ? 198 GLU A CA  1 
ATOM   1025 C  C   . GLU A 1 152 ? 11.571  -1.295  11.244  1.00 38.97 ? 198 GLU A C   1 
ATOM   1026 O  O   . GLU A 1 152 ? 11.185  -1.845  12.218  1.00 39.67 ? 198 GLU A O   1 
ATOM   1027 C  CB  . GLU A 1 152 ? 14.016  -1.445  10.594  1.00 40.55 ? 198 GLU A CB  1 
ATOM   1028 C  CG  . GLU A 1 152 ? 15.110  -2.270  9.924   1.00 42.60 ? 198 GLU A CG  1 
ATOM   1029 C  CD  . GLU A 1 152 ? 16.477  -1.612  9.908   1.00 47.81 ? 198 GLU A CD  1 
ATOM   1030 O  OE1 . GLU A 1 152 ? 16.578  -0.402  9.775   1.00 42.87 ? 198 GLU A OE1 1 
ATOM   1031 O  OE2 . GLU A 1 152 ? 17.466  -2.328  10.019  1.00 49.17 ? 198 GLU A OE2 1 
ATOM   1032 N  N   . ARG A 1 153 ? 11.116  -0.111  10.870  1.00 38.98 ? 199 ARG A N   1 
ATOM   1033 C  CA  . ARG A 1 153 ? 10.127  0.619   11.653  1.00 37.78 ? 199 ARG A CA  1 
ATOM   1034 C  C   . ARG A 1 153 ? 8.787   -0.049  11.783  1.00 37.73 ? 199 ARG A C   1 
ATOM   1035 O  O   . ARG A 1 153 ? 8.221   -0.036  12.834  1.00 37.85 ? 199 ARG A O   1 
ATOM   1036 C  CB  . ARG A 1 153 ? 9.907   2.015   11.121  1.00 39.81 ? 199 ARG A CB  1 
ATOM   1037 C  CG  . ARG A 1 153 ? 10.973  2.971   11.500  1.00 45.34 ? 199 ARG A CG  1 
ATOM   1038 C  CD  . ARG A 1 153 ? 10.659  4.359   11.107  1.00 53.53 ? 199 ARG A CD  1 
ATOM   1039 N  NE  . ARG A 1 153 ? 10.278  4.476   9.713   1.00 59.29 ? 199 ARG A NE  1 
ATOM   1040 C  CZ  . ARG A 1 153 ? 11.047  4.979   8.761   1.00 60.80 ? 199 ARG A CZ  1 
ATOM   1041 N  NH1 . ARG A 1 153 ? 12.245  5.419   9.037   1.00 58.34 ? 199 ARG A NH1 1 
ATOM   1042 N  NH2 . ARG A 1 153 ? 10.616  5.041   7.526   1.00 63.65 ? 199 ARG A NH2 1 
ATOM   1043 N  N   . ILE A 1 154 ? 8.261   -0.617  10.715  1.00 35.33 ? 200 ILE A N   1 
ATOM   1044 C  CA  . ILE A 1 154 ? 7.011   -1.325  10.847  1.00 33.43 ? 200 ILE A CA  1 
ATOM   1045 C  C   . ILE A 1 154 ? 7.111   -2.535  11.764  1.00 32.75 ? 200 ILE A C   1 
ATOM   1046 O  O   . ILE A 1 154 ? 6.264   -2.732  12.540  1.00 33.13 ? 200 ILE A O   1 
ATOM   1047 C  CB  . ILE A 1 154 ? 6.380   -1.682  9.507   1.00 32.85 ? 200 ILE A CB  1 
ATOM   1048 C  CG1 . ILE A 1 154 ? 5.009   -2.271  9.696   1.00 30.11 ? 200 ILE A CG1 1 
ATOM   1049 C  CG2 . ILE A 1 154 ? 7.195   -2.660  8.779   1.00 29.33 ? 200 ILE A CG2 1 
ATOM   1050 C  CD1 . ILE A 1 154 ? 4.401   -2.718  8.479   1.00 31.23 ? 200 ILE A CD1 1 
ATOM   1051 N  N   . VAL A 1 155 ? 8.137   -3.347  11.674  1.00 34.04 ? 201 VAL A N   1 
ATOM   1052 C  CA  . VAL A 1 155 ? 8.204   -4.430  12.642  1.00 38.08 ? 201 VAL A CA  1 
ATOM   1053 C  C   . VAL A 1 155 ? 8.380   -3.961  14.079  1.00 39.12 ? 201 VAL A C   1 
ATOM   1054 O  O   . VAL A 1 155 ? 7.780   -4.476  14.961  1.00 38.95 ? 201 VAL A O   1 
ATOM   1055 C  CB  . VAL A 1 155 ? 9.168   -5.578  12.285  1.00 37.82 ? 201 VAL A CB  1 
ATOM   1056 C  CG1 . VAL A 1 155 ? 9.176   -5.875  10.867  1.00 39.62 ? 201 VAL A CG1 1 
ATOM   1057 C  CG2 . VAL A 1 155 ? 10.500  -5.362  12.785  1.00 38.92 ? 201 VAL A CG2 1 
ATOM   1058 N  N   . ASP A 1 156 ? 9.203   -2.962  14.281  1.00 42.28 ? 202 ASP A N   1 
ATOM   1059 C  CA  . ASP A 1 156 ? 9.388   -2.396  15.602  1.00 45.94 ? 202 ASP A CA  1 
ATOM   1060 C  C   . ASP A 1 156 ? 8.078   -1.818  16.140  1.00 46.09 ? 202 ASP A C   1 
ATOM   1061 O  O   . ASP A 1 156 ? 7.726   -2.043  17.271  1.00 45.73 ? 202 ASP A O   1 
ATOM   1062 C  CB  . ASP A 1 156 ? 10.487  -1.339  15.535  1.00 48.27 ? 202 ASP A CB  1 
ATOM   1063 C  CG  . ASP A 1 156 ? 10.649  -0.551  16.812  1.00 55.18 ? 202 ASP A CG  1 
ATOM   1064 O  OD1 . ASP A 1 156 ? 11.033  -1.127  17.847  1.00 56.87 ? 202 ASP A OD1 1 
ATOM   1065 O  OD2 . ASP A 1 156 ? 10.443  0.667   16.754  1.00 58.58 ? 202 ASP A OD2 1 
ATOM   1066 N  N   . ILE A 1 157 ? 7.341   -1.112  15.309  1.00 45.53 ? 203 ILE A N   1 
ATOM   1067 C  CA  . ILE A 1 157 ? 6.047   -0.618  15.709  1.00 44.92 ? 203 ILE A CA  1 
ATOM   1068 C  C   . ILE A 1 157 ? 5.096   -1.743  16.011  1.00 44.93 ? 203 ILE A C   1 
ATOM   1069 O  O   . ILE A 1 157 ? 4.384   -1.694  16.974  1.00 44.31 ? 203 ILE A O   1 
ATOM   1070 C  CB  . ILE A 1 157 ? 5.450   0.288   14.652  1.00 44.98 ? 203 ILE A CB  1 
ATOM   1071 C  CG1 . ILE A 1 157 ? 6.136   1.646   14.673  1.00 48.10 ? 203 ILE A CG1 1 
ATOM   1072 C  CG2 . ILE A 1 157 ? 4.019   0.458   14.878  1.00 44.91 ? 203 ILE A CG2 1 
ATOM   1073 C  CD1 . ILE A 1 157 ? 6.041   2.433   13.443  1.00 41.64 ? 203 ILE A CD1 1 
ATOM   1074 N  N   . ILE A 1 158 ? 5.048   -2.749  15.170  1.00 44.67 ? 204 ILE A N   1 
ATOM   1075 C  CA  . ILE A 1 158 ? 4.169   -3.855  15.446  1.00 46.07 ? 204 ILE A CA  1 
ATOM   1076 C  C   . ILE A 1 158 ? 4.544   -4.665  16.656  1.00 47.33 ? 204 ILE A C   1 
ATOM   1077 O  O   . ILE A 1 158 ? 3.696   -5.094  17.360  1.00 47.55 ? 204 ILE A O   1 
ATOM   1078 C  CB  . ILE A 1 158 ? 4.013   -4.797  14.292  1.00 46.04 ? 204 ILE A CB  1 
ATOM   1079 C  CG1 . ILE A 1 158 ? 3.735   -4.035  13.015  1.00 47.41 ? 204 ILE A CG1 1 
ATOM   1080 C  CG2 . ILE A 1 158 ? 2.897   -5.697  14.555  1.00 43.53 ? 204 ILE A CG2 1 
ATOM   1081 C  CD1 . ILE A 1 158 ? 2.368   -3.726  12.846  1.00 48.80 ? 204 ILE A CD1 1 
ATOM   1082 N  N   . ALA A 1 159 ? 5.817   -4.939  16.850  1.00 48.97 ? 205 ALA A N   1 
ATOM   1083 C  CA  . ALA A 1 159 ? 6.255   -5.728  17.990  1.00 52.34 ? 205 ALA A CA  1 
ATOM   1084 C  C   . ALA A 1 159 ? 6.001   -5.031  19.310  1.00 54.73 ? 205 ALA A C   1 
ATOM   1085 O  O   . ALA A 1 159 ? 5.511   -5.619  20.239  1.00 55.72 ? 205 ALA A O   1 
ATOM   1086 C  CB  . ALA A 1 159 ? 7.690   -6.093  17.862  1.00 50.84 ? 205 ALA A CB  1 
ATOM   1087 N  N   . THR A 1 160 ? 6.314   -3.761  19.359  1.00 56.85 ? 206 THR A N   1 
ATOM   1088 C  CA  . THR A 1 160 ? 6.134   -2.996  20.548  1.00 60.10 ? 206 THR A CA  1 
ATOM   1089 C  C   . THR A 1 160 ? 4.673   -3.011  20.899  1.00 61.74 ? 206 THR A C   1 
ATOM   1090 O  O   . THR A 1 160 ? 4.316   -3.172  22.024  1.00 61.17 ? 206 THR A O   1 
ATOM   1091 C  CB  . THR A 1 160 ? 6.552   -1.561  20.299  1.00 59.70 ? 206 THR A CB  1 
ATOM   1092 O  OG1 . THR A 1 160 ? 7.944   -1.516  20.053  1.00 59.77 ? 206 THR A OG1 1 
ATOM   1093 C  CG2 . THR A 1 160 ? 6.263   -0.732  21.475  1.00 61.31 ? 206 THR A CG2 1 
ATOM   1094 N  N   . ASP A 1 161 ? 3.822   -2.859  19.907  1.00 64.11 ? 207 ASP A N   1 
ATOM   1095 C  CA  . ASP A 1 161 ? 2.396   -2.815  20.127  1.00 66.40 ? 207 ASP A CA  1 
ATOM   1096 C  C   . ASP A 1 161 ? 1.870   -4.107  20.695  1.00 66.77 ? 207 ASP A C   1 
ATOM   1097 O  O   . ASP A 1 161 ? 0.939   -4.107  21.476  1.00 66.86 ? 207 ASP A O   1 
ATOM   1098 C  CB  . ASP A 1 161 ? 1.685   -2.497  18.829  1.00 67.01 ? 207 ASP A CB  1 
ATOM   1099 C  CG  . ASP A 1 161 ? 0.295   -1.971  19.044  1.00 71.19 ? 207 ASP A CG  1 
ATOM   1100 O  OD1 . ASP A 1 161 ? 0.146   -0.733  19.099  1.00 74.87 ? 207 ASP A OD1 1 
ATOM   1101 O  OD2 . ASP A 1 161 ? -0.654  -2.774  19.153  1.00 72.80 ? 207 ASP A OD2 1 
ATOM   1102 N  N   . ILE A 1 162 ? 2.482   -5.208  20.311  1.00 67.61 ? 208 ILE A N   1 
ATOM   1103 C  CA  . ILE A 1 162 ? 2.077   -6.520  20.773  1.00 68.41 ? 208 ILE A CA  1 
ATOM   1104 C  C   . ILE A 1 162 ? 2.373   -6.701  22.248  1.00 69.33 ? 208 ILE A C   1 
ATOM   1105 O  O   . ILE A 1 162 ? 1.511   -7.048  23.014  1.00 69.20 ? 208 ILE A O   1 
ATOM   1106 C  CB  . ILE A 1 162 ? 2.806   -7.628  19.992  1.00 67.99 ? 208 ILE A CB  1 
ATOM   1107 C  CG1 . ILE A 1 162 ? 2.146   -7.898  18.652  1.00 68.41 ? 208 ILE A CG1 1 
ATOM   1108 C  CG2 . ILE A 1 162 ? 2.820   -8.887  20.766  1.00 67.73 ? 208 ILE A CG2 1 
ATOM   1109 C  CD1 . ILE A 1 162 ? 3.081   -8.582  17.674  1.00 67.42 ? 208 ILE A CD1 1 
ATOM   1110 N  N   . GLN A 1 163 ? 3.613   -6.471  22.628  1.00 70.53 ? 209 GLN A N   1 
ATOM   1111 C  CA  . GLN A 1 163 ? 4.034   -6.681  23.985  1.00 71.94 ? 209 GLN A CA  1 
ATOM   1112 C  C   . GLN A 1 163 ? 3.915   -5.403  24.784  1.00 71.94 ? 209 GLN A C   1 
ATOM   1113 O  O   . GLN A 1 163 ? 4.801   -4.570  24.742  1.00 71.92 ? 209 GLN A O   1 
ATOM   1114 C  CB  . GLN A 1 163 ? 5.473   -7.193  24.026  1.00 72.31 ? 209 GLN A CB  1 
ATOM   1115 C  CG  . GLN A 1 163 ? 5.783   -8.216  22.967  1.00 75.62 ? 209 GLN A CG  1 
ATOM   1116 C  CD  . GLN A 1 163 ? 6.726   -9.308  23.429  1.00 79.05 ? 209 GLN A CD  1 
ATOM   1117 O  OE1 . GLN A 1 163 ? 7.501   -9.123  24.354  1.00 80.60 ? 209 GLN A OE1 1 
ATOM   1118 N  NE2 . GLN A 1 163 ? 6.663   -10.451 22.779  1.00 79.02 ? 209 GLN A NE2 1 
HETATM 1119 S  S   . SO4 B 2 .   ? 5.197   -4.691  -19.557 1.00 59.12 ? 301 SO4 A S   1 
HETATM 1120 O  O1  . SO4 B 2 .   ? 4.546   -5.650  -18.626 1.00 60.47 ? 301 SO4 A O1  1 
HETATM 1121 O  O2  . SO4 B 2 .   ? 6.073   -5.502  -20.419 1.00 58.31 ? 301 SO4 A O2  1 
HETATM 1122 O  O3  . SO4 B 2 .   ? 4.134   -4.174  -20.428 1.00 63.72 ? 301 SO4 A O3  1 
HETATM 1123 O  O4  . SO4 B 2 .   ? 5.814   -3.561  -18.852 1.00 52.63 ? 301 SO4 A O4  1 
HETATM 1124 S  S   . SO4 C 2 .   ? -1.847  9.179   -11.030 1.00 70.71 ? 302 SO4 A S   1 
HETATM 1125 O  O1  . SO4 C 2 .   ? -3.265  8.706   -11.151 1.00 70.17 ? 302 SO4 A O1  1 
HETATM 1126 O  O2  . SO4 C 2 .   ? -1.420  9.256   -9.625  1.00 68.39 ? 302 SO4 A O2  1 
HETATM 1127 O  O3  . SO4 C 2 .   ? -0.975  8.411   -11.930 1.00 69.43 ? 302 SO4 A O3  1 
HETATM 1128 O  O4  . SO4 C 2 .   ? -1.723  10.580  -11.459 1.00 73.19 ? 302 SO4 A O4  1 
HETATM 1129 C  C1  . PGE D 3 .   ? 2.902   -11.976 -12.987 1.00 40.61 ? 303 PGE A C1  1 
HETATM 1130 O  O1  . PGE D 3 .   ? 2.339   -11.544 -11.773 1.00 48.32 ? 303 PGE A O1  1 
HETATM 1131 C  C2  . PGE D 3 .   ? 4.052   -12.959 -12.797 1.00 41.84 ? 303 PGE A C2  1 
HETATM 1132 O  O2  . PGE D 3 .   ? 4.799   -12.753 -13.996 1.00 43.80 ? 303 PGE A O2  1 
HETATM 1133 C  C3  . PGE D 3 .   ? 5.116   -13.887 -14.764 1.00 43.90 ? 303 PGE A C3  1 
HETATM 1134 C  C4  . PGE D 3 .   ? 4.498   -13.799 -16.144 1.00 48.63 ? 303 PGE A C4  1 
HETATM 1135 O  O4  . PGE D 3 .   ? 3.266   -9.965  -18.482 1.00 52.52 ? 303 PGE A O4  1 
HETATM 1136 C  C6  . PGE D 3 .   ? 4.396   -10.838 -18.310 1.00 53.43 ? 303 PGE A C6  1 
HETATM 1137 C  C5  . PGE D 3 .   ? 3.939   -12.188 -17.757 1.00 51.14 ? 303 PGE A C5  1 
HETATM 1138 O  O3  . PGE D 3 .   ? 4.808   -12.541 -16.705 1.00 47.95 ? 303 PGE A O3  1 
HETATM 1139 O  O6  . 940 E 4 .   ? -16.645 -10.619 -8.472  1.00 49.72 ? 304 940 A O6  1 
HETATM 1140 S  S   . 940 E 4 .   ? -18.053 -11.075 -8.485  1.00 48.90 ? 304 940 A S   1 
HETATM 1141 O  O5  . 940 E 4 .   ? -18.397 -11.577 -9.834  1.00 51.30 ? 304 940 A O5  1 
HETATM 1142 C  C31 . 940 E 4 .   ? -19.050 -9.803  -8.098  1.00 51.57 ? 304 940 A C31 1 
HETATM 1143 N  N2  . 940 E 4 .   ? -18.244 -12.249 -7.414  1.00 41.57 ? 304 940 A N2  1 
HETATM 1144 C  C30 . 940 E 4 .   ? -17.628 -12.175 -6.215  1.00 35.44 ? 304 940 A C30 1 
HETATM 1145 C  C28 . 940 E 4 .   ? -16.358 -12.702 -6.056  1.00 34.39 ? 304 940 A C28 1 
HETATM 1146 C  C29 . 940 E 4 .   ? -15.664 -13.357 -7.220  1.00 27.63 ? 304 940 A C29 1 
HETATM 1147 C  C9  . 940 E 4 .   ? -18.265 -11.572 -5.144  1.00 38.83 ? 304 940 A C9  1 
HETATM 1148 C  C5  . 940 E 4 .   ? -19.630 -11.006 -5.315  1.00 40.73 ? 304 940 A C5  1 
HETATM 1149 C  C4  . 940 E 4 .   ? -19.796 -9.640  -5.514  1.00 41.08 ? 304 940 A C4  1 
HETATM 1150 C  C3  . 940 E 4 .   ? -21.072 -9.114  -5.674  1.00 46.66 ? 304 940 A C3  1 
HETATM 1151 C  C2  . 940 E 4 .   ? -22.180 -9.952  -5.635  1.00 49.63 ? 304 940 A C2  1 
HETATM 1152 C  C1  . 940 E 4 .   ? -23.563 -9.380  -5.808  1.00 50.47 ? 304 940 A C1  1 
HETATM 1153 C  C7  . 940 E 4 .   ? -22.014 -11.311 -5.437  1.00 51.46 ? 304 940 A C7  1 
HETATM 1154 C  C8  . 940 E 4 .   ? -23.216 -12.218 -5.395  1.00 54.91 ? 304 940 A C8  1 
HETATM 1155 C  C6  . 940 E 4 .   ? -20.740 -11.842 -5.277  1.00 47.05 ? 304 940 A C6  1 
HETATM 1156 C  C10 . 940 E 4 .   ? -17.633 -11.497 -3.916  1.00 32.67 ? 304 940 A C10 1 
HETATM 1157 C  C11 . 940 E 4 .   ? -18.328 -10.840 -2.751  1.00 26.64 ? 304 940 A C11 1 
HETATM 1158 C  C12 . 940 E 4 .   ? -16.364 -12.023 -3.757  1.00 31.46 ? 304 940 A C12 1 
HETATM 1159 C  C21 . 940 E 4 .   ? -15.726 -12.626 -4.827  1.00 28.29 ? 304 940 A C21 1 
HETATM 1160 C  C22 . 940 E 4 .   ? -14.368 -13.189 -4.657  1.00 28.29 ? 304 940 A C22 1 
HETATM 1161 O  O2  . 940 E 4 .   ? -13.570 -12.857 -5.792  1.00 29.16 ? 304 940 A O2  1 
HETATM 1162 C  C23 . 940 E 4 .   ? -12.746 -11.720 -5.545  1.00 25.08 ? 304 940 A C23 1 
HETATM 1163 C  C26 . 940 E 4 .   ? -12.122 -11.866 -4.162  1.00 26.00 ? 304 940 A C26 1 
HETATM 1164 C  C25 . 940 E 4 .   ? -11.657 -11.660 -6.606  1.00 24.71 ? 304 940 A C25 1 
HETATM 1165 C  C24 . 940 E 4 .   ? -13.610 -10.466 -5.598  1.00 25.15 ? 304 940 A C24 1 
HETATM 1166 C  C27 . 940 E 4 .   ? -14.457 -14.681 -4.528  1.00 33.59 ? 304 940 A C27 1 
HETATM 1167 O  O4  . 940 E 4 .   ? -15.476 -15.174 -3.998  1.00 33.20 ? 304 940 A O4  1 
HETATM 1168 O  O3  . 940 E 4 .   ? -13.509 -15.374 -4.957  1.00 28.59 ? 304 940 A O3  1 
HETATM 1169 C  C13 . 940 E 4 .   ? -15.685 -11.943 -2.437  1.00 25.28 ? 304 940 A C13 1 
HETATM 1170 C  C20 . 940 E 4 .   ? -14.994 -10.791 -2.079  1.00 26.26 ? 304 940 A C20 1 
HETATM 1171 C  C19 . 940 E 4 .   ? -14.360 -10.718 -0.845  1.00 26.94 ? 304 940 A C19 1 
HETATM 1172 C  C16 . 940 E 4 .   ? -14.416 -11.796 0.032   1.00 29.29 ? 304 940 A C16 1 
HETATM 1173 C  C15 . 940 E 4 .   ? -15.104 -12.943 -0.325  1.00 28.61 ? 304 940 A C15 1 
HETATM 1174 C  C14 . 940 E 4 .   ? -15.739 -13.018 -1.559  1.00 31.22 ? 304 940 A C14 1 
HETATM 1175 O  O1  . 940 E 4 .   ? -13.789 -11.717 1.247   1.00 29.61 ? 304 940 A O1  1 
HETATM 1176 C  C17 . 940 E 4 .   ? -13.498 -12.906 1.980   1.00 30.61 ? 304 940 A C17 1 
HETATM 1177 C  C18 . 940 E 4 .   ? -14.683 -13.858 1.886   1.00 32.85 ? 304 940 A C18 1 
HETATM 1178 N  N1  . 940 E 4 .   ? -15.161 -13.992 0.524   1.00 34.25 ? 304 940 A N1  1 
HETATM 1179 O  O   . HOH F 5 .   ? 1.876   -8.984  -17.012 1.00 49.68 ? 401 HOH A O   1 
HETATM 1180 O  O   . HOH F 5 .   ? 4.670   -0.872  -19.356 1.00 50.01 ? 402 HOH A O   1 
HETATM 1181 O  O   . HOH F 5 .   ? 7.683   -12.042 -19.779 1.00 40.99 ? 403 HOH A O   1 
HETATM 1182 O  O   . HOH F 5 .   ? 1.750   -6.833  -2.601  1.00 38.05 ? 404 HOH A O   1 
HETATM 1183 O  O   . HOH F 5 .   ? 4.074   -5.100  -16.153 1.00 30.58 ? 405 HOH A O   1 
HETATM 1184 O  O   . HOH F 5 .   ? -4.322  -16.753 -3.945  1.00 33.36 ? 406 HOH A O   1 
HETATM 1185 O  O   . HOH F 5 .   ? 13.028  3.050   4.009   1.00 31.78 ? 407 HOH A O   1 
HETATM 1186 O  O   . HOH F 5 .   ? -5.469  -7.600  -6.802  1.00 32.10 ? 408 HOH A O   1 
HETATM 1187 O  O   . HOH F 5 .   ? -15.793 4.877   0.532   1.00 35.97 ? 409 HOH A O   1 
HETATM 1188 O  O   . HOH F 5 .   ? -3.276  8.005   -6.295  1.00 51.08 ? 410 HOH A O   1 
HETATM 1189 O  O   . HOH F 5 .   ? 0.162   3.145   10.469  1.00 36.18 ? 411 HOH A O   1 
HETATM 1190 O  O   . HOH F 5 .   ? -3.644  -8.838  -9.883  1.00 45.03 ? 412 HOH A O   1 
HETATM 1191 O  O   . HOH F 5 .   ? -4.258  -13.200 3.426   1.00 23.72 ? 413 HOH A O   1 
HETATM 1192 O  O   . HOH F 5 .   ? -5.267  -8.049  9.691   1.00 25.61 ? 414 HOH A O   1 
HETATM 1193 O  O   . HOH F 5 .   ? -2.818  -8.367  -5.736  1.00 39.67 ? 415 HOH A O   1 
HETATM 1194 O  O   . HOH F 5 .   ? -7.598  -7.255  9.144   1.00 26.64 ? 416 HOH A O   1 
HETATM 1195 O  O   . HOH F 5 .   ? -6.813  5.778   -5.773  1.00 32.48 ? 417 HOH A O   1 
HETATM 1196 O  O   . HOH F 5 .   ? -17.613 -3.658  4.921   1.00 45.71 ? 418 HOH A O   1 
HETATM 1197 O  O   . HOH F 5 .   ? 3.780   0.709   18.509  1.00 52.07 ? 419 HOH A O   1 
HETATM 1198 O  O   . HOH F 5 .   ? -18.521 -14.870 -4.151  1.00 41.88 ? 420 HOH A O   1 
HETATM 1199 O  O   . HOH F 5 .   ? -13.018 6.576   -9.353  1.00 55.05 ? 421 HOH A O   1 
HETATM 1200 O  O   . HOH F 5 .   ? 11.645  -5.707  7.549   1.00 47.91 ? 422 HOH A O   1 
HETATM 1201 O  O   . HOH F 5 .   ? -1.388  -7.453  -0.929  1.00 46.79 ? 423 HOH A O   1 
HETATM 1202 O  O   . HOH F 5 .   ? -20.718 -3.812  -6.775  1.00 43.53 ? 424 HOH A O   1 
HETATM 1203 O  O   . HOH F 5 .   ? -18.455 -5.212  -6.903  1.00 52.90 ? 425 HOH A O   1 
HETATM 1204 O  O   . HOH F 5 .   ? 18.340  9.413   -4.344  1.00 54.15 ? 426 HOH A O   1 
HETATM 1205 O  O   . HOH F 5 .   ? 1.477   -5.917  -15.775 1.00 50.38 ? 427 HOH A O   1 
# 
